data_2O2C
#
_entry.id   2O2C
#
_cell.length_a   125.837
_cell.length_b   221.253
_cell.length_c   128.087
_cell.angle_alpha   90.000
_cell.angle_beta   90.000
_cell.angle_gamma   90.000
#
_symmetry.space_group_name_H-M   'C 2 2 21'
#
loop_
_entity.id
_entity.type
_entity.pdbx_description
1 polymer 'Glucose-6-phosphate isomerase, glycosomal'
2 non-polymer GLUCOSE-6-PHOSPHATE
3 non-polymer GLYCEROL
4 water water
#
_entity_poly.entity_id   1
_entity_poly.type   'polypeptide(L)'
_entity_poly.pdbx_seq_one_letter_code
;MSSYLDDLRIDLAASPASGGSASIAVGSFNIPYEVTRRLKGVGADADTTLTSCASWTQLQKLYEQYGDEPIKKHFETDSE
RGQRYSVKVSLGSKDENFLFLDYSKSHINDEIKCALLRLAEERGIRQFVQSVFRGERVNTTENRPVLHIALRNRSNRPIY
VDGKDVMPAVNKVLDQMRSFSEKVRTGEWKGHTGKAIRHVVNIGIGGSDLGPVMATEALKPFSQRDLSLHFVSNVDGTHI
AEVLKSIDIEATLFIVASKTFTTQETITNALSARRALLDYLRSRGIDEKGSVAKHFVALSTNNQKVKEFGIDEENMFQFW
DWVGGRYSMWSAIGLPIMISIGYENFVELLTGAHVIDEHFANAPPEQNVPLLLALVGVWYINFFGAVTHAILPYDQYLWR
LPAYLQQLDMESNGKYVTRSGKTVSTLTGPIIFGEAGTNGQHAFYQLIHQGTNLIPCDFIGAIQSQNKIGDHHKIFMSNF
FAQTEALMIGKSPSEVRRELEAAGERSAEKINALLPHKTFIGGRPSNTLLIKSLTPRALGAIIAMYEHKVLVQGAIWGID
SYDQWGVELGKVLAKSILPQLRPGMRVNNHDSSTNGLINMFNELSHLHHHHHH
;
_entity_poly.pdbx_strand_id   A,B,C
#
# COMPACT_ATOMS: atom_id res chain seq x y z
N GLY A 43 -7.50 -13.06 38.70
CA GLY A 43 -7.30 -12.94 37.23
C GLY A 43 -7.18 -11.50 36.76
N ALA A 44 -7.91 -11.18 35.69
CA ALA A 44 -7.92 -9.84 35.10
C ALA A 44 -8.94 -8.90 35.76
N ASP A 45 -9.02 -7.67 35.25
CA ASP A 45 -9.94 -6.65 35.77
C ASP A 45 -11.40 -6.99 35.43
N ALA A 46 -12.34 -6.51 36.24
CA ALA A 46 -13.76 -6.77 36.02
C ALA A 46 -14.36 -5.85 34.96
N ASP A 47 -15.21 -6.43 34.11
CA ASP A 47 -15.88 -5.69 33.03
C ASP A 47 -16.96 -4.77 33.59
N THR A 48 -16.92 -3.51 33.15
CA THR A 48 -17.88 -2.50 33.59
C THR A 48 -18.78 -2.01 32.46
N THR A 49 -18.43 -2.36 31.21
CA THR A 49 -19.17 -1.93 30.01
C THR A 49 -20.67 -2.26 29.96
N LEU A 50 -21.04 -3.43 30.48
CA LEU A 50 -22.43 -3.86 30.51
C LEU A 50 -23.22 -3.28 31.70
N THR A 51 -22.72 -3.49 32.92
CA THR A 51 -23.35 -2.98 34.15
C THR A 51 -23.43 -1.43 34.24
N SER A 52 -22.60 -0.70 33.47
CA SER A 52 -22.57 0.79 33.41
C SER A 52 -23.53 1.37 32.36
N CYS A 53 -24.18 0.49 31.60
CA CYS A 53 -25.16 0.90 30.58
C CYS A 53 -26.39 1.45 31.31
N ALA A 54 -26.91 2.57 30.82
CA ALA A 54 -28.09 3.22 31.39
C ALA A 54 -29.31 2.29 31.33
N SER A 55 -29.35 1.49 30.26
CA SER A 55 -30.42 0.53 30.04
C SER A 55 -30.39 -0.64 31.02
N TRP A 56 -29.19 -1.01 31.46
CA TRP A 56 -29.00 -2.11 32.42
C TRP A 56 -29.47 -1.66 33.81
N THR A 57 -29.13 -0.42 34.16
CA THR A 57 -29.50 0.20 35.43
C THR A 57 -31.02 0.33 35.51
N GLN A 58 -31.64 0.67 34.37
CA GLN A 58 -33.08 0.81 34.27
C GLN A 58 -33.78 -0.54 34.40
N LEU A 59 -33.19 -1.58 33.80
CA LEU A 59 -33.75 -2.93 33.88
C LEU A 59 -33.71 -3.48 35.30
N GLN A 60 -32.68 -3.11 36.05
CA GLN A 60 -32.53 -3.53 37.46
C GLN A 60 -33.60 -2.85 38.31
N LYS A 61 -33.88 -1.59 37.97
CA LYS A 61 -34.90 -0.77 38.62
C LYS A 61 -36.29 -1.33 38.33
N LEU A 62 -36.52 -1.73 37.07
CA LEU A 62 -37.79 -2.31 36.64
C LEU A 62 -38.05 -3.69 37.23
N TYR A 63 -36.98 -4.42 37.53
CA TYR A 63 -37.07 -5.75 38.15
C TYR A 63 -37.55 -5.61 39.60
N GLU A 64 -36.95 -4.65 40.31
CA GLU A 64 -37.30 -4.36 41.70
C GLU A 64 -38.75 -3.92 41.83
N GLN A 65 -39.23 -3.21 40.80
CA GLN A 65 -40.59 -2.69 40.75
C GLN A 65 -41.67 -3.69 40.33
N TYR A 66 -41.43 -4.39 39.21
CA TYR A 66 -42.42 -5.32 38.64
C TYR A 66 -42.13 -6.82 38.69
N GLY A 67 -40.98 -7.21 39.21
CA GLY A 67 -40.60 -8.62 39.30
C GLY A 67 -41.50 -9.55 40.12
N ASP A 68 -42.14 -8.99 41.15
CA ASP A 68 -43.05 -9.75 42.03
C ASP A 68 -44.49 -9.81 41.52
N GLU A 69 -44.79 -9.07 40.45
CA GLU A 69 -46.14 -9.07 39.87
C GLU A 69 -46.33 -10.38 39.11
N PRO A 70 -47.40 -11.15 39.43
CA PRO A 70 -47.64 -12.42 38.74
C PRO A 70 -47.94 -12.25 37.25
N ILE A 71 -47.58 -13.26 36.45
CA ILE A 71 -47.80 -13.20 35.01
C ILE A 71 -49.26 -12.97 34.62
N LYS A 72 -50.18 -13.58 35.39
CA LYS A 72 -51.61 -13.45 35.14
C LYS A 72 -52.14 -12.02 35.24
N LYS A 73 -51.45 -11.18 36.03
CA LYS A 73 -51.82 -9.77 36.21
C LYS A 73 -51.71 -9.00 34.89
N HIS A 74 -50.68 -9.35 34.09
CA HIS A 74 -50.45 -8.70 32.80
C HIS A 74 -51.54 -9.06 31.78
N PHE A 75 -52.11 -10.26 31.93
CA PHE A 75 -53.19 -10.73 31.07
C PHE A 75 -54.52 -10.10 31.46
N GLU A 76 -54.66 -9.81 32.76
CA GLU A 76 -55.86 -9.19 33.31
C GLU A 76 -55.94 -7.70 32.98
N THR A 77 -54.79 -7.04 32.83
CA THR A 77 -54.73 -5.61 32.51
C THR A 77 -54.64 -5.30 31.02
N ASP A 78 -54.30 -6.32 30.22
CA ASP A 78 -54.18 -6.19 28.77
C ASP A 78 -54.88 -7.40 28.12
N SER A 79 -56.09 -7.14 27.60
CA SER A 79 -56.91 -8.18 26.96
C SER A 79 -56.39 -8.67 25.61
N GLU A 80 -55.47 -7.92 25.02
CA GLU A 80 -54.87 -8.27 23.73
C GLU A 80 -53.41 -8.73 23.87
N ARG A 81 -53.01 -9.10 25.10
CA ARG A 81 -51.62 -9.53 25.36
C ARG A 81 -51.10 -10.66 24.49
N GLY A 82 -51.94 -11.68 24.26
CA GLY A 82 -51.57 -12.82 23.43
C GLY A 82 -51.11 -12.42 22.04
N GLN A 83 -51.81 -11.46 21.43
CA GLN A 83 -51.48 -10.96 20.09
C GLN A 83 -50.33 -9.96 20.08
N ARG A 84 -50.28 -9.08 21.08
CA ARG A 84 -49.23 -8.07 21.19
C ARG A 84 -47.86 -8.63 21.54
N TYR A 85 -47.86 -9.76 22.25
CA TYR A 85 -46.63 -10.43 22.67
C TYR A 85 -46.40 -11.74 21.92
N SER A 86 -46.61 -11.68 20.61
CA SER A 86 -46.41 -12.81 19.73
C SER A 86 -46.11 -12.34 18.30
N VAL A 87 -45.29 -13.12 17.59
CA VAL A 87 -44.89 -12.81 16.21
C VAL A 87 -44.95 -14.07 15.34
N LYS A 88 -45.52 -13.93 14.15
CA LYS A 88 -45.61 -15.04 13.18
C LYS A 88 -44.68 -14.71 12.01
N VAL A 89 -43.74 -15.62 11.73
CA VAL A 89 -42.80 -15.46 10.62
C VAL A 89 -43.10 -16.53 9.58
N SER A 90 -43.46 -16.09 8.38
CA SER A 90 -43.75 -17.00 7.26
C SER A 90 -42.44 -17.62 6.77
N LEU A 91 -42.50 -18.91 6.41
CA LEU A 91 -41.32 -19.60 5.90
C LEU A 91 -41.14 -19.48 4.38
N GLY A 92 -42.12 -18.85 3.73
CA GLY A 92 -42.07 -18.64 2.29
C GLY A 92 -42.33 -19.81 1.37
N SER A 93 -42.85 -20.90 1.93
CA SER A 93 -43.16 -22.11 1.16
C SER A 93 -44.64 -22.18 0.77
N LYS A 94 -44.94 -22.97 -0.26
CA LYS A 94 -46.29 -23.14 -0.79
C LYS A 94 -47.30 -23.73 0.20
N ASP A 95 -46.81 -24.51 1.18
CA ASP A 95 -47.66 -25.13 2.19
C ASP A 95 -48.09 -24.13 3.29
N GLU A 96 -47.63 -22.89 3.15
CA GLU A 96 -47.90 -21.76 4.05
C GLU A 96 -47.44 -22.00 5.49
N ASN A 97 -46.28 -22.68 5.61
CA ASN A 97 -45.67 -23.00 6.89
C ASN A 97 -45.13 -21.73 7.53
N PHE A 98 -45.03 -21.74 8.86
CA PHE A 98 -44.57 -20.59 9.62
C PHE A 98 -43.90 -21.00 10.92
N LEU A 99 -43.32 -20.02 11.60
CA LEU A 99 -42.69 -20.17 12.90
C LEU A 99 -43.36 -19.07 13.73
N PHE A 100 -44.17 -19.47 14.69
CA PHE A 100 -44.91 -18.55 15.57
C PHE A 100 -44.35 -18.59 16.98
N LEU A 101 -43.89 -17.44 17.46
CA LEU A 101 -43.35 -17.33 18.82
C LEU A 101 -44.34 -16.55 19.68
N ASP A 102 -44.74 -17.18 20.79
CA ASP A 102 -45.63 -16.55 21.77
C ASP A 102 -44.78 -16.46 23.03
N TYR A 103 -44.38 -15.24 23.39
CA TYR A 103 -43.57 -15.01 24.58
C TYR A 103 -44.36 -14.25 25.65
N SER A 104 -45.69 -14.31 25.55
CA SER A 104 -46.61 -13.63 26.48
C SER A 104 -46.67 -14.15 27.90
N LYS A 105 -46.37 -15.44 28.09
CA LYS A 105 -46.40 -16.03 29.42
C LYS A 105 -45.04 -15.76 30.08
N SER A 106 -44.86 -14.48 30.43
CA SER A 106 -43.62 -13.97 31.03
C SER A 106 -43.90 -12.78 31.95
N HIS A 107 -42.93 -12.48 32.83
CA HIS A 107 -43.03 -11.36 33.78
C HIS A 107 -42.52 -10.10 33.08
N ILE A 108 -43.14 -9.78 31.95
CA ILE A 108 -42.75 -8.65 31.11
C ILE A 108 -43.94 -7.78 30.73
N ASN A 109 -43.91 -6.52 31.15
CA ASN A 109 -44.94 -5.56 30.78
C ASN A 109 -44.34 -4.67 29.67
N ASP A 110 -45.10 -3.70 29.16
CA ASP A 110 -44.61 -2.82 28.09
C ASP A 110 -43.34 -2.02 28.43
N GLU A 111 -43.21 -1.62 29.70
CA GLU A 111 -42.04 -0.87 30.18
C GLU A 111 -40.78 -1.71 30.16
N ILE A 112 -40.91 -2.99 30.53
CA ILE A 112 -39.79 -3.93 30.54
C ILE A 112 -39.41 -4.30 29.11
N LYS A 113 -40.41 -4.55 28.26
CA LYS A 113 -40.19 -4.90 26.85
C LYS A 113 -39.43 -3.78 26.14
N CYS A 114 -39.82 -2.54 26.41
CA CYS A 114 -39.18 -1.35 25.83
C CYS A 114 -37.74 -1.21 26.32
N ALA A 115 -37.53 -1.46 27.62
CA ALA A 115 -36.21 -1.37 28.24
C ALA A 115 -35.24 -2.45 27.75
N LEU A 116 -35.77 -3.63 27.45
CA LEU A 116 -34.96 -4.74 26.93
C LEU A 116 -34.53 -4.42 25.50
N LEU A 117 -35.43 -3.80 24.73
CA LEU A 117 -35.15 -3.39 23.35
C LEU A 117 -34.12 -2.26 23.32
N ARG A 118 -34.16 -1.39 24.34
CA ARG A 118 -33.21 -0.29 24.45
C ARG A 118 -31.81 -0.82 24.81
N LEU A 119 -31.77 -1.95 25.53
CA LEU A 119 -30.51 -2.60 25.90
C LEU A 119 -29.84 -3.13 24.64
N ALA A 120 -30.66 -3.69 23.75
CA ALA A 120 -30.20 -4.22 22.47
C ALA A 120 -29.61 -3.11 21.59
N GLU A 121 -30.23 -1.93 21.64
CA GLU A 121 -29.75 -0.76 20.88
C GLU A 121 -28.44 -0.22 21.45
N GLU A 122 -28.37 -0.12 22.78
CA GLU A 122 -27.18 0.38 23.50
C GLU A 122 -25.95 -0.50 23.36
N ARG A 123 -26.16 -1.82 23.30
CA ARG A 123 -25.07 -2.79 23.15
C ARG A 123 -24.68 -3.01 21.69
N GLY A 124 -25.36 -2.31 20.79
CA GLY A 124 -25.09 -2.37 19.36
C GLY A 124 -25.31 -3.71 18.67
N ILE A 125 -26.44 -4.36 18.97
CA ILE A 125 -26.79 -5.66 18.38
C ILE A 125 -26.97 -5.59 16.86
N ARG A 126 -27.64 -4.55 16.37
CA ARG A 126 -27.89 -4.37 14.94
C ARG A 126 -26.58 -4.34 14.14
N GLN A 127 -25.61 -3.58 14.64
CA GLN A 127 -24.29 -3.43 14.02
C GLN A 127 -23.45 -4.70 14.15
N PHE A 128 -23.60 -5.41 15.26
CA PHE A 128 -22.87 -6.66 15.52
C PHE A 128 -23.34 -7.75 14.56
N VAL A 129 -24.66 -7.80 14.32
CA VAL A 129 -25.28 -8.78 13.40
C VAL A 129 -24.79 -8.54 11.98
N GLN A 130 -24.71 -7.27 11.58
CA GLN A 130 -24.23 -6.91 10.25
C GLN A 130 -22.76 -7.31 10.09
N SER A 131 -21.99 -7.17 11.17
CA SER A 131 -20.58 -7.55 11.20
C SER A 131 -20.40 -9.06 11.03
N VAL A 132 -21.28 -9.84 11.66
CA VAL A 132 -21.24 -11.30 11.60
C VAL A 132 -21.57 -11.76 10.17
N PHE A 133 -22.68 -11.24 9.64
CA PHE A 133 -23.16 -11.58 8.28
C PHE A 133 -22.26 -11.17 7.11
N ARG A 134 -21.50 -10.09 7.31
CA ARG A 134 -20.58 -9.58 6.28
C ARG A 134 -19.18 -10.18 6.31
N GLY A 135 -18.92 -11.04 7.30
CA GLY A 135 -17.64 -11.73 7.39
C GLY A 135 -16.56 -11.12 8.27
N GLU A 136 -16.92 -10.14 9.10
CA GLU A 136 -15.93 -9.54 10.01
C GLU A 136 -15.47 -10.58 11.02
N ARG A 137 -14.22 -10.44 11.47
CA ARG A 137 -13.62 -11.36 12.43
C ARG A 137 -14.09 -11.07 13.86
N VAL A 138 -15.34 -11.46 14.11
CA VAL A 138 -16.02 -11.26 15.40
C VAL A 138 -15.54 -12.27 16.46
N ASN A 139 -15.01 -13.40 15.98
CA ASN A 139 -14.43 -14.42 16.86
C ASN A 139 -13.01 -13.89 17.09
N THR A 140 -12.93 -12.91 17.99
CA THR A 140 -11.71 -12.18 18.33
C THR A 140 -10.56 -12.97 18.95
N THR A 141 -10.87 -13.99 19.74
CA THR A 141 -9.81 -14.77 20.39
C THR A 141 -9.05 -15.68 19.41
N GLU A 142 -9.67 -15.95 18.27
CA GLU A 142 -9.11 -16.80 17.23
C GLU A 142 -8.93 -16.03 15.92
N ASN A 143 -9.33 -14.75 15.94
CA ASN A 143 -9.25 -13.83 14.79
C ASN A 143 -9.82 -14.46 13.52
N ARG A 144 -11.05 -14.96 13.63
CA ARG A 144 -11.71 -15.64 12.52
C ARG A 144 -13.14 -15.20 12.28
N PRO A 145 -13.63 -15.27 11.01
CA PRO A 145 -15.02 -14.88 10.73
C PRO A 145 -15.96 -15.96 11.29
N VAL A 146 -17.25 -15.65 11.35
CA VAL A 146 -18.27 -16.57 11.84
C VAL A 146 -19.32 -16.54 10.75
N LEU A 147 -19.18 -17.49 9.82
CA LEU A 147 -20.06 -17.52 8.67
C LEU A 147 -20.88 -18.76 8.39
N HIS A 148 -21.57 -19.28 9.39
CA HIS A 148 -22.44 -20.43 9.17
C HIS A 148 -23.64 -20.01 8.30
N ILE A 149 -23.93 -18.70 8.29
CA ILE A 149 -25.02 -18.16 7.48
C ILE A 149 -24.71 -18.25 5.98
N ALA A 150 -23.41 -18.31 5.64
CA ALA A 150 -22.96 -18.41 4.26
C ALA A 150 -23.26 -19.79 3.67
N LEU A 151 -23.29 -20.80 4.54
CA LEU A 151 -23.55 -22.18 4.14
C LEU A 151 -24.95 -22.39 3.58
N ARG A 152 -25.87 -21.54 4.02
CA ARG A 152 -27.26 -21.60 3.61
C ARG A 152 -27.73 -20.34 2.88
N ASN A 153 -26.78 -19.56 2.38
CA ASN A 153 -27.08 -18.32 1.66
C ASN A 153 -27.60 -18.63 0.24
N ARG A 154 -28.90 -18.92 0.15
CA ARG A 154 -29.56 -19.28 -1.10
C ARG A 154 -29.64 -18.15 -2.13
N SER A 155 -29.54 -16.90 -1.66
CA SER A 155 -29.59 -15.72 -2.53
C SER A 155 -28.28 -15.56 -3.32
N ASN A 156 -27.23 -16.22 -2.82
CA ASN A 156 -25.87 -16.20 -3.39
C ASN A 156 -25.24 -14.81 -3.40
N ARG A 157 -25.70 -13.99 -2.44
CA ARG A 157 -25.21 -12.63 -2.21
C ARG A 157 -23.75 -12.81 -1.81
N PRO A 158 -22.81 -12.13 -2.51
CA PRO A 158 -21.39 -12.27 -2.18
C PRO A 158 -21.00 -11.93 -0.74
N ILE A 159 -20.28 -12.86 -0.13
CA ILE A 159 -19.77 -12.73 1.24
C ILE A 159 -18.27 -12.97 1.12
N TYR A 160 -17.48 -11.99 1.53
CA TYR A 160 -16.04 -12.05 1.40
C TYR A 160 -15.18 -12.38 2.60
N VAL A 161 -14.20 -13.27 2.38
CA VAL A 161 -13.21 -13.68 3.37
C VAL A 161 -11.89 -13.58 2.59
N ASP A 162 -10.97 -12.76 3.11
CA ASP A 162 -9.64 -12.49 2.51
C ASP A 162 -9.78 -11.94 1.06
N GLY A 163 -10.86 -11.17 0.85
CA GLY A 163 -11.14 -10.57 -0.45
C GLY A 163 -11.75 -11.47 -1.52
N LYS A 164 -12.06 -12.71 -1.15
CA LYS A 164 -12.64 -13.70 -2.06
C LYS A 164 -14.04 -14.10 -1.63
N ASP A 165 -14.98 -14.12 -2.58
CA ASP A 165 -16.37 -14.53 -2.33
C ASP A 165 -16.34 -16.03 -2.00
N VAL A 166 -16.92 -16.39 -0.85
CA VAL A 166 -16.96 -17.77 -0.40
C VAL A 166 -18.07 -18.62 -0.99
N MET A 167 -19.04 -17.95 -1.62
CA MET A 167 -20.19 -18.65 -2.21
C MET A 167 -19.90 -19.72 -3.26
N PRO A 168 -18.93 -19.48 -4.20
CA PRO A 168 -18.66 -20.54 -5.19
C PRO A 168 -18.13 -21.82 -4.53
N ALA A 169 -17.34 -21.66 -3.46
CA ALA A 169 -16.77 -22.78 -2.72
C ALA A 169 -17.83 -23.53 -1.93
N VAL A 170 -18.78 -22.79 -1.35
CA VAL A 170 -19.91 -23.34 -0.59
C VAL A 170 -20.79 -24.18 -1.52
N ASN A 171 -21.10 -23.61 -2.67
CA ASN A 171 -21.94 -24.25 -3.67
C ASN A 171 -21.27 -25.44 -4.37
N LYS A 172 -19.94 -25.41 -4.45
CA LYS A 172 -19.15 -26.50 -5.06
C LYS A 172 -19.27 -27.76 -4.19
N VAL A 173 -19.17 -27.58 -2.88
CA VAL A 173 -19.29 -28.70 -1.92
C VAL A 173 -20.72 -29.22 -1.89
N LEU A 174 -21.71 -28.31 -1.97
CA LEU A 174 -23.12 -28.72 -1.99
C LEU A 174 -23.42 -29.58 -3.23
N ASP A 175 -22.77 -29.26 -4.35
CA ASP A 175 -22.93 -30.00 -5.60
C ASP A 175 -22.22 -31.36 -5.49
N GLN A 176 -21.07 -31.38 -4.82
CA GLN A 176 -20.29 -32.62 -4.62
C GLN A 176 -21.10 -33.56 -3.72
N MET A 177 -21.77 -32.99 -2.72
CA MET A 177 -22.63 -33.73 -1.78
C MET A 177 -23.84 -34.30 -2.51
N ARG A 178 -24.41 -33.51 -3.44
CA ARG A 178 -25.56 -33.91 -4.25
C ARG A 178 -25.21 -35.14 -5.10
N SER A 179 -24.11 -35.05 -5.84
CA SER A 179 -23.63 -36.11 -6.71
C SER A 179 -23.35 -37.42 -5.96
N PHE A 180 -22.63 -37.32 -4.84
CA PHE A 180 -22.28 -38.48 -4.03
C PHE A 180 -23.49 -39.11 -3.34
N SER A 181 -24.33 -38.27 -2.71
CA SER A 181 -25.53 -38.75 -2.02
C SER A 181 -26.48 -39.48 -2.97
N GLU A 182 -26.55 -39.01 -4.22
CA GLU A 182 -27.39 -39.64 -5.23
C GLU A 182 -26.87 -41.02 -5.61
N LYS A 183 -25.54 -41.17 -5.66
CA LYS A 183 -24.89 -42.45 -5.98
C LYS A 183 -25.15 -43.48 -4.89
N VAL A 184 -25.16 -43.03 -3.64
CA VAL A 184 -25.42 -43.90 -2.49
C VAL A 184 -26.88 -44.32 -2.45
N ARG A 185 -27.79 -43.36 -2.62
CA ARG A 185 -29.24 -43.57 -2.60
C ARG A 185 -29.82 -44.44 -3.71
N THR A 186 -29.27 -44.30 -4.92
CA THR A 186 -29.74 -45.07 -6.07
C THR A 186 -29.14 -46.48 -6.15
N GLY A 187 -28.10 -46.72 -5.36
CA GLY A 187 -27.44 -48.00 -5.33
C GLY A 187 -26.27 -48.12 -6.30
N GLU A 188 -25.88 -46.99 -6.90
CA GLU A 188 -24.77 -46.93 -7.86
C GLU A 188 -23.42 -47.13 -7.16
N TRP A 189 -23.28 -46.56 -5.95
CA TRP A 189 -22.04 -46.69 -5.18
C TRP A 189 -21.98 -48.09 -4.58
N LYS A 190 -20.96 -48.83 -4.96
CA LYS A 190 -20.77 -50.20 -4.51
C LYS A 190 -19.66 -50.39 -3.50
N GLY A 191 -19.83 -51.42 -2.67
CA GLY A 191 -18.83 -51.79 -1.67
C GLY A 191 -17.76 -52.61 -2.38
N HIS A 192 -16.79 -53.13 -1.63
CA HIS A 192 -15.68 -53.91 -2.20
C HIS A 192 -16.08 -55.21 -2.90
N THR A 193 -17.16 -55.84 -2.44
CA THR A 193 -17.65 -57.09 -3.01
C THR A 193 -18.80 -56.88 -4.01
N GLY A 194 -19.05 -55.62 -4.37
CA GLY A 194 -20.07 -55.28 -5.34
C GLY A 194 -21.49 -55.00 -4.85
N LYS A 195 -21.68 -54.96 -3.53
CA LYS A 195 -23.00 -54.71 -2.95
C LYS A 195 -23.35 -53.23 -2.84
N ALA A 196 -24.64 -52.93 -2.99
CA ALA A 196 -25.15 -51.56 -2.86
C ALA A 196 -25.12 -51.21 -1.37
N ILE A 197 -25.02 -49.92 -1.06
CA ILE A 197 -24.96 -49.47 0.34
C ILE A 197 -26.31 -49.56 1.05
N ARG A 198 -26.31 -50.23 2.19
CA ARG A 198 -27.51 -50.41 3.02
C ARG A 198 -27.34 -49.75 4.38
N HIS A 199 -26.10 -49.56 4.82
CA HIS A 199 -25.77 -48.96 6.11
C HIS A 199 -24.83 -47.78 5.98
N VAL A 200 -25.18 -46.67 6.62
CA VAL A 200 -24.35 -45.46 6.61
C VAL A 200 -23.95 -45.19 8.06
N VAL A 201 -22.66 -45.28 8.34
CA VAL A 201 -22.12 -45.07 9.68
C VAL A 201 -21.32 -43.78 9.78
N ASN A 202 -21.84 -42.82 10.55
CA ASN A 202 -21.14 -41.55 10.77
C ASN A 202 -20.26 -41.73 11.99
N ILE A 203 -18.99 -41.33 11.84
CA ILE A 203 -18.00 -41.42 12.91
C ILE A 203 -17.56 -39.98 13.20
N GLY A 204 -17.95 -39.47 14.36
CA GLY A 204 -17.61 -38.12 14.74
C GLY A 204 -18.15 -37.83 16.13
N ILE A 205 -17.68 -36.77 16.76
CA ILE A 205 -18.13 -36.42 18.11
C ILE A 205 -18.45 -34.92 18.21
N GLY A 206 -19.35 -34.57 19.13
CA GLY A 206 -19.75 -33.18 19.34
C GLY A 206 -20.42 -32.54 18.14
N GLY A 207 -19.77 -31.51 17.59
CA GLY A 207 -20.31 -30.82 16.43
C GLY A 207 -20.35 -31.66 15.17
N SER A 208 -19.58 -32.74 15.17
CA SER A 208 -19.52 -33.67 14.04
C SER A 208 -20.41 -34.90 14.30
N ASP A 209 -21.33 -34.79 15.27
CA ASP A 209 -22.24 -35.87 15.65
C ASP A 209 -23.66 -35.40 15.96
N LEU A 210 -23.79 -34.47 16.91
CA LEU A 210 -25.10 -34.01 17.36
C LEU A 210 -26.07 -33.46 16.31
N GLY A 211 -25.56 -32.71 15.34
CA GLY A 211 -26.37 -32.17 14.25
C GLY A 211 -26.91 -33.31 13.40
N PRO A 212 -26.01 -34.17 12.87
CA PRO A 212 -26.41 -35.33 12.05
C PRO A 212 -27.42 -36.23 12.76
N VAL A 213 -27.24 -36.44 14.07
CA VAL A 213 -28.16 -37.27 14.87
C VAL A 213 -29.53 -36.58 14.97
N MET A 214 -29.52 -35.34 15.47
CA MET A 214 -30.74 -34.56 15.65
C MET A 214 -31.58 -34.41 14.39
N ALA A 215 -30.92 -34.04 13.29
CA ALA A 215 -31.60 -33.82 12.01
C ALA A 215 -32.13 -35.07 11.33
N THR A 216 -31.38 -36.17 11.37
CA THR A 216 -31.85 -37.42 10.75
C THR A 216 -33.01 -38.01 11.55
N GLU A 217 -33.02 -37.77 12.86
CA GLU A 217 -34.11 -38.22 13.73
C GLU A 217 -35.33 -37.34 13.51
N ALA A 218 -35.10 -36.01 13.43
CA ALA A 218 -36.16 -35.03 13.23
C ALA A 218 -36.89 -35.14 11.91
N LEU A 219 -36.13 -35.51 10.87
CA LEU A 219 -36.66 -35.60 9.52
C LEU A 219 -36.80 -37.01 8.97
N LYS A 220 -37.05 -37.96 9.87
CA LYS A 220 -37.24 -39.37 9.50
C LYS A 220 -38.39 -39.66 8.49
N PRO A 221 -39.52 -38.88 8.52
CA PRO A 221 -40.58 -39.16 7.52
C PRO A 221 -40.18 -38.82 6.09
N PHE A 222 -39.13 -38.00 5.97
CA PHE A 222 -38.63 -37.54 4.66
C PHE A 222 -37.39 -38.32 4.23
N SER A 223 -37.11 -39.41 4.95
CA SER A 223 -35.95 -40.25 4.68
C SER A 223 -36.20 -41.45 3.77
N GLN A 224 -35.10 -42.00 3.24
CA GLN A 224 -35.13 -43.19 2.41
C GLN A 224 -34.93 -44.32 3.42
N ARG A 225 -36.01 -45.04 3.69
CA ARG A 225 -36.04 -46.13 4.67
C ARG A 225 -35.09 -47.32 4.51
N ASP A 226 -34.64 -47.59 3.28
CA ASP A 226 -33.73 -48.72 3.05
C ASP A 226 -32.25 -48.43 3.40
N LEU A 227 -31.99 -47.21 3.87
CA LEU A 227 -30.65 -46.80 4.29
C LEU A 227 -30.66 -46.60 5.80
N SER A 228 -30.01 -47.53 6.52
CA SER A 228 -29.92 -47.47 7.98
C SER A 228 -28.78 -46.58 8.42
N LEU A 229 -29.10 -45.57 9.23
CA LEU A 229 -28.11 -44.63 9.76
C LEU A 229 -27.63 -45.03 11.14
N HIS A 230 -26.31 -45.07 11.31
CA HIS A 230 -25.67 -45.44 12.58
C HIS A 230 -24.71 -44.34 12.97
N PHE A 231 -24.56 -44.09 14.27
CA PHE A 231 -23.68 -43.04 14.76
C PHE A 231 -22.70 -43.51 15.83
N VAL A 232 -21.42 -43.49 15.46
CA VAL A 232 -20.33 -43.86 16.38
C VAL A 232 -19.69 -42.55 16.80
N SER A 233 -19.72 -42.26 18.10
CA SER A 233 -19.16 -41.02 18.62
C SER A 233 -18.26 -41.19 19.83
N ASN A 234 -18.76 -41.91 20.83
CA ASN A 234 -18.04 -42.16 22.07
C ASN A 234 -16.81 -43.03 21.81
N VAL A 235 -15.71 -42.75 22.51
CA VAL A 235 -14.50 -43.57 22.35
C VAL A 235 -14.65 -44.88 23.12
N ASP A 236 -15.70 -44.98 23.95
CA ASP A 236 -16.02 -46.21 24.69
C ASP A 236 -16.19 -47.26 23.59
N GLY A 237 -15.40 -48.33 23.69
CA GLY A 237 -15.43 -49.44 22.74
C GLY A 237 -16.78 -50.03 22.41
N THR A 238 -17.71 -49.83 23.35
CA THR A 238 -19.09 -50.27 23.23
C THR A 238 -19.80 -49.67 22.02
N HIS A 239 -19.54 -48.38 21.78
CA HIS A 239 -20.20 -47.67 20.66
C HIS A 239 -19.90 -48.27 19.29
N ILE A 240 -18.63 -48.50 18.98
CA ILE A 240 -18.27 -49.09 17.70
C ILE A 240 -18.64 -50.58 17.64
N ALA A 241 -18.55 -51.23 18.79
CA ALA A 241 -18.83 -52.66 18.93
C ALA A 241 -20.28 -53.00 18.60
N GLU A 242 -21.20 -52.20 19.17
CA GLU A 242 -22.63 -52.38 18.97
C GLU A 242 -23.07 -52.07 17.55
N VAL A 243 -22.38 -51.13 16.91
CA VAL A 243 -22.67 -50.77 15.52
C VAL A 243 -22.18 -51.89 14.60
N LEU A 244 -21.01 -52.45 14.90
CA LEU A 244 -20.44 -53.55 14.12
C LEU A 244 -21.31 -54.81 14.17
N LYS A 245 -22.07 -54.96 15.26
CA LYS A 245 -23.00 -56.08 15.47
C LYS A 245 -24.30 -55.88 14.67
N SER A 246 -24.59 -54.63 14.33
CA SER A 246 -25.82 -54.24 13.63
C SER A 246 -25.68 -54.01 12.11
N ILE A 247 -24.49 -54.16 11.57
CA ILE A 247 -24.30 -53.90 10.14
C ILE A 247 -23.71 -55.08 9.37
N ASP A 248 -23.89 -54.94 8.07
CA ASP A 248 -23.33 -55.82 7.03
C ASP A 248 -22.23 -54.98 6.37
N ILE A 249 -21.06 -55.11 6.93
CA ILE A 249 -19.87 -54.31 6.56
C ILE A 249 -19.61 -54.25 5.04
N GLU A 250 -20.07 -55.24 4.30
CA GLU A 250 -19.88 -55.28 2.81
C GLU A 250 -20.73 -54.21 2.14
N ALA A 251 -21.82 -53.85 2.82
CA ALA A 251 -22.79 -52.87 2.34
C ALA A 251 -22.78 -51.62 3.22
N THR A 252 -21.64 -51.34 3.86
CA THR A 252 -21.52 -50.19 4.73
C THR A 252 -20.57 -49.09 4.28
N LEU A 253 -21.06 -47.85 4.35
CA LEU A 253 -20.28 -46.67 4.03
C LEU A 253 -19.97 -46.00 5.37
N PHE A 254 -18.68 -45.79 5.64
CA PHE A 254 -18.24 -45.13 6.86
C PHE A 254 -17.89 -43.69 6.50
N ILE A 255 -18.47 -42.76 7.27
CA ILE A 255 -18.24 -41.34 7.07
C ILE A 255 -17.46 -40.81 8.28
N VAL A 256 -16.21 -40.41 8.06
CA VAL A 256 -15.38 -39.88 9.15
C VAL A 256 -15.53 -38.35 9.16
N ALA A 257 -16.29 -37.86 10.14
CA ALA A 257 -16.58 -36.44 10.31
C ALA A 257 -15.77 -35.84 11.44
N SER A 258 -14.93 -34.85 11.08
CA SER A 258 -14.07 -34.16 12.02
C SER A 258 -13.46 -32.93 11.37
N LYS A 259 -13.67 -31.77 12.00
CA LYS A 259 -13.15 -30.49 11.53
C LYS A 259 -11.63 -30.45 11.45
N THR A 260 -11.01 -30.91 12.53
CA THR A 260 -9.56 -30.93 12.65
C THR A 260 -8.94 -32.21 12.10
N PHE A 261 -9.68 -33.30 12.26
CA PHE A 261 -9.27 -34.65 11.85
C PHE A 261 -8.14 -35.17 12.72
N THR A 262 -8.12 -34.69 13.97
CA THR A 262 -7.10 -35.06 14.95
C THR A 262 -7.73 -35.42 16.31
N THR A 263 -9.04 -35.21 16.43
CA THR A 263 -9.78 -35.51 17.68
C THR A 263 -9.58 -36.99 18.01
N GLN A 264 -9.01 -37.24 19.19
CA GLN A 264 -8.70 -38.59 19.66
C GLN A 264 -9.83 -39.61 19.54
N GLU A 265 -11.03 -39.22 19.95
CA GLU A 265 -12.21 -40.10 19.88
C GLU A 265 -12.52 -40.57 18.46
N THR A 266 -12.59 -39.61 17.54
CA THR A 266 -12.92 -39.85 16.15
C THR A 266 -11.87 -40.66 15.40
N ILE A 267 -10.59 -40.33 15.61
CA ILE A 267 -9.51 -41.06 14.94
C ILE A 267 -9.39 -42.49 15.47
N THR A 268 -9.59 -42.68 16.78
CA THR A 268 -9.53 -44.02 17.40
C THR A 268 -10.67 -44.89 16.84
N ASN A 269 -11.87 -44.31 16.74
CA ASN A 269 -13.03 -45.02 16.21
C ASN A 269 -12.88 -45.31 14.71
N ALA A 270 -12.34 -44.35 13.96
CA ALA A 270 -12.11 -44.48 12.53
C ALA A 270 -11.11 -45.58 12.21
N LEU A 271 -10.06 -45.68 13.04
CA LEU A 271 -9.02 -46.71 12.90
C LEU A 271 -9.57 -48.09 13.21
N SER A 272 -10.51 -48.17 14.15
CA SER A 272 -11.15 -49.44 14.51
C SER A 272 -12.13 -49.88 13.46
N ALA A 273 -12.78 -48.90 12.81
CA ALA A 273 -13.74 -49.16 11.73
C ALA A 273 -12.97 -49.68 10.51
N ARG A 274 -11.77 -49.12 10.29
CA ARG A 274 -10.91 -49.53 9.17
C ARG A 274 -10.37 -50.93 9.41
N ARG A 275 -9.97 -51.21 10.65
CA ARG A 275 -9.45 -52.51 11.04
C ARG A 275 -10.54 -53.57 10.88
N ALA A 276 -11.79 -53.19 11.19
CA ALA A 276 -12.94 -54.08 11.08
C ALA A 276 -13.22 -54.49 9.62
N LEU A 277 -13.10 -53.53 8.71
CA LEU A 277 -13.31 -53.79 7.28
C LEU A 277 -12.25 -54.77 6.76
N LEU A 278 -10.99 -54.49 7.10
CA LEU A 278 -9.87 -55.33 6.68
C LEU A 278 -9.87 -56.71 7.34
N ASP A 279 -10.35 -56.79 8.58
CA ASP A 279 -10.45 -58.06 9.33
C ASP A 279 -11.51 -58.96 8.71
N TYR A 280 -12.62 -58.37 8.26
CA TYR A 280 -13.71 -59.13 7.63
C TYR A 280 -13.27 -59.73 6.32
N LEU A 281 -12.65 -58.90 5.47
CA LEU A 281 -12.17 -59.34 4.16
C LEU A 281 -11.10 -60.43 4.27
N ARG A 282 -10.23 -60.30 5.27
CA ARG A 282 -9.15 -61.27 5.52
C ARG A 282 -9.70 -62.62 5.98
N SER A 283 -10.78 -62.60 6.76
CA SER A 283 -11.42 -63.81 7.27
C SER A 283 -12.16 -64.59 6.19
N ARG A 284 -12.56 -63.87 5.14
CA ARG A 284 -13.28 -64.43 4.00
C ARG A 284 -12.31 -64.76 2.85
N GLY A 285 -11.04 -64.38 3.02
CA GLY A 285 -10.01 -64.63 2.03
C GLY A 285 -10.01 -63.68 0.84
N ILE A 286 -10.77 -62.59 0.93
CA ILE A 286 -10.90 -61.59 -0.13
C ILE A 286 -9.75 -60.58 -0.11
N ASP A 287 -9.26 -60.22 -1.30
CA ASP A 287 -8.18 -59.25 -1.50
C ASP A 287 -8.70 -57.88 -1.03
N GLU A 288 -7.91 -57.24 -0.16
CA GLU A 288 -8.26 -55.95 0.44
C GLU A 288 -7.81 -54.67 -0.30
N LYS A 289 -7.06 -54.82 -1.39
CA LYS A 289 -6.56 -53.67 -2.15
C LYS A 289 -7.64 -52.81 -2.81
N GLY A 290 -7.70 -51.54 -2.38
CA GLY A 290 -8.67 -50.59 -2.91
C GLY A 290 -10.01 -50.56 -2.17
N SER A 291 -10.10 -51.31 -1.07
CA SER A 291 -11.34 -51.38 -0.28
C SER A 291 -11.68 -50.14 0.53
N VAL A 292 -10.66 -49.51 1.13
CA VAL A 292 -10.84 -48.31 1.95
C VAL A 292 -11.46 -47.15 1.16
N ALA A 293 -11.05 -46.99 -0.10
CA ALA A 293 -11.54 -45.93 -0.98
C ALA A 293 -13.03 -46.05 -1.35
N LYS A 294 -13.56 -47.26 -1.28
CA LYS A 294 -14.97 -47.53 -1.59
C LYS A 294 -15.86 -47.46 -0.36
N HIS A 295 -15.28 -47.69 0.81
CA HIS A 295 -16.02 -47.69 2.07
C HIS A 295 -15.85 -46.50 3.01
N PHE A 296 -14.86 -45.65 2.75
CA PHE A 296 -14.58 -44.48 3.59
C PHE A 296 -14.55 -43.14 2.88
N VAL A 297 -15.23 -42.15 3.47
CA VAL A 297 -15.25 -40.77 2.98
C VAL A 297 -14.96 -39.87 4.18
N ALA A 298 -14.51 -38.64 3.93
CA ALA A 298 -14.17 -37.71 5.00
C ALA A 298 -14.78 -36.33 4.86
N LEU A 299 -15.21 -35.77 5.99
CA LEU A 299 -15.79 -34.42 6.07
C LEU A 299 -14.83 -33.67 6.97
N SER A 300 -14.00 -32.80 6.38
CA SER A 300 -12.98 -32.07 7.14
C SER A 300 -12.51 -30.76 6.53
N THR A 301 -11.62 -30.08 7.25
CA THR A 301 -10.98 -28.83 6.80
C THR A 301 -9.50 -29.14 6.58
N ASN A 302 -9.05 -30.22 7.21
CA ASN A 302 -7.65 -30.67 7.16
C ASN A 302 -7.41 -31.68 6.04
N ASN A 303 -6.95 -31.17 4.90
CA ASN A 303 -6.65 -31.98 3.72
C ASN A 303 -5.49 -32.96 3.90
N GLN A 304 -4.50 -32.55 4.70
CA GLN A 304 -3.30 -33.35 4.96
C GLN A 304 -3.55 -34.60 5.80
N LYS A 305 -4.31 -34.46 6.89
CA LYS A 305 -4.63 -35.56 7.80
C LYS A 305 -5.58 -36.59 7.18
N VAL A 306 -6.39 -36.16 6.21
CA VAL A 306 -7.33 -37.03 5.49
C VAL A 306 -6.54 -37.94 4.53
N LYS A 307 -5.47 -37.41 3.95
CA LYS A 307 -4.62 -38.15 3.02
C LYS A 307 -3.78 -39.22 3.73
N GLU A 308 -3.37 -38.92 4.97
CA GLU A 308 -2.57 -39.82 5.80
C GLU A 308 -3.34 -41.07 6.25
N PHE A 309 -4.66 -40.94 6.34
CA PHE A 309 -5.56 -42.02 6.73
C PHE A 309 -5.73 -43.03 5.58
N GLY A 310 -5.74 -42.53 4.35
CA GLY A 310 -5.89 -43.39 3.20
C GLY A 310 -7.17 -43.17 2.41
N ILE A 311 -7.78 -42.01 2.60
CA ILE A 311 -9.02 -41.64 1.90
C ILE A 311 -8.65 -40.81 0.67
N ASP A 312 -9.35 -41.09 -0.44
CA ASP A 312 -9.16 -40.38 -1.71
C ASP A 312 -9.56 -38.91 -1.58
N GLU A 313 -8.81 -38.02 -2.23
CA GLU A 313 -9.07 -36.58 -2.22
C GLU A 313 -10.41 -36.25 -2.91
N GLU A 314 -10.84 -37.15 -3.79
CA GLU A 314 -12.10 -37.02 -4.53
C GLU A 314 -13.28 -37.30 -3.57
N ASN A 315 -12.97 -38.01 -2.49
CA ASN A 315 -13.95 -38.39 -1.47
C ASN A 315 -13.86 -37.57 -0.18
N MET A 316 -13.19 -36.42 -0.25
CA MET A 316 -13.10 -35.51 0.89
C MET A 316 -14.06 -34.36 0.62
N PHE A 317 -14.93 -34.10 1.60
CA PHE A 317 -15.92 -33.03 1.51
C PHE A 317 -15.45 -31.91 2.41
N GLN A 318 -15.05 -30.82 1.77
CA GLN A 318 -14.50 -29.65 2.42
C GLN A 318 -15.48 -28.66 3.04
N PHE A 319 -15.02 -28.12 4.18
CA PHE A 319 -15.66 -27.06 4.93
C PHE A 319 -14.53 -26.15 5.48
N TRP A 320 -14.87 -25.01 6.07
CA TRP A 320 -13.84 -24.02 6.44
C TRP A 320 -13.73 -23.63 7.90
N ASP A 321 -12.66 -22.91 8.26
CA ASP A 321 -12.42 -22.50 9.66
C ASP A 321 -13.50 -21.60 10.28
N TRP A 322 -14.21 -20.87 9.43
CA TRP A 322 -15.28 -19.97 9.86
C TRP A 322 -16.61 -20.71 10.14
N VAL A 323 -16.57 -22.03 10.00
CA VAL A 323 -17.72 -22.88 10.29
C VAL A 323 -17.42 -23.53 11.65
N GLY A 324 -18.09 -23.06 12.70
CA GLY A 324 -17.90 -23.62 14.03
C GLY A 324 -18.55 -25.00 14.06
N GLY A 325 -17.95 -25.93 14.81
CA GLY A 325 -18.49 -27.28 14.89
C GLY A 325 -19.95 -27.39 15.28
N ARG A 326 -20.36 -26.62 16.30
CA ARG A 326 -21.74 -26.61 16.78
C ARG A 326 -22.67 -25.79 15.87
N TYR A 327 -22.12 -25.37 14.74
CA TYR A 327 -22.85 -24.60 13.71
C TYR A 327 -22.54 -25.19 12.33
N SER A 328 -22.14 -26.45 12.30
CA SER A 328 -21.70 -27.14 11.07
C SER A 328 -22.65 -28.08 10.35
N MET A 329 -23.84 -28.32 10.88
CA MET A 329 -24.77 -29.28 10.24
C MET A 329 -25.21 -28.85 8.82
N TRP A 330 -24.97 -27.58 8.50
CA TRP A 330 -25.34 -26.99 7.21
C TRP A 330 -24.28 -27.18 6.14
N SER A 331 -23.07 -27.56 6.57
CA SER A 331 -21.93 -27.76 5.70
C SER A 331 -21.80 -29.21 5.25
N ALA A 332 -20.55 -29.60 4.93
CA ALA A 332 -20.18 -30.96 4.53
C ALA A 332 -20.55 -31.95 5.62
N ILE A 333 -20.56 -31.48 6.86
CA ILE A 333 -20.93 -32.28 8.05
C ILE A 333 -22.34 -32.84 7.91
N GLY A 334 -23.14 -32.13 7.13
CA GLY A 334 -24.51 -32.53 6.87
C GLY A 334 -24.65 -33.63 5.83
N LEU A 335 -23.55 -34.22 5.36
CA LEU A 335 -23.62 -35.30 4.36
C LEU A 335 -24.52 -36.49 4.79
N PRO A 336 -24.40 -36.99 6.05
CA PRO A 336 -25.29 -38.10 6.43
C PRO A 336 -26.77 -37.69 6.42
N ILE A 337 -27.05 -36.39 6.63
CA ILE A 337 -28.42 -35.87 6.60
C ILE A 337 -28.91 -35.90 5.15
N MET A 338 -28.06 -35.45 4.23
CA MET A 338 -28.40 -35.43 2.80
C MET A 338 -28.57 -36.84 2.22
N ILE A 339 -27.76 -37.80 2.69
CA ILE A 339 -27.87 -39.19 2.23
C ILE A 339 -29.20 -39.77 2.69
N SER A 340 -29.62 -39.41 3.90
CA SER A 340 -30.88 -39.89 4.45
C SER A 340 -32.12 -39.26 3.82
N ILE A 341 -32.16 -37.93 3.76
CA ILE A 341 -33.33 -37.21 3.23
C ILE A 341 -33.31 -36.75 1.77
N GLY A 342 -32.14 -36.79 1.13
CA GLY A 342 -32.02 -36.36 -0.25
C GLY A 342 -31.65 -34.90 -0.42
N TYR A 343 -31.08 -34.57 -1.58
CA TYR A 343 -30.65 -33.22 -1.91
C TYR A 343 -31.75 -32.16 -1.82
N GLU A 344 -32.90 -32.41 -2.45
CA GLU A 344 -34.01 -31.45 -2.44
C GLU A 344 -34.51 -31.11 -1.03
N ASN A 345 -34.54 -32.13 -0.16
CA ASN A 345 -34.96 -31.93 1.21
C ASN A 345 -33.88 -31.21 2.02
N PHE A 346 -32.60 -31.43 1.66
CA PHE A 346 -31.49 -30.77 2.34
C PHE A 346 -31.49 -29.28 1.96
N VAL A 347 -31.84 -28.98 0.71
CA VAL A 347 -31.94 -27.61 0.23
C VAL A 347 -33.08 -26.90 0.97
N GLU A 348 -34.15 -27.64 1.28
CA GLU A 348 -35.28 -27.09 2.04
C GLU A 348 -34.83 -26.73 3.45
N LEU A 349 -33.98 -27.59 4.05
CA LEU A 349 -33.42 -27.38 5.39
C LEU A 349 -32.59 -26.10 5.41
N LEU A 350 -31.77 -25.92 4.38
CA LEU A 350 -30.93 -24.74 4.23
C LEU A 350 -31.77 -23.48 4.01
N THR A 351 -32.83 -23.62 3.21
CA THR A 351 -33.73 -22.50 2.90
C THR A 351 -34.49 -21.99 4.13
N GLY A 352 -34.85 -22.93 5.03
CA GLY A 352 -35.55 -22.55 6.25
C GLY A 352 -34.66 -21.70 7.14
N ALA A 353 -33.38 -22.07 7.16
CA ALA A 353 -32.39 -21.33 7.93
C ALA A 353 -32.17 -19.96 7.31
N HIS A 354 -32.10 -19.92 5.98
CA HIS A 354 -31.91 -18.69 5.21
C HIS A 354 -33.05 -17.69 5.43
N VAL A 355 -34.30 -18.19 5.48
CA VAL A 355 -35.48 -17.34 5.70
C VAL A 355 -35.39 -16.67 7.08
N ILE A 356 -34.93 -17.42 8.09
CA ILE A 356 -34.78 -16.88 9.43
C ILE A 356 -33.55 -15.96 9.55
N ASP A 357 -32.52 -16.22 8.75
CA ASP A 357 -31.31 -15.37 8.72
C ASP A 357 -31.70 -13.99 8.20
N GLU A 358 -32.52 -13.97 7.13
CA GLU A 358 -33.01 -12.75 6.52
C GLU A 358 -33.96 -11.99 7.44
N HIS A 359 -34.80 -12.74 8.17
CA HIS A 359 -35.74 -12.18 9.13
C HIS A 359 -34.95 -11.52 10.28
N PHE A 360 -33.97 -12.25 10.81
CA PHE A 360 -33.14 -11.76 11.91
C PHE A 360 -32.36 -10.49 11.58
N ALA A 361 -31.77 -10.45 10.38
CA ALA A 361 -30.98 -9.31 9.95
C ALA A 361 -31.79 -8.08 9.51
N ASN A 362 -33.03 -8.29 9.08
CA ASN A 362 -33.86 -7.20 8.56
C ASN A 362 -35.12 -6.77 9.30
N ALA A 363 -35.75 -7.67 10.04
CA ALA A 363 -36.98 -7.36 10.77
C ALA A 363 -36.80 -6.35 11.91
N PRO A 364 -37.79 -5.44 12.12
CA PRO A 364 -37.74 -4.42 13.18
C PRO A 364 -37.60 -5.08 14.56
N PRO A 365 -36.82 -4.49 15.49
CA PRO A 365 -36.59 -5.03 16.84
C PRO A 365 -37.78 -5.64 17.60
N GLU A 366 -38.90 -4.93 17.60
CA GLU A 366 -40.12 -5.37 18.29
C GLU A 366 -40.87 -6.54 17.63
N GLN A 367 -40.46 -6.89 16.41
CA GLN A 367 -41.05 -8.00 15.64
C GLN A 367 -39.98 -9.01 15.20
N ASN A 368 -38.82 -8.98 15.85
CA ASN A 368 -37.70 -9.87 15.54
C ASN A 368 -37.69 -11.06 16.51
N VAL A 369 -38.04 -12.25 15.99
CA VAL A 369 -38.12 -13.48 16.81
C VAL A 369 -36.86 -13.90 17.61
N PRO A 370 -35.67 -14.02 16.95
CA PRO A 370 -34.51 -14.43 17.75
C PRO A 370 -34.06 -13.37 18.77
N LEU A 371 -34.25 -12.09 18.46
CA LEU A 371 -33.90 -11.00 19.37
C LEU A 371 -34.80 -11.03 20.61
N LEU A 372 -36.10 -11.18 20.39
CA LEU A 372 -37.07 -11.24 21.49
C LEU A 372 -36.86 -12.45 22.39
N LEU A 373 -36.54 -13.59 21.78
CA LEU A 373 -36.27 -14.84 22.50
C LEU A 373 -35.02 -14.69 23.37
N ALA A 374 -34.02 -13.98 22.83
CA ALA A 374 -32.77 -13.72 23.53
C ALA A 374 -32.93 -12.77 24.70
N LEU A 375 -33.74 -11.73 24.49
CA LEU A 375 -33.99 -10.72 25.52
C LEU A 375 -34.82 -11.25 26.68
N VAL A 376 -35.78 -12.13 26.39
CA VAL A 376 -36.63 -12.76 27.41
C VAL A 376 -35.68 -13.64 28.27
N GLY A 377 -34.71 -14.25 27.60
CA GLY A 377 -33.72 -15.09 28.26
C GLY A 377 -32.81 -14.29 29.18
N VAL A 378 -32.35 -13.13 28.71
CA VAL A 378 -31.48 -12.23 29.48
C VAL A 378 -32.24 -11.71 30.71
N TRP A 379 -33.53 -11.43 30.54
CA TRP A 379 -34.38 -10.95 31.62
C TRP A 379 -34.43 -11.99 32.76
N TYR A 380 -34.61 -13.26 32.39
CA TYR A 380 -34.65 -14.32 33.39
C TYR A 380 -33.31 -14.72 33.99
N ILE A 381 -32.27 -14.76 33.18
CA ILE A 381 -30.93 -15.14 33.65
C ILE A 381 -30.29 -14.07 34.56
N ASN A 382 -30.21 -12.86 34.04
CA ASN A 382 -29.55 -11.76 34.75
C ASN A 382 -30.33 -10.97 35.79
N PHE A 383 -31.66 -11.04 35.76
CA PHE A 383 -32.42 -10.28 36.73
C PHE A 383 -33.15 -11.16 37.71
N PHE A 384 -33.75 -12.23 37.20
CA PHE A 384 -34.44 -13.20 38.06
C PHE A 384 -33.45 -14.22 38.65
N GLY A 385 -32.28 -14.35 38.02
CA GLY A 385 -31.27 -15.29 38.49
C GLY A 385 -31.53 -16.73 38.13
N ALA A 386 -32.31 -16.96 37.06
CA ALA A 386 -32.66 -18.30 36.59
C ALA A 386 -31.50 -18.86 35.76
N VAL A 387 -30.79 -19.83 36.35
CA VAL A 387 -29.62 -20.44 35.72
C VAL A 387 -29.89 -21.68 34.87
N THR A 388 -31.16 -22.08 34.75
CA THR A 388 -31.52 -23.24 33.94
C THR A 388 -32.57 -22.82 32.90
N HIS A 389 -32.63 -23.57 31.81
CA HIS A 389 -33.58 -23.30 30.73
C HIS A 389 -33.96 -24.65 30.14
N ALA A 390 -35.25 -24.94 30.09
CA ALA A 390 -35.75 -26.21 29.57
C ALA A 390 -36.23 -26.12 28.12
N ILE A 391 -35.78 -27.07 27.31
CA ILE A 391 -36.18 -27.18 25.89
C ILE A 391 -37.11 -28.39 25.89
N LEU A 392 -38.40 -28.14 25.67
CA LEU A 392 -39.43 -29.19 25.71
C LEU A 392 -40.17 -29.34 24.38
N PRO A 393 -39.59 -30.10 23.43
CA PRO A 393 -40.25 -30.28 22.14
C PRO A 393 -41.35 -31.33 22.14
N TYR A 394 -42.56 -30.89 21.81
CA TYR A 394 -43.69 -31.79 21.73
C TYR A 394 -43.76 -32.35 20.31
N ASP A 395 -42.79 -33.21 20.02
CA ASP A 395 -42.63 -33.91 18.76
C ASP A 395 -41.58 -34.96 19.05
N GLN A 396 -41.96 -36.23 18.96
CA GLN A 396 -41.06 -37.35 19.23
C GLN A 396 -39.83 -37.38 18.31
N TYR A 397 -39.97 -36.89 17.08
CA TYR A 397 -38.86 -36.86 16.13
C TYR A 397 -37.79 -35.88 16.61
N LEU A 398 -38.19 -34.89 17.40
CA LEU A 398 -37.27 -33.89 17.94
C LEU A 398 -36.70 -34.30 19.31
N TRP A 399 -36.69 -35.60 19.60
CA TRP A 399 -36.19 -36.10 20.88
C TRP A 399 -34.69 -35.82 21.15
N ARG A 400 -33.92 -35.59 20.08
CA ARG A 400 -32.50 -35.28 20.23
C ARG A 400 -32.20 -33.78 20.10
N LEU A 401 -33.26 -32.97 20.02
CA LEU A 401 -33.10 -31.50 19.95
C LEU A 401 -32.52 -30.92 21.27
N PRO A 402 -32.99 -31.38 22.46
CA PRO A 402 -32.40 -30.81 23.69
C PRO A 402 -30.89 -31.02 23.81
N ALA A 403 -30.41 -32.20 23.43
CA ALA A 403 -28.97 -32.51 23.47
C ALA A 403 -28.19 -31.64 22.49
N TYR A 404 -28.82 -31.34 21.33
CA TYR A 404 -28.20 -30.50 20.31
C TYR A 404 -28.08 -29.06 20.83
N LEU A 405 -29.18 -28.56 21.39
CA LEU A 405 -29.21 -27.20 21.93
C LEU A 405 -28.33 -27.03 23.16
N GLN A 406 -28.00 -28.14 23.82
CA GLN A 406 -27.10 -28.12 24.98
C GLN A 406 -25.73 -27.68 24.48
N GLN A 407 -25.27 -28.28 23.37
CA GLN A 407 -23.98 -27.92 22.81
C GLN A 407 -24.01 -26.50 22.25
N LEU A 408 -25.04 -26.20 21.46
CA LEU A 408 -25.18 -24.89 20.84
C LEU A 408 -25.14 -23.74 21.85
N ASP A 409 -25.93 -23.85 22.91
CA ASP A 409 -26.01 -22.80 23.92
C ASP A 409 -24.87 -22.85 24.94
N MET A 410 -24.70 -24.00 25.59
CA MET A 410 -23.67 -24.15 26.63
C MET A 410 -22.23 -24.04 26.20
N GLU A 411 -21.89 -24.59 25.04
CA GLU A 411 -20.50 -24.48 24.56
C GLU A 411 -20.22 -23.09 24.00
N SER A 412 -21.26 -22.41 23.52
CA SER A 412 -21.11 -21.06 23.00
C SER A 412 -21.04 -20.01 24.09
N ASN A 413 -22.01 -20.04 24.98
CA ASN A 413 -22.12 -19.03 26.02
C ASN A 413 -21.69 -19.34 27.46
N GLY A 414 -21.09 -20.51 27.67
CA GLY A 414 -20.59 -20.87 28.98
C GLY A 414 -19.18 -20.33 29.10
N LYS A 415 -19.10 -19.00 29.21
CA LYS A 415 -17.84 -18.27 29.28
C LYS A 415 -17.84 -17.32 30.47
N TYR A 416 -16.66 -17.04 31.02
CA TYR A 416 -16.58 -16.11 32.14
C TYR A 416 -15.66 -14.91 31.94
N VAL A 417 -15.19 -14.76 30.71
CA VAL A 417 -14.33 -13.66 30.30
C VAL A 417 -14.88 -13.05 29.02
N THR A 418 -14.76 -11.74 28.88
CA THR A 418 -15.25 -11.01 27.70
C THR A 418 -14.23 -11.09 26.55
N ARG A 419 -14.59 -10.52 25.39
CA ARG A 419 -13.73 -10.49 24.20
C ARG A 419 -12.45 -9.71 24.47
N SER A 420 -12.57 -8.68 25.31
CA SER A 420 -11.46 -7.81 25.69
C SER A 420 -10.55 -8.46 26.74
N GLY A 421 -10.98 -9.62 27.25
CA GLY A 421 -10.21 -10.34 28.23
C GLY A 421 -10.46 -9.99 29.68
N LYS A 422 -11.57 -9.30 29.94
CA LYS A 422 -11.95 -8.89 31.29
C LYS A 422 -12.96 -9.89 31.85
N THR A 423 -12.97 -10.08 33.17
CA THR A 423 -13.92 -11.02 33.80
C THR A 423 -15.34 -10.47 33.78
N VAL A 424 -16.31 -11.31 33.43
CA VAL A 424 -17.72 -10.88 33.37
C VAL A 424 -18.24 -10.50 34.76
N SER A 425 -19.11 -9.49 34.78
CA SER A 425 -19.71 -9.01 36.03
C SER A 425 -21.16 -9.47 36.12
N THR A 426 -21.57 -10.31 35.18
CA THR A 426 -22.93 -10.85 35.13
C THR A 426 -22.88 -12.35 34.87
N LEU A 427 -24.01 -13.01 35.07
CA LEU A 427 -24.13 -14.43 34.78
C LEU A 427 -24.20 -14.56 33.26
N THR A 428 -23.66 -15.66 32.73
CA THR A 428 -23.70 -15.88 31.30
C THR A 428 -24.62 -17.06 30.96
N GLY A 429 -24.16 -17.95 30.08
CA GLY A 429 -24.95 -19.10 29.64
C GLY A 429 -25.58 -19.98 30.70
N PRO A 430 -26.87 -20.34 30.52
CA PRO A 430 -27.56 -21.19 31.50
C PRO A 430 -27.37 -22.68 31.18
N ILE A 431 -27.81 -23.53 32.11
CA ILE A 431 -27.77 -24.97 31.91
C ILE A 431 -29.03 -25.32 31.11
N ILE A 432 -28.83 -26.02 30.00
CA ILE A 432 -29.92 -26.44 29.13
C ILE A 432 -30.22 -27.91 29.42
N PHE A 433 -31.51 -28.23 29.53
CA PHE A 433 -31.95 -29.61 29.74
C PHE A 433 -33.34 -29.75 29.12
N GLY A 434 -33.80 -30.99 29.06
CA GLY A 434 -35.13 -31.26 28.53
C GLY A 434 -35.23 -32.60 27.84
N GLU A 435 -36.47 -33.00 27.63
CA GLU A 435 -36.86 -34.24 26.95
C GLU A 435 -38.13 -33.95 26.17
N ALA A 436 -38.43 -34.80 25.19
CA ALA A 436 -39.62 -34.65 24.38
C ALA A 436 -40.91 -34.81 25.19
N GLY A 437 -41.89 -33.94 24.92
CA GLY A 437 -43.19 -34.00 25.57
C GLY A 437 -43.98 -35.11 24.85
N THR A 438 -44.88 -35.84 25.52
CA THR A 438 -45.22 -35.67 26.93
C THR A 438 -44.41 -36.45 27.95
N ASN A 439 -43.39 -37.19 27.54
CA ASN A 439 -42.62 -38.00 28.48
C ASN A 439 -42.10 -37.22 29.69
N GLY A 440 -41.86 -35.92 29.48
CA GLY A 440 -41.35 -35.05 30.53
C GLY A 440 -42.32 -34.80 31.65
N GLN A 441 -43.62 -34.82 31.32
CA GLN A 441 -44.71 -34.60 32.26
C GLN A 441 -44.75 -35.62 33.38
N HIS A 442 -44.35 -36.84 33.04
CA HIS A 442 -44.33 -37.96 33.98
C HIS A 442 -42.91 -38.24 34.45
N ALA A 443 -42.04 -37.24 34.27
CA ALA A 443 -40.64 -37.35 34.63
C ALA A 443 -40.17 -36.29 35.61
N PHE A 444 -40.11 -35.04 35.16
CA PHE A 444 -39.60 -33.93 35.96
C PHE A 444 -40.45 -32.67 36.04
N TYR A 445 -41.65 -32.69 35.45
CA TYR A 445 -42.52 -31.51 35.47
C TYR A 445 -43.00 -31.20 36.88
N GLN A 446 -42.95 -32.22 37.75
CA GLN A 446 -43.34 -32.08 39.14
C GLN A 446 -42.48 -30.96 39.76
N LEU A 447 -41.19 -30.96 39.43
CA LEU A 447 -40.25 -29.95 39.91
C LEU A 447 -40.48 -28.58 39.26
N ILE A 448 -40.82 -28.57 37.97
CA ILE A 448 -41.06 -27.29 37.27
C ILE A 448 -42.31 -26.59 37.86
N HIS A 449 -43.31 -27.38 38.21
CA HIS A 449 -44.55 -26.86 38.79
C HIS A 449 -44.50 -26.58 40.29
N GLN A 450 -43.91 -27.50 41.05
CA GLN A 450 -43.86 -27.37 42.51
C GLN A 450 -42.50 -27.37 43.19
N GLY A 451 -41.45 -27.07 42.43
CA GLY A 451 -40.10 -27.03 42.98
C GLY A 451 -39.74 -25.64 43.47
N THR A 452 -38.52 -25.53 44.00
CA THR A 452 -38.01 -24.27 44.54
C THR A 452 -37.16 -23.47 43.55
N ASN A 453 -37.24 -23.83 42.27
CA ASN A 453 -36.47 -23.18 41.20
C ASN A 453 -37.37 -22.59 40.14
N LEU A 454 -36.97 -21.43 39.60
CA LEU A 454 -37.69 -20.77 38.52
C LEU A 454 -37.00 -21.29 37.26
N ILE A 455 -37.76 -22.00 36.42
CA ILE A 455 -37.23 -22.60 35.21
C ILE A 455 -37.94 -22.17 33.92
N PRO A 456 -37.34 -21.24 33.13
CA PRO A 456 -37.94 -20.78 31.87
C PRO A 456 -37.99 -21.98 30.92
N CYS A 457 -39.14 -22.17 30.27
CA CYS A 457 -39.33 -23.30 29.36
C CYS A 457 -39.69 -22.89 27.95
N ASP A 458 -39.15 -23.61 26.97
CA ASP A 458 -39.49 -23.41 25.56
C ASP A 458 -40.26 -24.63 25.10
N PHE A 459 -41.56 -24.41 24.84
CA PHE A 459 -42.45 -25.48 24.37
C PHE A 459 -42.55 -25.35 22.85
N ILE A 460 -42.08 -26.38 22.15
CA ILE A 460 -42.07 -26.41 20.68
C ILE A 460 -43.05 -27.46 20.17
N GLY A 461 -43.95 -27.07 19.28
CA GLY A 461 -44.93 -28.01 18.75
C GLY A 461 -45.37 -27.75 17.32
N ALA A 462 -46.00 -28.76 16.72
CA ALA A 462 -46.50 -28.68 15.35
C ALA A 462 -48.00 -28.89 15.31
N ILE A 463 -48.69 -28.11 14.47
CA ILE A 463 -50.14 -28.21 14.33
C ILE A 463 -50.55 -29.51 13.64
N GLN A 464 -49.75 -29.92 12.65
CA GLN A 464 -50.00 -31.13 11.88
C GLN A 464 -48.91 -32.18 12.09
N SER A 465 -49.34 -33.43 12.32
CA SER A 465 -48.44 -34.56 12.50
C SER A 465 -48.15 -35.19 11.13
N GLN A 466 -47.02 -35.89 11.04
CA GLN A 466 -46.64 -36.57 9.81
C GLN A 466 -47.21 -37.98 9.84
N ASN A 467 -47.56 -38.40 11.05
CA ASN A 467 -48.15 -39.71 11.33
C ASN A 467 -49.49 -39.50 11.99
N LYS A 468 -50.53 -39.64 11.20
CA LYS A 468 -51.87 -39.50 11.67
C LYS A 468 -52.52 -40.78 12.04
N ILE A 469 -52.40 -41.08 13.33
CA ILE A 469 -52.88 -42.29 13.97
C ILE A 469 -54.03 -41.92 14.92
N GLY A 470 -55.24 -42.28 14.49
CA GLY A 470 -56.45 -42.02 15.25
C GLY A 470 -56.56 -40.59 15.75
N ASP A 471 -56.76 -40.45 17.05
CA ASP A 471 -56.92 -39.17 17.73
C ASP A 471 -55.69 -38.80 18.56
N HIS A 472 -54.57 -39.45 18.24
CA HIS A 472 -53.30 -39.24 18.96
C HIS A 472 -52.82 -37.81 19.01
N HIS A 473 -52.87 -37.12 17.87
CA HIS A 473 -52.39 -35.74 17.83
C HIS A 473 -53.17 -34.72 18.65
N LYS A 474 -54.49 -34.81 18.67
CA LYS A 474 -55.29 -33.88 19.48
C LYS A 474 -55.10 -34.15 20.97
N ILE A 475 -54.96 -35.43 21.34
CA ILE A 475 -54.73 -35.84 22.74
C ILE A 475 -53.37 -35.30 23.18
N PHE A 476 -52.40 -35.42 22.27
CA PHE A 476 -51.03 -34.96 22.45
C PHE A 476 -50.95 -33.44 22.61
N MET A 477 -51.61 -32.73 21.70
CA MET A 477 -51.62 -31.29 21.72
C MET A 477 -52.43 -30.65 22.83
N SER A 478 -53.34 -31.43 23.43
CA SER A 478 -54.14 -30.93 24.56
C SER A 478 -53.20 -30.70 25.74
N ASN A 479 -52.15 -31.52 25.81
CA ASN A 479 -51.12 -31.42 26.86
C ASN A 479 -50.20 -30.24 26.60
N PHE A 480 -49.88 -30.01 25.32
CA PHE A 480 -49.01 -28.91 24.88
C PHE A 480 -49.53 -27.54 25.32
N PHE A 481 -50.81 -27.30 25.09
CA PHE A 481 -51.45 -26.03 25.46
C PHE A 481 -51.72 -25.93 26.95
N ALA A 482 -52.09 -27.05 27.55
CA ALA A 482 -52.41 -27.14 28.98
C ALA A 482 -51.26 -26.90 29.92
N GLN A 483 -50.09 -27.41 29.57
CA GLN A 483 -48.90 -27.26 30.40
C GLN A 483 -48.43 -25.84 30.57
N THR A 484 -48.44 -25.07 29.47
CA THR A 484 -48.02 -23.67 29.53
C THR A 484 -49.06 -22.85 30.28
N GLU A 485 -50.34 -23.20 30.10
CA GLU A 485 -51.45 -22.54 30.79
C GLU A 485 -51.34 -22.82 32.30
N ALA A 486 -51.05 -24.08 32.64
CA ALA A 486 -50.89 -24.54 34.03
C ALA A 486 -49.75 -23.85 34.75
N LEU A 487 -48.62 -23.72 34.04
CA LEU A 487 -47.43 -23.06 34.58
C LEU A 487 -47.70 -21.59 34.88
N MET A 488 -48.51 -20.97 34.04
CA MET A 488 -48.86 -19.56 34.18
C MET A 488 -49.91 -19.25 35.24
N ILE A 489 -51.08 -19.88 35.14
CA ILE A 489 -52.18 -19.61 36.06
C ILE A 489 -52.13 -20.25 37.44
N GLY A 490 -51.59 -21.46 37.51
CA GLY A 490 -51.52 -22.19 38.76
C GLY A 490 -52.89 -22.55 39.32
N LYS A 491 -52.96 -22.75 40.63
CA LYS A 491 -54.21 -23.07 41.34
C LYS A 491 -54.00 -22.59 42.77
N SER A 492 -54.68 -21.50 43.11
CA SER A 492 -54.60 -20.84 44.43
C SER A 492 -55.23 -21.65 45.57
N PRO A 493 -54.88 -21.36 46.85
CA PRO A 493 -55.45 -22.08 47.99
C PRO A 493 -56.98 -22.09 48.03
N SER A 494 -57.58 -20.97 47.60
CA SER A 494 -59.03 -20.80 47.54
C SER A 494 -59.69 -21.67 46.47
N GLU A 495 -59.00 -21.83 45.33
CA GLU A 495 -59.48 -22.66 44.21
C GLU A 495 -59.50 -24.14 44.56
N VAL A 496 -58.50 -24.57 45.34
CA VAL A 496 -58.38 -25.97 45.78
C VAL A 496 -59.51 -26.30 46.77
N ARG A 497 -59.85 -25.33 47.63
CA ARG A 497 -60.92 -25.48 48.61
C ARG A 497 -62.28 -25.58 47.92
N ARG A 498 -62.48 -24.79 46.86
CA ARG A 498 -63.73 -24.78 46.09
C ARG A 498 -63.92 -26.07 45.31
N GLU A 499 -62.82 -26.61 44.78
CA GLU A 499 -62.83 -27.84 43.98
C GLU A 499 -63.15 -29.07 44.83
N LEU A 500 -62.61 -29.12 46.05
CA LEU A 500 -62.83 -30.23 46.97
C LEU A 500 -64.23 -30.20 47.59
N GLU A 501 -64.72 -28.99 47.88
CA GLU A 501 -66.04 -28.81 48.49
C GLU A 501 -67.17 -28.99 47.47
N ALA A 502 -66.81 -28.87 46.19
CA ALA A 502 -67.76 -29.00 45.08
C ALA A 502 -67.91 -30.46 44.64
N ALA A 503 -66.89 -31.26 44.97
CA ALA A 503 -66.84 -32.70 44.66
C ALA A 503 -67.55 -33.51 45.75
N GLY A 504 -67.89 -32.78 46.83
CA GLY A 504 -68.64 -33.31 47.98
C GLY A 504 -67.84 -33.63 49.24
N GLU A 505 -66.75 -32.92 49.49
CA GLU A 505 -65.93 -33.23 50.67
C GLU A 505 -66.24 -32.33 51.83
N ARG A 506 -66.87 -32.96 52.82
CA ARG A 506 -67.32 -32.29 54.03
C ARG A 506 -66.30 -32.35 55.15
N SER A 507 -65.20 -33.07 54.93
CA SER A 507 -64.14 -33.20 55.94
C SER A 507 -63.16 -32.03 55.87
N ALA A 508 -63.27 -31.12 56.84
CA ALA A 508 -62.40 -29.94 56.94
C ALA A 508 -60.95 -30.32 57.21
N GLU A 509 -60.75 -31.48 57.82
CA GLU A 509 -59.42 -32.00 58.15
C GLU A 509 -58.67 -32.42 56.88
N LYS A 510 -59.35 -33.17 56.01
CA LYS A 510 -58.77 -33.65 54.75
C LYS A 510 -58.49 -32.49 53.79
N ILE A 511 -59.38 -31.49 53.79
CA ILE A 511 -59.24 -30.30 52.94
C ILE A 511 -58.00 -29.52 53.37
N ASN A 512 -57.88 -29.23 54.67
CA ASN A 512 -56.74 -28.48 55.22
C ASN A 512 -55.40 -29.21 55.11
N ALA A 513 -55.45 -30.55 55.17
CA ALA A 513 -54.24 -31.39 55.08
C ALA A 513 -53.69 -31.51 53.67
N LEU A 514 -54.60 -31.64 52.69
CA LEU A 514 -54.22 -31.77 51.27
C LEU A 514 -54.06 -30.42 50.57
N LEU A 515 -54.56 -29.36 51.20
CA LEU A 515 -54.54 -28.01 50.65
C LEU A 515 -53.20 -27.48 50.13
N PRO A 516 -52.14 -27.44 50.97
CA PRO A 516 -50.86 -26.93 50.46
C PRO A 516 -50.15 -27.80 49.43
N HIS A 517 -50.39 -29.11 49.51
CA HIS A 517 -49.79 -30.08 48.59
C HIS A 517 -50.39 -30.02 47.18
N LYS A 518 -51.64 -29.56 47.12
CA LYS A 518 -52.38 -29.43 45.86
C LYS A 518 -52.34 -28.00 45.29
N THR A 519 -51.66 -27.09 45.98
CA THR A 519 -51.54 -25.70 45.57
C THR A 519 -50.40 -25.50 44.56
N PHE A 520 -50.71 -24.75 43.50
CA PHE A 520 -49.74 -24.42 42.46
C PHE A 520 -49.62 -22.91 42.45
N ILE A 521 -48.45 -22.39 42.82
CA ILE A 521 -48.22 -20.94 42.87
C ILE A 521 -48.36 -20.25 41.52
N GLY A 522 -48.08 -21.01 40.46
CA GLY A 522 -48.16 -20.48 39.11
C GLY A 522 -47.06 -19.45 38.88
N GLY A 523 -47.29 -18.57 37.90
CA GLY A 523 -46.31 -17.54 37.59
C GLY A 523 -44.99 -18.10 37.08
N ARG A 524 -45.05 -19.32 36.53
CA ARG A 524 -43.88 -20.00 35.97
C ARG A 524 -43.92 -19.66 34.48
N PRO A 525 -42.85 -19.04 33.95
CA PRO A 525 -42.78 -18.65 32.54
C PRO A 525 -42.55 -19.71 31.50
N SER A 526 -42.99 -19.39 30.28
CA SER A 526 -42.82 -20.26 29.13
C SER A 526 -42.98 -19.49 27.83
N ASN A 527 -42.30 -20.00 26.81
CA ASN A 527 -42.39 -19.48 25.46
C ASN A 527 -42.99 -20.64 24.67
N THR A 528 -43.91 -20.32 23.78
CA THR A 528 -44.52 -21.34 22.93
C THR A 528 -44.10 -21.06 21.49
N LEU A 529 -43.49 -22.07 20.88
CA LEU A 529 -43.05 -22.02 19.49
C LEU A 529 -43.94 -23.00 18.74
N LEU A 530 -44.77 -22.47 17.85
CA LEU A 530 -45.69 -23.28 17.07
C LEU A 530 -45.43 -23.17 15.58
N ILE A 531 -45.36 -24.32 14.92
CA ILE A 531 -45.15 -24.40 13.47
C ILE A 531 -46.35 -25.14 12.87
N LYS A 532 -46.56 -25.02 11.57
CA LYS A 532 -47.68 -25.72 10.92
C LYS A 532 -47.37 -27.23 10.86
N SER A 533 -46.14 -27.57 10.50
CA SER A 533 -45.68 -28.96 10.43
C SER A 533 -44.16 -29.00 10.45
N LEU A 534 -43.59 -30.10 10.93
CA LEU A 534 -42.14 -30.25 10.98
C LEU A 534 -41.57 -30.82 9.69
N THR A 535 -41.38 -29.91 8.74
CA THR A 535 -40.82 -30.20 7.42
C THR A 535 -39.34 -29.83 7.49
N PRO A 536 -38.52 -30.24 6.48
CA PRO A 536 -37.10 -29.86 6.53
C PRO A 536 -36.90 -28.35 6.65
N ARG A 537 -37.77 -27.59 5.98
CA ARG A 537 -37.72 -26.13 6.02
C ARG A 537 -38.02 -25.61 7.43
N ALA A 538 -38.96 -26.25 8.12
CA ALA A 538 -39.33 -25.87 9.47
C ALA A 538 -38.20 -26.13 10.47
N LEU A 539 -37.50 -27.27 10.31
CA LEU A 539 -36.38 -27.60 11.20
C LEU A 539 -35.25 -26.59 11.03
N GLY A 540 -34.98 -26.22 9.77
CA GLY A 540 -33.93 -25.26 9.46
C GLY A 540 -34.19 -23.92 10.11
N ALA A 541 -35.47 -23.54 10.12
CA ALA A 541 -35.94 -22.31 10.72
C ALA A 541 -35.75 -22.29 12.23
N ILE A 542 -36.08 -23.41 12.88
CA ILE A 542 -35.97 -23.56 14.33
C ILE A 542 -34.52 -23.48 14.81
N ILE A 543 -33.61 -24.20 14.12
CA ILE A 543 -32.20 -24.21 14.50
C ILE A 543 -31.55 -22.85 14.30
N ALA A 544 -31.85 -22.20 13.17
CA ALA A 544 -31.30 -20.86 12.89
C ALA A 544 -31.77 -19.84 13.93
N MET A 545 -33.02 -19.99 14.39
CA MET A 545 -33.60 -19.11 15.42
C MET A 545 -32.78 -19.21 16.71
N TYR A 546 -32.46 -20.44 17.10
CA TYR A 546 -31.67 -20.68 18.31
C TYR A 546 -30.21 -20.25 18.15
N GLU A 547 -29.66 -20.39 16.94
CA GLU A 547 -28.29 -19.95 16.66
C GLU A 547 -28.19 -18.43 16.83
N HIS A 548 -29.25 -17.75 16.38
CA HIS A 548 -29.29 -16.29 16.46
C HIS A 548 -29.64 -15.77 17.85
N LYS A 549 -30.37 -16.57 18.63
CA LYS A 549 -30.72 -16.24 20.02
C LYS A 549 -29.40 -16.23 20.81
N VAL A 550 -28.59 -17.25 20.55
CA VAL A 550 -27.29 -17.44 21.20
C VAL A 550 -26.31 -16.31 20.83
N LEU A 551 -26.42 -15.83 19.58
CA LEU A 551 -25.59 -14.73 19.07
C LEU A 551 -25.91 -13.45 19.86
N VAL A 552 -27.19 -13.14 20.00
CA VAL A 552 -27.63 -11.94 20.71
C VAL A 552 -27.25 -11.96 22.18
N GLN A 553 -27.49 -13.10 22.86
CA GLN A 553 -27.15 -13.22 24.28
C GLN A 553 -25.66 -13.06 24.53
N GLY A 554 -24.85 -13.64 23.65
CA GLY A 554 -23.41 -13.55 23.75
C GLY A 554 -22.91 -12.13 23.52
N ALA A 555 -23.56 -11.42 22.59
CA ALA A 555 -23.21 -10.04 22.27
C ALA A 555 -23.59 -9.07 23.39
N ILE A 556 -24.71 -9.36 24.06
CA ILE A 556 -25.18 -8.53 25.19
C ILE A 556 -24.18 -8.66 26.35
N TRP A 557 -23.75 -9.89 26.63
CA TRP A 557 -22.79 -10.17 27.70
C TRP A 557 -21.35 -9.77 27.36
N GLY A 558 -21.10 -9.56 26.06
CA GLY A 558 -19.79 -9.15 25.59
C GLY A 558 -18.77 -10.26 25.47
N ILE A 559 -19.24 -11.50 25.46
CA ILE A 559 -18.35 -12.68 25.36
C ILE A 559 -18.19 -13.16 23.92
N ASP A 560 -17.24 -14.07 23.72
CA ASP A 560 -16.99 -14.67 22.40
C ASP A 560 -17.77 -15.99 22.39
N SER A 561 -18.90 -15.99 21.70
CA SER A 561 -19.78 -17.15 21.59
C SER A 561 -19.25 -18.17 20.58
N TYR A 562 -18.05 -17.93 20.05
CA TYR A 562 -17.61 -18.77 18.92
C TYR A 562 -16.34 -19.56 19.14
N ASP A 563 -15.76 -19.44 20.33
CA ASP A 563 -14.57 -20.19 20.70
C ASP A 563 -14.92 -21.26 21.73
N GLN A 564 -13.94 -22.08 22.11
CA GLN A 564 -14.12 -23.14 23.09
C GLN A 564 -12.80 -23.53 23.77
N TRP A 565 -12.21 -22.56 24.47
CA TRP A 565 -10.94 -22.78 25.18
C TRP A 565 -11.09 -23.68 26.41
N GLY A 566 -12.32 -23.81 26.89
CA GLY A 566 -12.63 -24.61 28.06
C GLY A 566 -12.48 -26.12 27.99
N VAL A 567 -12.29 -26.63 26.79
CA VAL A 567 -12.13 -28.07 26.59
C VAL A 567 -10.67 -28.50 26.60
N GLU A 568 -9.75 -27.52 26.56
CA GLU A 568 -8.32 -27.79 26.53
C GLU A 568 -7.66 -28.47 27.72
N LEU A 569 -8.00 -28.07 28.95
CA LEU A 569 -7.40 -28.66 30.15
C LEU A 569 -7.68 -30.15 30.31
N GLY A 570 -8.92 -30.56 30.05
CA GLY A 570 -9.31 -31.96 30.15
C GLY A 570 -8.57 -32.83 29.13
N LYS A 571 -8.32 -32.27 27.95
CA LYS A 571 -7.60 -32.97 26.88
C LYS A 571 -6.12 -33.15 27.22
N VAL A 572 -5.50 -32.11 27.77
CA VAL A 572 -4.08 -32.12 28.15
C VAL A 572 -3.83 -33.09 29.33
N LEU A 573 -4.70 -33.04 30.33
CA LEU A 573 -4.56 -33.93 31.48
C LEU A 573 -4.87 -35.39 31.13
N ALA A 574 -5.72 -35.62 30.12
CA ALA A 574 -6.01 -36.99 29.71
C ALA A 574 -4.81 -37.59 28.98
N LYS A 575 -4.17 -36.75 28.17
CA LYS A 575 -2.99 -37.15 27.40
C LYS A 575 -1.83 -37.51 28.32
N SER A 576 -1.80 -36.87 29.50
CA SER A 576 -0.76 -37.11 30.50
C SER A 576 -1.04 -38.38 31.30
N ILE A 577 -2.32 -38.68 31.50
CA ILE A 577 -2.76 -39.88 32.23
C ILE A 577 -2.73 -41.16 31.39
N LEU A 578 -2.95 -41.04 30.07
CA LEU A 578 -2.96 -42.20 29.18
C LEU A 578 -1.75 -43.17 29.29
N PRO A 579 -0.48 -42.66 29.27
CA PRO A 579 0.64 -43.61 29.38
C PRO A 579 0.83 -44.21 30.78
N GLN A 580 0.05 -43.72 31.75
CA GLN A 580 0.09 -44.19 33.13
C GLN A 580 -0.93 -45.31 33.38
N LEU A 581 -1.81 -45.55 32.39
CA LEU A 581 -2.83 -46.59 32.52
C LEU A 581 -2.32 -47.92 31.95
N ARG A 582 -1.50 -48.59 32.76
CA ARG A 582 -0.89 -49.88 32.42
C ARG A 582 -1.06 -50.79 33.65
N PRO A 583 -1.38 -52.10 33.46
CA PRO A 583 -1.56 -53.03 34.58
C PRO A 583 -0.40 -53.07 35.59
N GLY A 584 -0.76 -52.80 36.85
CA GLY A 584 0.23 -52.80 37.93
C GLY A 584 0.98 -51.51 38.17
N MET A 585 0.89 -50.54 37.25
CA MET A 585 1.59 -49.26 37.39
C MET A 585 1.03 -48.40 38.51
N ARG A 586 1.94 -47.78 39.28
CA ARG A 586 1.58 -46.91 40.39
C ARG A 586 2.06 -45.49 40.12
N VAL A 587 1.20 -44.51 40.44
CA VAL A 587 1.50 -43.10 40.24
C VAL A 587 1.46 -42.31 41.55
N ASN A 588 2.15 -41.16 41.57
CA ASN A 588 2.21 -40.28 42.74
C ASN A 588 2.30 -38.79 42.40
N ASN A 589 2.22 -38.46 41.11
CA ASN A 589 2.36 -37.08 40.64
C ASN A 589 1.12 -36.18 40.68
N HIS A 590 -0.05 -36.76 40.90
CA HIS A 590 -1.30 -36.00 40.96
C HIS A 590 -1.72 -35.84 42.42
N ASP A 591 -2.93 -35.35 42.64
CA ASP A 591 -3.52 -35.19 43.97
C ASP A 591 -3.84 -36.62 44.47
N SER A 592 -4.06 -36.78 45.77
CA SER A 592 -4.33 -38.12 46.34
C SER A 592 -5.56 -38.87 45.82
N SER A 593 -6.58 -38.12 45.38
CA SER A 593 -7.80 -38.73 44.83
C SER A 593 -7.50 -39.35 43.47
N THR A 594 -6.92 -38.55 42.57
CA THR A 594 -6.57 -39.00 41.22
C THR A 594 -5.53 -40.12 41.27
N ASN A 595 -4.57 -40.02 42.20
CA ASN A 595 -3.55 -41.06 42.39
C ASN A 595 -4.21 -42.38 42.80
N GLY A 596 -5.11 -42.28 43.78
CA GLY A 596 -5.83 -43.45 44.30
C GLY A 596 -6.73 -44.12 43.27
N LEU A 597 -7.35 -43.31 42.42
CA LEU A 597 -8.23 -43.79 41.36
C LEU A 597 -7.48 -44.50 40.24
N ILE A 598 -6.38 -43.89 39.79
CA ILE A 598 -5.54 -44.46 38.73
C ILE A 598 -4.87 -45.76 39.22
N ASN A 599 -4.41 -45.75 40.48
CA ASN A 599 -3.78 -46.93 41.09
C ASN A 599 -4.72 -48.11 41.23
N MET A 600 -5.98 -47.82 41.59
CA MET A 600 -7.02 -48.86 41.73
C MET A 600 -7.37 -49.45 40.36
N PHE A 601 -7.42 -48.57 39.35
CA PHE A 601 -7.74 -48.97 37.98
C PHE A 601 -6.68 -49.92 37.43
N ASN A 602 -5.42 -49.59 37.71
CA ASN A 602 -4.26 -50.35 37.25
C ASN A 602 -4.12 -51.71 37.93
N GLU A 603 -4.63 -51.78 39.16
CA GLU A 603 -4.58 -53.01 39.95
C GLU A 603 -5.58 -54.05 39.44
N LEU A 604 -6.73 -53.56 38.94
CA LEU A 604 -7.81 -54.44 38.49
C LEU A 604 -8.21 -54.44 36.99
N SER A 605 -7.51 -53.66 36.15
CA SER A 605 -7.81 -53.60 34.71
C SER A 605 -7.58 -54.95 34.04
N HIS A 606 -6.56 -55.63 34.57
CA HIS A 606 -6.11 -56.97 34.17
C HIS A 606 -5.06 -57.37 35.23
N GLY B 43 27.92 31.71 17.14
CA GLY B 43 27.62 30.28 16.85
C GLY B 43 28.12 29.34 17.92
N ALA B 44 28.20 28.06 17.57
CA ALA B 44 28.66 27.01 18.49
C ALA B 44 30.10 26.57 18.20
N ASP B 45 30.66 25.75 19.08
CA ASP B 45 32.04 25.22 18.96
C ASP B 45 32.05 24.06 17.96
N ALA B 46 33.24 23.75 17.43
CA ALA B 46 33.40 22.66 16.48
C ALA B 46 33.58 21.29 17.16
N ASP B 47 32.94 20.27 16.58
CA ASP B 47 33.01 18.91 17.09
C ASP B 47 34.36 18.27 16.74
N THR B 48 34.98 17.66 17.73
CA THR B 48 36.27 17.00 17.57
C THR B 48 36.19 15.49 17.82
N THR B 49 35.03 15.00 18.29
CA THR B 49 34.83 13.59 18.61
C THR B 49 35.02 12.59 17.47
N LEU B 50 34.61 12.98 16.25
CA LEU B 50 34.76 12.11 15.08
C LEU B 50 36.17 12.22 14.51
N THR B 51 36.64 13.44 14.31
CA THR B 51 37.96 13.70 13.75
C THR B 51 39.15 13.26 14.62
N SER B 52 38.91 13.10 15.92
CA SER B 52 39.96 12.65 16.86
C SER B 52 40.00 11.14 17.05
N CYS B 53 39.06 10.43 16.41
CA CYS B 53 39.00 8.96 16.48
C CYS B 53 40.25 8.40 15.79
N ALA B 54 40.87 7.39 16.41
CA ALA B 54 42.07 6.74 15.88
C ALA B 54 41.86 6.16 14.49
N SER B 55 40.65 5.68 14.24
CA SER B 55 40.27 5.10 12.96
C SER B 55 40.03 6.14 11.87
N TRP B 56 39.67 7.37 12.25
CA TRP B 56 39.45 8.46 11.28
C TRP B 56 40.79 8.90 10.70
N THR B 57 41.77 9.07 11.59
CA THR B 57 43.12 9.48 11.20
C THR B 57 43.78 8.37 10.37
N GLN B 58 43.44 7.12 10.68
CA GLN B 58 43.96 5.96 9.94
C GLN B 58 43.35 5.90 8.54
N LEU B 59 42.06 6.23 8.44
CA LEU B 59 41.38 6.24 7.14
C LEU B 59 41.91 7.33 6.21
N GLN B 60 42.34 8.46 6.78
CA GLN B 60 42.91 9.57 6.02
C GLN B 60 44.28 9.15 5.46
N LYS B 61 45.03 8.39 6.26
CA LYS B 61 46.34 7.87 5.91
C LYS B 61 46.18 6.85 4.78
N LEU B 62 45.15 6.01 4.88
CA LEU B 62 44.85 4.99 3.87
C LEU B 62 44.36 5.60 2.56
N TYR B 63 43.70 6.76 2.65
CA TYR B 63 43.20 7.48 1.47
C TYR B 63 44.38 8.02 0.67
N GLU B 64 45.33 8.62 1.38
CA GLU B 64 46.54 9.18 0.79
C GLU B 64 47.41 8.09 0.12
N GLN B 65 47.43 6.92 0.76
CA GLN B 65 48.22 5.78 0.27
C GLN B 65 47.60 4.98 -0.87
N TYR B 66 46.31 4.61 -0.73
CA TYR B 66 45.62 3.77 -1.71
C TYR B 66 44.45 4.36 -2.51
N GLY B 67 44.03 5.58 -2.19
CA GLY B 67 42.90 6.20 -2.89
C GLY B 67 43.11 6.55 -4.36
N ASP B 68 44.38 6.65 -4.76
CA ASP B 68 44.78 6.98 -6.14
C ASP B 68 44.83 5.71 -7.01
N GLU B 69 44.81 4.54 -6.38
CA GLU B 69 44.86 3.27 -7.10
C GLU B 69 43.52 2.97 -7.79
N PRO B 70 43.53 2.73 -9.13
CA PRO B 70 42.29 2.44 -9.87
C PRO B 70 41.56 1.20 -9.36
N ILE B 71 40.23 1.21 -9.47
CA ILE B 71 39.39 0.10 -9.00
C ILE B 71 39.75 -1.24 -9.66
N LYS B 72 40.06 -1.21 -10.96
CA LYS B 72 40.44 -2.40 -11.71
C LYS B 72 41.66 -3.14 -11.15
N LYS B 73 42.53 -2.40 -10.47
CA LYS B 73 43.69 -2.93 -9.81
C LYS B 73 43.40 -3.91 -8.71
N HIS B 74 42.33 -3.62 -7.99
CA HIS B 74 41.87 -4.45 -6.88
C HIS B 74 41.35 -5.81 -7.38
N PHE B 75 40.81 -5.81 -8.60
CA PHE B 75 40.29 -7.02 -9.24
C PHE B 75 41.42 -7.88 -9.81
N GLU B 76 42.51 -7.23 -10.19
CA GLU B 76 43.71 -7.90 -10.73
C GLU B 76 44.46 -8.63 -9.62
N THR B 77 44.48 -8.03 -8.43
CA THR B 77 45.15 -8.56 -7.24
C THR B 77 44.35 -9.69 -6.58
N ASP B 78 43.05 -9.49 -6.48
CA ASP B 78 42.13 -10.42 -5.84
C ASP B 78 41.16 -11.02 -6.87
N SER B 79 41.39 -12.27 -7.24
CA SER B 79 40.57 -12.99 -8.22
C SER B 79 39.19 -13.38 -7.69
N GLU B 80 39.03 -13.28 -6.36
CA GLU B 80 37.78 -13.61 -5.68
C GLU B 80 37.08 -12.35 -5.15
N ARG B 81 37.46 -11.17 -5.64
CA ARG B 81 36.88 -9.90 -5.19
C ARG B 81 35.36 -9.78 -5.28
N GLY B 82 34.79 -10.29 -6.36
CA GLY B 82 33.35 -10.25 -6.55
C GLY B 82 32.58 -10.95 -5.45
N GLN B 83 33.13 -12.07 -4.98
CA GLN B 83 32.54 -12.86 -3.89
C GLN B 83 32.81 -12.28 -2.51
N ARG B 84 34.07 -11.88 -2.28
CA ARG B 84 34.51 -11.33 -1.00
C ARG B 84 33.92 -9.96 -0.66
N TYR B 85 33.60 -9.20 -1.70
CA TYR B 85 33.00 -7.87 -1.53
C TYR B 85 31.54 -7.83 -1.94
N SER B 86 30.81 -8.83 -1.47
CA SER B 86 29.38 -8.97 -1.73
C SER B 86 28.70 -9.82 -0.66
N VAL B 87 27.42 -9.55 -0.41
CA VAL B 87 26.63 -10.27 0.59
C VAL B 87 25.22 -10.56 0.06
N LYS B 88 24.76 -11.79 0.26
CA LYS B 88 23.42 -12.20 -0.15
C LYS B 88 22.59 -12.43 1.12
N VAL B 89 21.47 -11.72 1.21
CA VAL B 89 20.57 -11.83 2.36
C VAL B 89 19.27 -12.45 1.90
N SER B 90 18.94 -13.63 2.43
CA SER B 90 17.69 -14.33 2.11
C SER B 90 16.51 -13.57 2.72
N LEU B 91 15.41 -13.48 1.98
CA LEU B 91 14.23 -12.79 2.50
C LEU B 91 13.27 -13.71 3.27
N GLY B 92 13.62 -14.99 3.34
CA GLY B 92 12.84 -15.98 4.06
C GLY B 92 11.52 -16.46 3.45
N SER B 93 11.27 -16.08 2.21
CA SER B 93 10.06 -16.47 1.50
C SER B 93 10.21 -17.76 0.69
N LYS B 94 9.08 -18.36 0.34
CA LYS B 94 8.99 -19.62 -0.41
C LYS B 94 9.58 -19.55 -1.83
N ASP B 95 9.52 -18.35 -2.43
CA ASP B 95 10.05 -18.11 -3.79
C ASP B 95 11.57 -17.99 -3.83
N GLU B 96 12.20 -18.09 -2.65
CA GLU B 96 13.65 -18.00 -2.44
C GLU B 96 14.25 -16.65 -2.85
N ASN B 97 13.47 -15.59 -2.63
CA ASN B 97 13.88 -14.21 -2.94
C ASN B 97 15.00 -13.77 -2.00
N PHE B 98 15.82 -12.85 -2.48
CA PHE B 98 16.96 -12.33 -1.72
C PHE B 98 17.28 -10.89 -2.08
N LEU B 99 18.21 -10.31 -1.33
CA LEU B 99 18.72 -8.96 -1.58
C LEU B 99 20.24 -9.18 -1.60
N PHE B 100 20.84 -8.97 -2.78
CA PHE B 100 22.28 -9.14 -2.99
C PHE B 100 22.97 -7.80 -3.22
N LEU B 101 23.92 -7.47 -2.35
CA LEU B 101 24.69 -6.24 -2.49
C LEU B 101 26.10 -6.57 -2.95
N ASP B 102 26.52 -5.93 -4.04
CA ASP B 102 27.85 -6.08 -4.59
C ASP B 102 28.45 -4.68 -4.48
N TYR B 103 29.40 -4.52 -3.56
CA TYR B 103 30.08 -3.23 -3.35
C TYR B 103 31.55 -3.28 -3.78
N SER B 104 31.88 -4.25 -4.64
CA SER B 104 33.24 -4.46 -5.14
C SER B 104 33.82 -3.40 -6.07
N LYS B 105 32.95 -2.73 -6.83
CA LYS B 105 33.40 -1.69 -7.76
C LYS B 105 33.59 -0.39 -6.98
N SER B 106 34.62 -0.39 -6.13
CA SER B 106 34.96 0.72 -5.25
C SER B 106 36.47 0.80 -5.01
N HIS B 107 36.93 1.98 -4.57
CA HIS B 107 38.36 2.21 -4.28
C HIS B 107 38.62 1.75 -2.84
N ILE B 108 38.34 0.48 -2.58
CA ILE B 108 38.49 -0.10 -1.25
C ILE B 108 39.25 -1.42 -1.28
N ASN B 109 40.37 -1.49 -0.57
CA ASN B 109 41.14 -2.73 -0.43
C ASN B 109 40.82 -3.29 0.97
N ASP B 110 41.37 -4.44 1.32
CA ASP B 110 41.10 -5.05 2.64
C ASP B 110 41.46 -4.17 3.84
N GLU B 111 42.52 -3.37 3.71
CA GLU B 111 42.96 -2.46 4.78
C GLU B 111 41.94 -1.36 5.05
N ILE B 112 41.40 -0.79 3.97
CA ILE B 112 40.39 0.27 4.04
C ILE B 112 39.07 -0.28 4.61
N LYS B 113 38.68 -1.46 4.14
CA LYS B 113 37.46 -2.14 4.59
C LYS B 113 37.50 -2.39 6.10
N CYS B 114 38.64 -2.86 6.59
CA CYS B 114 38.82 -3.13 8.01
C CYS B 114 38.83 -1.86 8.86
N ALA B 115 39.38 -0.78 8.31
CA ALA B 115 39.45 0.52 8.99
C ALA B 115 38.07 1.19 9.05
N LEU B 116 37.26 0.96 8.01
CA LEU B 116 35.89 1.51 7.95
C LEU B 116 35.03 0.79 9.00
N LEU B 117 35.27 -0.52 9.16
CA LEU B 117 34.55 -1.32 10.15
C LEU B 117 34.99 -0.95 11.57
N ARG B 118 36.26 -0.57 11.71
CA ARG B 118 36.83 -0.15 13.00
C ARG B 118 36.24 1.20 13.42
N LEU B 119 35.93 2.05 12.43
CA LEU B 119 35.32 3.36 12.68
C LEU B 119 33.94 3.19 13.27
N ALA B 120 33.22 2.19 12.74
CA ALA B 120 31.88 1.86 13.20
C ALA B 120 31.90 1.35 14.64
N GLU B 121 32.97 0.62 14.98
CA GLU B 121 33.20 0.07 16.31
C GLU B 121 33.51 1.20 17.31
N GLU B 122 34.36 2.14 16.88
CA GLU B 122 34.77 3.29 17.69
C GLU B 122 33.65 4.31 17.95
N ARG B 123 32.75 4.44 16.98
CA ARG B 123 31.63 5.36 17.09
C ARG B 123 30.41 4.74 17.77
N GLY B 124 30.56 3.47 18.18
CA GLY B 124 29.53 2.72 18.87
C GLY B 124 28.23 2.50 18.11
N ILE B 125 28.33 2.08 16.86
CA ILE B 125 27.17 1.83 16.01
C ILE B 125 26.29 0.70 16.55
N ARG B 126 26.94 -0.39 16.99
CA ARG B 126 26.24 -1.56 17.54
C ARG B 126 25.34 -1.18 18.73
N GLN B 127 25.90 -0.39 19.66
CA GLN B 127 25.18 0.07 20.85
C GLN B 127 24.07 1.06 20.52
N PHE B 128 24.31 1.90 19.50
CA PHE B 128 23.33 2.90 19.05
C PHE B 128 22.11 2.21 18.43
N VAL B 129 22.36 1.16 17.65
CA VAL B 129 21.31 0.38 16.99
C VAL B 129 20.41 -0.29 18.03
N GLN B 130 21.05 -0.88 19.04
CA GLN B 130 20.31 -1.55 20.12
C GLN B 130 19.46 -0.56 20.90
N SER B 131 19.96 0.68 21.02
CA SER B 131 19.25 1.77 21.71
C SER B 131 18.03 2.22 20.90
N VAL B 132 18.18 2.30 19.58
CA VAL B 132 17.09 2.69 18.68
C VAL B 132 15.99 1.62 18.73
N PHE B 133 16.41 0.36 18.59
CA PHE B 133 15.50 -0.79 18.58
C PHE B 133 14.75 -1.07 19.88
N ARG B 134 15.33 -0.70 21.03
CA ARG B 134 14.65 -0.92 22.31
C ARG B 134 13.72 0.23 22.72
N GLY B 135 13.75 1.32 21.94
CA GLY B 135 12.88 2.44 22.22
C GLY B 135 13.44 3.60 23.02
N GLU B 136 14.77 3.67 23.13
CA GLU B 136 15.40 4.79 23.84
C GLU B 136 15.20 6.06 23.02
N ARG B 137 15.12 7.19 23.71
CA ARG B 137 14.89 8.49 23.09
C ARG B 137 16.15 9.05 22.42
N VAL B 138 16.53 8.39 21.32
CA VAL B 138 17.72 8.72 20.52
C VAL B 138 17.57 10.02 19.70
N ASN B 139 16.33 10.40 19.45
CA ASN B 139 16.03 11.67 18.75
C ASN B 139 16.06 12.70 19.90
N THR B 140 17.27 13.09 20.27
CA THR B 140 17.55 13.96 21.41
C THR B 140 17.01 15.39 21.38
N THR B 141 16.92 15.98 20.19
CA THR B 141 16.45 17.36 20.07
C THR B 141 14.95 17.49 20.37
N GLU B 142 14.22 16.42 20.05
CA GLU B 142 12.77 16.35 20.26
C GLU B 142 12.42 15.42 21.44
N ASN B 143 13.44 14.75 22.00
CA ASN B 143 13.31 13.80 23.12
C ASN B 143 12.24 12.72 22.83
N ARG B 144 12.38 12.09 21.66
CA ARG B 144 11.45 11.09 21.18
C ARG B 144 12.11 9.78 20.77
N PRO B 145 11.38 8.64 20.89
CA PRO B 145 11.98 7.36 20.47
C PRO B 145 11.92 7.35 18.93
N VAL B 146 12.61 6.41 18.30
CA VAL B 146 12.63 6.27 16.85
C VAL B 146 12.28 4.81 16.63
N LEU B 147 10.98 4.58 16.44
CA LEU B 147 10.49 3.22 16.31
C LEU B 147 9.70 2.78 15.09
N HIS B 148 10.20 3.14 13.91
CA HIS B 148 9.55 2.67 12.69
C HIS B 148 9.72 1.14 12.56
N ILE B 149 10.71 0.58 13.26
CA ILE B 149 10.96 -0.87 13.26
C ILE B 149 9.84 -1.61 14.00
N ALA B 150 9.17 -0.91 14.92
CA ALA B 150 8.07 -1.48 15.70
C ALA B 150 6.83 -1.71 14.83
N LEU B 151 6.67 -0.86 13.81
CA LEU B 151 5.54 -0.95 12.88
C LEU B 151 5.51 -2.22 12.05
N ARG B 152 6.68 -2.79 11.81
CA ARG B 152 6.83 -4.00 11.03
C ARG B 152 7.40 -5.17 11.85
N ASN B 153 7.30 -5.08 13.18
CA ASN B 153 7.83 -6.11 14.07
C ASN B 153 6.90 -7.34 14.09
N ARG B 154 7.10 -8.21 13.09
CA ARG B 154 6.31 -9.42 12.91
C ARG B 154 6.49 -10.48 13.99
N SER B 155 7.63 -10.44 14.67
CA SER B 155 7.93 -11.39 15.75
C SER B 155 7.05 -11.09 16.98
N ASN B 156 6.58 -9.84 17.03
CA ASN B 156 5.74 -9.29 18.08
C ASN B 156 6.38 -9.28 19.47
N ARG B 157 7.72 -9.28 19.49
CA ARG B 157 8.49 -9.23 20.73
C ARG B 157 8.19 -7.83 21.32
N PRO B 158 8.04 -7.73 22.65
CA PRO B 158 7.74 -6.43 23.24
C PRO B 158 8.79 -5.31 23.12
N ILE B 159 8.29 -4.13 22.79
CA ILE B 159 9.10 -2.90 22.64
C ILE B 159 8.40 -1.85 23.51
N TYR B 160 9.10 -1.38 24.53
CA TYR B 160 8.55 -0.43 25.51
C TYR B 160 8.83 1.06 25.35
N VAL B 161 7.76 1.84 25.55
CA VAL B 161 7.78 3.32 25.53
C VAL B 161 6.87 3.67 26.72
N ASP B 162 7.42 4.46 27.65
CA ASP B 162 6.74 4.91 28.89
C ASP B 162 6.33 3.71 29.78
N GLY B 163 7.11 2.63 29.68
CA GLY B 163 6.86 1.41 30.43
C GLY B 163 5.71 0.54 29.91
N LYS B 164 5.27 0.85 28.69
CA LYS B 164 4.16 0.17 28.04
C LYS B 164 4.58 -0.38 26.68
N ASP B 165 4.24 -1.64 26.41
CA ASP B 165 4.53 -2.32 25.13
C ASP B 165 3.68 -1.63 24.05
N VAL B 166 4.35 -1.21 22.97
CA VAL B 166 3.68 -0.54 21.86
C VAL B 166 3.04 -1.46 20.83
N MET B 167 3.40 -2.74 20.87
CA MET B 167 2.87 -3.71 19.92
C MET B 167 1.34 -3.89 19.87
N PRO B 168 0.63 -3.86 21.04
CA PRO B 168 -0.84 -4.01 20.95
C PRO B 168 -1.49 -2.87 20.15
N ALA B 169 -0.94 -1.67 20.31
CA ALA B 169 -1.42 -0.47 19.60
C ALA B 169 -1.11 -0.53 18.11
N VAL B 170 0.09 -1.03 17.77
CA VAL B 170 0.52 -1.18 16.37
C VAL B 170 -0.38 -2.17 15.63
N ASN B 171 -0.60 -3.31 16.27
CA ASN B 171 -1.43 -4.38 15.69
C ASN B 171 -2.91 -4.06 15.64
N LYS B 172 -3.39 -3.20 16.55
CA LYS B 172 -4.81 -2.79 16.57
C LYS B 172 -5.10 -1.95 15.34
N VAL B 173 -4.16 -1.06 14.98
CA VAL B 173 -4.32 -0.21 13.81
C VAL B 173 -4.21 -1.04 12.52
N LEU B 174 -3.30 -2.03 12.50
CA LEU B 174 -3.15 -2.91 11.33
C LEU B 174 -4.43 -3.73 11.08
N ASP B 175 -5.12 -4.10 12.16
CA ASP B 175 -6.38 -4.85 12.08
C ASP B 175 -7.49 -3.94 11.56
N GLN B 176 -7.47 -2.68 12.00
CA GLN B 176 -8.44 -1.66 11.60
C GLN B 176 -8.27 -1.39 10.10
N MET B 177 -7.01 -1.33 9.66
CA MET B 177 -6.64 -1.11 8.25
C MET B 177 -7.10 -2.29 7.40
N ARG B 178 -6.95 -3.51 7.94
CA ARG B 178 -7.36 -4.74 7.24
C ARG B 178 -8.87 -4.72 6.97
N SER B 179 -9.65 -4.47 8.02
CA SER B 179 -11.11 -4.43 7.95
C SER B 179 -11.62 -3.37 6.98
N PHE B 180 -11.10 -2.15 7.11
CA PHE B 180 -11.50 -1.05 6.25
C PHE B 180 -11.09 -1.24 4.79
N SER B 181 -9.83 -1.62 4.56
CA SER B 181 -9.33 -1.83 3.21
C SER B 181 -10.13 -2.90 2.49
N GLU B 182 -10.56 -3.93 3.23
CA GLU B 182 -11.37 -5.00 2.67
C GLU B 182 -12.75 -4.51 2.27
N LYS B 183 -13.35 -3.64 3.09
CA LYS B 183 -14.67 -3.07 2.80
C LYS B 183 -14.63 -2.22 1.52
N VAL B 184 -13.54 -1.48 1.34
CA VAL B 184 -13.34 -0.63 0.15
C VAL B 184 -13.12 -1.48 -1.12
N ARG B 185 -12.18 -2.42 -1.03
CA ARG B 185 -11.80 -3.30 -2.14
C ARG B 185 -12.92 -4.21 -2.66
N THR B 186 -13.72 -4.75 -1.76
CA THR B 186 -14.81 -5.65 -2.11
C THR B 186 -16.08 -4.95 -2.59
N GLY B 187 -16.11 -3.63 -2.44
CA GLY B 187 -17.25 -2.84 -2.85
C GLY B 187 -18.32 -2.68 -1.79
N GLU B 188 -18.04 -3.16 -0.57
CA GLU B 188 -18.98 -3.08 0.56
C GLU B 188 -19.12 -1.65 1.09
N TRP B 189 -18.02 -0.88 1.08
CA TRP B 189 -18.04 0.52 1.52
C TRP B 189 -18.69 1.36 0.42
N LYS B 190 -19.79 2.01 0.78
CA LYS B 190 -20.54 2.82 -0.17
C LYS B 190 -20.39 4.32 0.04
N GLY B 191 -20.50 5.05 -1.07
CA GLY B 191 -20.48 6.50 -1.04
C GLY B 191 -21.87 6.96 -0.62
N HIS B 192 -22.07 8.27 -0.51
CA HIS B 192 -23.35 8.84 -0.08
C HIS B 192 -24.58 8.47 -0.92
N THR B 193 -24.38 8.22 -2.20
CA THR B 193 -25.46 7.86 -3.11
C THR B 193 -25.54 6.36 -3.37
N GLY B 194 -24.81 5.58 -2.56
CA GLY B 194 -24.82 4.13 -2.66
C GLY B 194 -23.86 3.45 -3.63
N LYS B 195 -22.94 4.20 -4.22
CA LYS B 195 -21.98 3.62 -5.17
C LYS B 195 -20.75 3.06 -4.47
N ALA B 196 -20.20 1.99 -5.04
CA ALA B 196 -18.97 1.37 -4.54
C ALA B 196 -17.81 2.33 -4.88
N ILE B 197 -16.74 2.28 -4.08
CA ILE B 197 -15.58 3.15 -4.30
C ILE B 197 -14.74 2.71 -5.51
N ARG B 198 -14.52 3.67 -6.42
CA ARG B 198 -13.74 3.44 -7.64
C ARG B 198 -12.49 4.31 -7.67
N HIS B 199 -12.52 5.40 -6.89
CA HIS B 199 -11.39 6.35 -6.83
C HIS B 199 -10.96 6.56 -5.39
N VAL B 200 -9.65 6.47 -5.16
CA VAL B 200 -9.07 6.64 -3.84
C VAL B 200 -8.09 7.83 -3.97
N VAL B 201 -8.39 8.90 -3.25
CA VAL B 201 -7.59 10.12 -3.30
C VAL B 201 -6.87 10.38 -1.97
N ASN B 202 -5.55 10.24 -1.98
CA ASN B 202 -4.73 10.49 -0.81
C ASN B 202 -4.37 11.98 -0.83
N ILE B 203 -4.62 12.65 0.29
CA ILE B 203 -4.33 14.07 0.45
C ILE B 203 -3.27 14.16 1.56
N GLY B 204 -2.06 14.53 1.17
CA GLY B 204 -0.97 14.65 2.13
C GLY B 204 0.29 15.10 1.42
N ILE B 205 1.29 15.54 2.16
CA ILE B 205 2.53 16.02 1.56
C ILE B 205 3.76 15.45 2.26
N GLY B 206 4.87 15.33 1.50
CA GLY B 206 6.13 14.81 2.02
C GLY B 206 6.05 13.38 2.49
N GLY B 207 6.24 13.19 3.79
CA GLY B 207 6.18 11.85 4.38
C GLY B 207 4.80 11.23 4.33
N SER B 208 3.79 12.07 4.12
CA SER B 208 2.40 11.63 4.02
C SER B 208 1.97 11.52 2.55
N ASP B 209 2.96 11.44 1.64
CA ASP B 209 2.72 11.36 0.20
C ASP B 209 3.71 10.46 -0.55
N LEU B 210 5.01 10.75 -0.41
CA LEU B 210 6.05 10.01 -1.13
C LEU B 210 6.10 8.50 -0.98
N GLY B 211 5.88 8.01 0.25
CA GLY B 211 5.85 6.57 0.52
C GLY B 211 4.69 5.94 -0.23
N PRO B 212 3.45 6.44 -0.02
CA PRO B 212 2.27 5.93 -0.72
C PRO B 212 2.41 5.94 -2.25
N VAL B 213 2.97 7.02 -2.79
CA VAL B 213 3.21 7.15 -4.25
C VAL B 213 4.22 6.09 -4.72
N MET B 214 5.39 6.07 -4.09
CA MET B 214 6.46 5.15 -4.45
C MET B 214 6.06 3.69 -4.38
N ALA B 215 5.43 3.30 -3.27
CA ALA B 215 5.01 1.92 -3.05
C ALA B 215 3.89 1.45 -3.96
N THR B 216 2.90 2.30 -4.22
CA THR B 216 1.80 1.91 -5.11
C THR B 216 2.26 1.80 -6.56
N GLU B 217 3.25 2.63 -6.94
CA GLU B 217 3.81 2.58 -8.28
C GLU B 217 4.71 1.33 -8.41
N ALA B 218 5.48 1.06 -7.36
CA ALA B 218 6.39 -0.08 -7.32
C ALA B 218 5.70 -1.42 -7.34
N LEU B 219 4.56 -1.48 -6.67
CA LEU B 219 3.78 -2.70 -6.53
C LEU B 219 2.49 -2.78 -7.35
N LYS B 220 2.49 -2.08 -8.48
CA LYS B 220 1.35 -2.08 -9.39
C LYS B 220 0.90 -3.48 -9.90
N PRO B 221 1.85 -4.45 -10.11
CA PRO B 221 1.39 -5.78 -10.58
C PRO B 221 0.52 -6.52 -9.56
N PHE B 222 0.66 -6.14 -8.30
CA PHE B 222 -0.03 -6.74 -7.17
C PHE B 222 -1.27 -5.94 -6.74
N SER B 223 -1.63 -4.96 -7.56
CA SER B 223 -2.77 -4.09 -7.27
C SER B 223 -4.11 -4.52 -7.82
N GLN B 224 -5.17 -3.98 -7.23
CA GLN B 224 -6.53 -4.22 -7.68
C GLN B 224 -6.73 -3.11 -8.71
N ARG B 225 -6.74 -3.52 -9.98
CA ARG B 225 -6.85 -2.61 -11.12
C ARG B 225 -8.09 -1.73 -11.29
N ASP B 226 -9.22 -2.14 -10.70
CA ASP B 226 -10.46 -1.34 -10.81
C ASP B 226 -10.55 -0.16 -9.84
N LEU B 227 -9.51 0.01 -9.03
CA LEU B 227 -9.41 1.11 -8.07
C LEU B 227 -8.36 2.09 -8.56
N SER B 228 -8.79 3.31 -8.89
CA SER B 228 -7.88 4.35 -9.37
C SER B 228 -7.34 5.16 -8.21
N LEU B 229 -6.01 5.24 -8.13
CA LEU B 229 -5.32 5.98 -7.06
C LEU B 229 -4.90 7.37 -7.53
N HIS B 230 -5.19 8.37 -6.70
CA HIS B 230 -4.84 9.77 -6.99
C HIS B 230 -4.12 10.33 -5.77
N PHE B 231 -3.11 11.15 -6.01
CA PHE B 231 -2.31 11.74 -4.94
C PHE B 231 -2.25 13.26 -5.01
N VAL B 232 -3.01 13.92 -4.14
CA VAL B 232 -3.05 15.38 -4.04
C VAL B 232 -2.07 15.75 -2.93
N SER B 233 -1.03 16.52 -3.30
CA SER B 233 -0.01 16.92 -2.34
C SER B 233 0.31 18.39 -2.33
N ASN B 234 0.58 18.93 -3.52
CA ASN B 234 0.92 20.34 -3.69
C ASN B 234 -0.27 21.24 -3.35
N VAL B 235 0.01 22.40 -2.75
CA VAL B 235 -1.06 23.35 -2.44
C VAL B 235 -1.45 24.09 -3.73
N ASP B 236 -0.60 24.01 -4.76
CA ASP B 236 -0.90 24.59 -6.07
C ASP B 236 -2.29 24.07 -6.45
N GLY B 237 -3.23 24.99 -6.66
CA GLY B 237 -4.61 24.66 -7.01
C GLY B 237 -4.79 23.65 -8.11
N THR B 238 -3.78 23.56 -8.97
CA THR B 238 -3.72 22.63 -10.08
C THR B 238 -3.86 21.17 -9.64
N HIS B 239 -3.21 20.80 -8.53
CA HIS B 239 -3.24 19.43 -8.04
C HIS B 239 -4.64 18.92 -7.70
N ILE B 240 -5.39 19.68 -6.90
CA ILE B 240 -6.75 19.28 -6.54
C ILE B 240 -7.70 19.46 -7.74
N ALA B 241 -7.47 20.49 -8.56
CA ALA B 241 -8.32 20.75 -9.73
C ALA B 241 -8.28 19.63 -10.78
N GLU B 242 -7.08 19.13 -11.09
CA GLU B 242 -6.95 18.04 -12.06
C GLU B 242 -7.50 16.71 -11.56
N VAL B 243 -7.45 16.51 -10.24
CA VAL B 243 -8.00 15.30 -9.63
C VAL B 243 -9.54 15.38 -9.65
N LEU B 244 -10.09 16.58 -9.39
CA LEU B 244 -11.55 16.76 -9.42
C LEU B 244 -12.13 16.57 -10.83
N LYS B 245 -11.32 16.85 -11.84
CA LYS B 245 -11.68 16.68 -13.25
C LYS B 245 -11.60 15.21 -13.71
N SER B 246 -10.85 14.41 -12.95
CA SER B 246 -10.62 13.00 -13.25
C SER B 246 -11.50 12.00 -12.48
N ILE B 247 -12.07 12.41 -11.39
CA ILE B 247 -12.85 11.48 -10.55
C ILE B 247 -14.37 11.66 -10.68
N ASP B 248 -15.02 10.62 -10.18
CA ASP B 248 -16.47 10.50 -10.00
C ASP B 248 -16.65 10.57 -8.48
N ILE B 249 -16.81 11.79 -8.02
CA ILE B 249 -16.84 12.12 -6.59
C ILE B 249 -17.83 11.26 -5.76
N GLU B 250 -18.86 10.75 -6.43
CA GLU B 250 -19.86 9.90 -5.75
C GLU B 250 -19.25 8.56 -5.34
N ALA B 251 -18.23 8.16 -6.09
CA ALA B 251 -17.51 6.90 -5.89
C ALA B 251 -16.07 7.17 -5.45
N THR B 252 -15.87 8.26 -4.71
CA THR B 252 -14.52 8.62 -4.27
C THR B 252 -14.33 8.63 -2.76
N LEU B 253 -13.23 8.02 -2.33
CA LEU B 253 -12.84 8.00 -0.94
C LEU B 253 -11.63 8.94 -0.83
N PHE B 254 -11.74 9.93 0.06
CA PHE B 254 -10.67 10.87 0.31
C PHE B 254 -9.98 10.46 1.60
N ILE B 255 -8.65 10.35 1.54
CA ILE B 255 -7.84 9.96 2.69
C ILE B 255 -6.96 11.17 3.06
N VAL B 256 -7.21 11.76 4.23
CA VAL B 256 -6.42 12.90 4.68
C VAL B 256 -5.28 12.38 5.57
N ALA B 257 -4.08 12.39 5.00
CA ALA B 257 -2.88 11.89 5.66
C ALA B 257 -2.00 13.03 6.15
N SER B 258 -1.86 13.11 7.47
CA SER B 258 -1.06 14.16 8.08
C SER B 258 -0.77 13.86 9.54
N LYS B 259 0.51 13.76 9.89
CA LYS B 259 0.95 13.47 11.27
C LYS B 259 0.43 14.49 12.29
N THR B 260 0.64 15.75 11.97
CA THR B 260 0.23 16.87 12.81
C THR B 260 -1.23 17.28 12.61
N PHE B 261 -1.71 17.10 11.38
CA PHE B 261 -3.07 17.48 10.94
C PHE B 261 -3.22 19.01 10.97
N THR B 262 -2.09 19.70 10.83
CA THR B 262 -2.04 21.16 10.82
C THR B 262 -1.25 21.73 9.64
N THR B 263 -0.59 20.85 8.87
CA THR B 263 0.21 21.26 7.70
C THR B 263 -0.66 22.05 6.72
N GLN B 264 -0.24 23.29 6.43
CA GLN B 264 -1.00 24.19 5.57
C GLN B 264 -1.46 23.62 4.23
N GLU B 265 -0.56 22.96 3.51
CA GLU B 265 -0.87 22.36 2.21
C GLU B 265 -1.99 21.33 2.26
N THR B 266 -1.86 20.42 3.23
CA THR B 266 -2.80 19.32 3.43
C THR B 266 -4.18 19.75 3.90
N ILE B 267 -4.22 20.68 4.86
CA ILE B 267 -5.49 21.18 5.37
C ILE B 267 -6.22 22.00 4.30
N THR B 268 -5.48 22.79 3.53
CA THR B 268 -6.06 23.61 2.45
C THR B 268 -6.67 22.70 1.39
N ASN B 269 -5.94 21.64 1.03
CA ASN B 269 -6.40 20.67 0.04
C ASN B 269 -7.60 19.86 0.56
N ALA B 270 -7.53 19.46 1.83
CA ALA B 270 -8.60 18.70 2.49
C ALA B 270 -9.90 19.50 2.56
N LEU B 271 -9.78 20.80 2.86
CA LEU B 271 -10.93 21.71 2.93
C LEU B 271 -11.57 21.89 1.55
N SER B 272 -10.74 21.93 0.50
CA SER B 272 -11.23 22.09 -0.86
C SER B 272 -11.91 20.83 -1.38
N ALA B 273 -11.41 19.68 -0.94
CA ALA B 273 -11.97 18.38 -1.31
C ALA B 273 -13.32 18.21 -0.62
N ARG B 274 -13.40 18.68 0.62
CA ARG B 274 -14.64 18.61 1.41
C ARG B 274 -15.69 19.53 0.82
N ARG B 275 -15.24 20.72 0.39
CA ARG B 275 -16.12 21.71 -0.23
C ARG B 275 -16.65 21.16 -1.56
N ALA B 276 -15.81 20.41 -2.27
CA ALA B 276 -16.17 19.81 -3.55
C ALA B 276 -17.27 18.76 -3.43
N LEU B 277 -17.17 17.92 -2.38
CA LEU B 277 -18.16 16.88 -2.13
C LEU B 277 -19.53 17.51 -1.83
N LEU B 278 -19.53 18.50 -0.93
CA LEU B 278 -20.75 19.18 -0.54
C LEU B 278 -21.35 20.01 -1.68
N ASP B 279 -20.49 20.61 -2.51
CA ASP B 279 -20.93 21.40 -3.67
C ASP B 279 -21.60 20.52 -4.71
N TYR B 280 -21.06 19.32 -4.92
CA TYR B 280 -21.63 18.38 -5.89
C TYR B 280 -23.02 17.93 -5.48
N LEU B 281 -23.14 17.52 -4.21
CA LEU B 281 -24.42 17.07 -3.66
C LEU B 281 -25.46 18.17 -3.68
N ARG B 282 -25.04 19.40 -3.35
CA ARG B 282 -25.94 20.56 -3.33
C ARG B 282 -26.40 20.94 -4.73
N SER B 283 -25.53 20.76 -5.73
CA SER B 283 -25.85 21.09 -7.12
C SER B 283 -26.89 20.16 -7.73
N ARG B 284 -27.01 18.97 -7.15
CA ARG B 284 -27.96 17.96 -7.60
C ARG B 284 -29.15 17.84 -6.65
N GLY B 285 -29.24 18.76 -5.69
CA GLY B 285 -30.34 18.79 -4.73
C GLY B 285 -30.40 17.62 -3.75
N ILE B 286 -29.26 16.98 -3.54
CA ILE B 286 -29.16 15.82 -2.64
C ILE B 286 -28.78 16.27 -1.23
N ASP B 287 -29.47 15.70 -0.22
CA ASP B 287 -29.22 16.01 1.18
C ASP B 287 -27.81 15.54 1.57
N GLU B 288 -27.03 16.47 2.12
CA GLU B 288 -25.64 16.24 2.50
C GLU B 288 -25.34 15.61 3.86
N LYS B 289 -26.35 15.49 4.74
CA LYS B 289 -26.15 14.94 6.09
C LYS B 289 -25.55 13.53 6.14
N GLY B 290 -24.39 13.43 6.79
CA GLY B 290 -23.69 12.17 6.95
C GLY B 290 -22.77 11.78 5.81
N SER B 291 -22.62 12.65 4.81
CA SER B 291 -21.77 12.38 3.65
C SER B 291 -20.27 12.34 3.90
N VAL B 292 -19.80 13.24 4.76
CA VAL B 292 -18.37 13.34 5.10
C VAL B 292 -17.85 12.06 5.77
N ALA B 293 -18.70 11.43 6.58
CA ALA B 293 -18.38 10.19 7.30
C ALA B 293 -18.21 8.97 6.38
N LYS B 294 -18.74 9.08 5.17
CA LYS B 294 -18.67 8.01 4.18
C LYS B 294 -17.56 8.24 3.16
N HIS B 295 -17.20 9.51 2.96
CA HIS B 295 -16.18 9.87 1.96
C HIS B 295 -14.82 10.28 2.49
N PHE B 296 -14.70 10.52 3.79
CA PHE B 296 -13.43 10.96 4.39
C PHE B 296 -12.94 10.15 5.56
N VAL B 297 -11.65 9.82 5.52
CA VAL B 297 -10.96 9.11 6.61
C VAL B 297 -9.68 9.88 6.86
N ALA B 298 -9.10 9.69 8.06
CA ALA B 298 -7.88 10.39 8.44
C ALA B 298 -6.80 9.49 9.01
N LEU B 299 -5.55 9.78 8.62
CA LEU B 299 -4.37 9.05 9.09
C LEU B 299 -3.59 10.13 9.85
N SER B 300 -3.60 10.05 11.18
CA SER B 300 -2.97 11.07 12.01
C SER B 300 -2.60 10.64 13.43
N THR B 301 -1.98 11.57 14.16
CA THR B 301 -1.61 11.37 15.56
C THR B 301 -2.45 12.36 16.38
N ASN B 302 -3.00 13.36 15.70
CA ASN B 302 -3.78 14.43 16.32
C ASN B 302 -5.29 14.16 16.30
N ASN B 303 -5.76 13.51 17.37
CA ASN B 303 -7.17 13.15 17.53
C ASN B 303 -8.12 14.34 17.58
N GLN B 304 -7.66 15.42 18.21
CA GLN B 304 -8.43 16.66 18.36
C GLN B 304 -8.70 17.39 17.04
N LYS B 305 -7.65 17.54 16.22
CA LYS B 305 -7.78 18.23 14.92
C LYS B 305 -8.57 17.44 13.88
N VAL B 306 -8.59 16.11 14.03
CA VAL B 306 -9.34 15.21 13.15
C VAL B 306 -10.83 15.38 13.46
N LYS B 307 -11.15 15.50 14.75
CA LYS B 307 -12.52 15.69 15.22
C LYS B 307 -13.05 17.07 14.81
N GLU B 308 -12.18 18.09 14.89
CA GLU B 308 -12.51 19.47 14.52
C GLU B 308 -12.77 19.65 13.02
N PHE B 309 -12.26 18.71 12.22
CA PHE B 309 -12.44 18.71 10.77
C PHE B 309 -13.80 18.10 10.40
N GLY B 310 -14.30 17.21 11.25
CA GLY B 310 -15.58 16.57 11.00
C GLY B 310 -15.52 15.09 10.69
N ILE B 311 -14.34 14.49 10.84
CA ILE B 311 -14.16 13.07 10.60
C ILE B 311 -14.43 12.29 11.89
N ASP B 312 -15.19 11.21 11.74
CA ASP B 312 -15.56 10.31 12.84
C ASP B 312 -14.33 9.64 13.47
N GLU B 313 -14.40 9.39 14.77
CA GLU B 313 -13.33 8.74 15.54
C GLU B 313 -13.03 7.33 15.03
N GLU B 314 -14.08 6.64 14.58
CA GLU B 314 -14.01 5.28 14.04
C GLU B 314 -13.28 5.26 12.69
N ASN B 315 -13.25 6.41 12.03
CA ASN B 315 -12.61 6.57 10.74
C ASN B 315 -11.23 7.25 10.81
N MET B 316 -10.65 7.23 12.01
CA MET B 316 -9.31 7.79 12.21
C MET B 316 -8.35 6.63 12.48
N PHE B 317 -7.29 6.57 11.66
CA PHE B 317 -6.25 5.55 11.76
C PHE B 317 -5.04 6.21 12.41
N GLN B 318 -4.82 5.79 13.66
CA GLN B 318 -3.78 6.30 14.53
C GLN B 318 -2.37 5.76 14.28
N PHE B 319 -1.43 6.68 14.50
CA PHE B 319 0.02 6.40 14.50
C PHE B 319 0.63 7.34 15.55
N TRP B 320 1.91 7.14 15.86
CA TRP B 320 2.51 7.83 17.01
C TRP B 320 3.68 8.74 16.68
N ASP B 321 4.05 9.56 17.67
CA ASP B 321 5.13 10.54 17.55
C ASP B 321 6.50 9.93 17.24
N TRP B 322 6.68 8.66 17.59
CA TRP B 322 7.95 7.97 17.32
C TRP B 322 8.07 7.46 15.89
N VAL B 323 7.05 7.77 15.08
CA VAL B 323 7.03 7.39 13.67
C VAL B 323 7.34 8.69 12.91
N GLY B 324 8.55 8.79 12.35
CA GLY B 324 8.91 9.97 11.58
C GLY B 324 8.16 9.93 10.25
N GLY B 325 7.81 11.09 9.71
CA GLY B 325 7.08 11.14 8.44
C GLY B 325 7.77 10.40 7.29
N ARG B 326 9.07 10.59 7.14
CA ARG B 326 9.85 9.93 6.08
C ARG B 326 10.13 8.46 6.39
N TYR B 327 9.55 7.97 7.48
CA TYR B 327 9.66 6.57 7.93
C TYR B 327 8.26 6.05 8.30
N SER B 328 7.22 6.65 7.71
CA SER B 328 5.83 6.31 8.04
C SER B 328 5.02 5.44 7.10
N MET B 329 5.58 5.00 5.98
CA MET B 329 4.81 4.19 5.02
C MET B 329 4.34 2.85 5.59
N TRP B 330 4.99 2.44 6.68
CA TRP B 330 4.72 1.19 7.37
C TRP B 330 3.57 1.26 8.36
N SER B 331 3.17 2.48 8.69
CA SER B 331 2.10 2.75 9.65
C SER B 331 0.76 2.92 8.96
N ALA B 332 -0.13 3.65 9.65
CA ALA B 332 -1.46 4.00 9.17
C ALA B 332 -1.37 4.78 7.85
N ILE B 333 -0.23 5.49 7.65
CA ILE B 333 0.05 6.27 6.44
C ILE B 333 0.03 5.37 5.19
N GLY B 334 0.30 4.09 5.42
CA GLY B 334 0.30 3.10 4.37
C GLY B 334 -1.07 2.58 3.98
N LEU B 335 -2.15 3.20 4.49
CA LEU B 335 -3.52 2.75 4.14
C LEU B 335 -3.79 2.75 2.62
N PRO B 336 -3.39 3.82 1.86
CA PRO B 336 -3.65 3.76 0.42
C PRO B 336 -2.87 2.62 -0.28
N ILE B 337 -1.73 2.21 0.31
CA ILE B 337 -0.93 1.10 -0.23
C ILE B 337 -1.72 -0.18 0.01
N MET B 338 -2.24 -0.34 1.23
CA MET B 338 -3.03 -1.52 1.58
C MET B 338 -4.33 -1.61 0.77
N ILE B 339 -4.95 -0.47 0.47
CA ILE B 339 -6.19 -0.46 -0.33
C ILE B 339 -5.86 -0.91 -1.77
N SER B 340 -4.70 -0.51 -2.25
CA SER B 340 -4.27 -0.88 -3.60
C SER B 340 -3.84 -2.34 -3.74
N ILE B 341 -2.97 -2.80 -2.83
CA ILE B 341 -2.43 -4.16 -2.90
C ILE B 341 -3.03 -5.25 -2.01
N GLY B 342 -3.84 -4.84 -1.03
CA GLY B 342 -4.46 -5.80 -0.12
C GLY B 342 -3.64 -6.08 1.12
N TYR B 343 -4.33 -6.52 2.18
CA TYR B 343 -3.72 -6.84 3.46
C TYR B 343 -2.54 -7.81 3.39
N GLU B 344 -2.75 -8.95 2.73
CA GLU B 344 -1.74 -10.00 2.59
C GLU B 344 -0.43 -9.49 2.00
N ASN B 345 -0.54 -8.65 0.96
CA ASN B 345 0.63 -8.07 0.29
C ASN B 345 1.27 -6.97 1.15
N PHE B 346 0.47 -6.28 1.95
CA PHE B 346 0.99 -5.24 2.84
C PHE B 346 1.79 -5.92 3.96
N VAL B 347 1.32 -7.09 4.41
CA VAL B 347 2.02 -7.87 5.44
C VAL B 347 3.35 -8.34 4.88
N GLU B 348 3.37 -8.68 3.59
CA GLU B 348 4.61 -9.11 2.92
C GLU B 348 5.59 -7.94 2.87
N LEU B 349 5.07 -6.73 2.63
CA LEU B 349 5.87 -5.49 2.59
C LEU B 349 6.52 -5.25 3.97
N LEU B 350 5.71 -5.40 5.03
CA LEU B 350 6.17 -5.24 6.40
C LEU B 350 7.21 -6.31 6.78
N THR B 351 6.97 -7.54 6.32
CA THR B 351 7.85 -8.68 6.58
C THR B 351 9.21 -8.52 5.94
N GLY B 352 9.25 -7.93 4.75
CA GLY B 352 10.52 -7.68 4.06
C GLY B 352 11.39 -6.73 4.85
N ALA B 353 10.73 -5.72 5.43
CA ALA B 353 11.42 -4.75 6.25
C ALA B 353 11.92 -5.38 7.54
N HIS B 354 11.09 -6.25 8.13
CA HIS B 354 11.42 -6.95 9.37
C HIS B 354 12.64 -7.85 9.20
N VAL B 355 12.71 -8.57 8.07
CA VAL B 355 13.83 -9.47 7.78
C VAL B 355 15.14 -8.68 7.72
N ILE B 356 15.09 -7.48 7.14
CA ILE B 356 16.27 -6.63 7.05
C ILE B 356 16.58 -5.97 8.40
N ASP B 357 15.56 -5.72 9.22
CA ASP B 357 15.75 -5.13 10.56
C ASP B 357 16.53 -6.14 11.41
N GLU B 358 16.15 -7.41 11.30
CA GLU B 358 16.80 -8.50 12.02
C GLU B 358 18.22 -8.75 11.52
N HIS B 359 18.40 -8.66 10.20
CA HIS B 359 19.71 -8.82 9.57
C HIS B 359 20.64 -7.69 10.06
N PHE B 360 20.13 -6.47 10.04
CA PHE B 360 20.89 -5.28 10.45
C PHE B 360 21.34 -5.32 11.92
N ALA B 361 20.44 -5.74 12.80
CA ALA B 361 20.73 -5.81 14.23
C ALA B 361 21.59 -7.00 14.66
N ASN B 362 21.57 -8.09 13.90
CA ASN B 362 22.29 -9.31 14.32
C ASN B 362 23.43 -9.83 13.45
N ALA B 363 23.50 -9.41 12.19
CA ALA B 363 24.54 -9.89 11.28
C ALA B 363 25.92 -9.34 11.61
N PRO B 364 26.99 -10.17 11.45
CA PRO B 364 28.36 -9.71 11.74
C PRO B 364 28.65 -8.51 10.82
N PRO B 365 29.43 -7.52 11.30
CA PRO B 365 29.75 -6.32 10.51
C PRO B 365 30.30 -6.50 9.11
N GLU B 366 31.18 -7.47 8.92
CA GLU B 366 31.74 -7.70 7.58
C GLU B 366 30.72 -8.31 6.62
N GLN B 367 29.54 -8.69 7.13
CA GLN B 367 28.46 -9.28 6.33
C GLN B 367 27.11 -8.59 6.55
N ASN B 368 27.18 -7.34 7.03
CA ASN B 368 26.00 -6.52 7.33
C ASN B 368 25.78 -5.53 6.18
N VAL B 369 24.72 -5.76 5.40
CA VAL B 369 24.42 -4.95 4.21
C VAL B 369 24.23 -3.44 4.44
N PRO B 370 23.33 -3.02 5.37
CA PRO B 370 23.20 -1.57 5.54
C PRO B 370 24.43 -0.88 6.11
N LEU B 371 25.18 -1.60 6.95
CA LEU B 371 26.41 -1.05 7.54
C LEU B 371 27.47 -0.84 6.45
N LEU B 372 27.63 -1.84 5.58
CA LEU B 372 28.61 -1.77 4.48
C LEU B 372 28.27 -0.68 3.46
N LEU B 373 26.97 -0.54 3.15
CA LEU B 373 26.50 0.48 2.20
C LEU B 373 26.76 1.88 2.77
N ALA B 374 26.58 2.01 4.08
CA ALA B 374 26.82 3.25 4.79
C ALA B 374 28.29 3.63 4.86
N LEU B 375 29.14 2.64 5.12
CA LEU B 375 30.59 2.84 5.21
C LEU B 375 31.24 3.17 3.87
N VAL B 376 30.74 2.56 2.80
CA VAL B 376 31.23 2.81 1.43
C VAL B 376 30.87 4.28 1.11
N GLY B 377 29.69 4.71 1.58
CA GLY B 377 29.22 6.07 1.37
C GLY B 377 30.05 7.10 2.13
N VAL B 378 30.39 6.80 3.39
CA VAL B 378 31.22 7.67 4.24
C VAL B 378 32.62 7.82 3.63
N TRP B 379 33.11 6.73 3.01
CA TRP B 379 34.41 6.73 2.36
C TRP B 379 34.44 7.74 1.21
N TYR B 380 33.39 7.74 0.39
CA TYR B 380 33.31 8.66 -0.74
C TYR B 380 32.97 10.10 -0.39
N ILE B 381 32.10 10.29 0.59
CA ILE B 381 31.69 11.63 1.01
C ILE B 381 32.80 12.36 1.76
N ASN B 382 33.31 11.71 2.81
CA ASN B 382 34.32 12.33 3.67
C ASN B 382 35.78 12.27 3.27
N PHE B 383 36.16 11.29 2.45
CA PHE B 383 37.55 11.17 2.03
C PHE B 383 37.80 11.56 0.58
N PHE B 384 36.88 11.20 -0.31
CA PHE B 384 36.99 11.58 -1.72
C PHE B 384 36.34 12.93 -1.98
N GLY B 385 35.46 13.35 -1.07
CA GLY B 385 34.77 14.63 -1.21
C GLY B 385 33.63 14.62 -2.21
N ALA B 386 33.04 13.44 -2.45
CA ALA B 386 31.93 13.27 -3.38
C ALA B 386 30.64 13.65 -2.64
N VAL B 387 30.05 14.79 -3.02
CA VAL B 387 28.84 15.29 -2.38
C VAL B 387 27.52 14.88 -3.03
N THR B 388 27.58 14.08 -4.08
CA THR B 388 26.37 13.61 -4.76
C THR B 388 26.34 12.09 -4.76
N HIS B 389 25.14 11.52 -4.89
CA HIS B 389 24.93 10.08 -4.91
C HIS B 389 23.72 9.80 -5.80
N ALA B 390 23.90 8.95 -6.80
CA ALA B 390 22.83 8.60 -7.71
C ALA B 390 22.12 7.29 -7.38
N ILE B 391 20.80 7.32 -7.40
CA ILE B 391 19.96 6.15 -7.16
C ILE B 391 19.39 5.82 -8.54
N LEU B 392 19.85 4.72 -9.12
CA LEU B 392 19.46 4.30 -10.47
C LEU B 392 18.76 2.94 -10.51
N PRO B 393 17.43 2.93 -10.29
CA PRO B 393 16.70 1.66 -10.32
C PRO B 393 16.32 1.18 -11.70
N TYR B 394 16.83 0.01 -12.06
CA TYR B 394 16.51 -0.60 -13.33
C TYR B 394 15.26 -1.42 -13.20
N ASP B 395 14.15 -0.69 -13.06
CA ASP B 395 12.81 -1.22 -12.94
C ASP B 395 11.92 0.00 -13.08
N GLN B 396 11.09 0.01 -14.12
CA GLN B 396 10.18 1.12 -14.40
C GLN B 396 9.15 1.37 -13.29
N TYR B 397 8.76 0.31 -12.57
CA TYR B 397 7.82 0.45 -11.46
C TYR B 397 8.44 1.24 -10.30
N LEU B 398 9.77 1.20 -10.22
CA LEU B 398 10.52 1.92 -9.18
C LEU B 398 10.91 3.34 -9.60
N TRP B 399 10.19 3.91 -10.58
CA TRP B 399 10.50 5.25 -11.08
C TRP B 399 10.40 6.37 -10.03
N ARG B 400 9.63 6.11 -8.96
CA ARG B 400 9.49 7.09 -7.87
C ARG B 400 10.38 6.83 -6.66
N LEU B 401 11.23 5.80 -6.76
CA LEU B 401 12.17 5.46 -5.69
C LEU B 401 13.24 6.55 -5.46
N PRO B 402 13.80 7.16 -6.54
CA PRO B 402 14.81 8.21 -6.29
C PRO B 402 14.25 9.40 -5.49
N ALA B 403 13.02 9.82 -5.80
CA ALA B 403 12.37 10.92 -5.09
C ALA B 403 12.11 10.56 -3.62
N TYR B 404 11.76 9.29 -3.38
CA TYR B 404 11.52 8.81 -2.02
C TYR B 404 12.82 8.80 -1.20
N LEU B 405 13.89 8.26 -1.78
CA LEU B 405 15.19 8.20 -1.11
C LEU B 405 15.84 9.56 -0.94
N GLN B 406 15.40 10.50 -1.77
CA GLN B 406 15.84 11.89 -1.72
C GLN B 406 15.34 12.48 -0.40
N GLN B 407 14.09 12.19 -0.04
CA GLN B 407 13.56 12.67 1.23
C GLN B 407 14.20 11.93 2.39
N LEU B 408 14.22 10.60 2.30
CA LEU B 408 14.78 9.76 3.35
C LEU B 408 16.19 10.14 3.76
N ASP B 409 17.07 10.29 2.78
CA ASP B 409 18.46 10.62 3.03
C ASP B 409 18.70 12.10 3.32
N MET B 410 18.23 12.97 2.42
CA MET B 410 18.46 14.42 2.57
C MET B 410 17.78 15.10 3.75
N GLU B 411 16.56 14.69 4.08
CA GLU B 411 15.88 15.31 5.22
C GLU B 411 16.41 14.74 6.53
N SER B 412 16.92 13.52 6.50
CA SER B 412 17.47 12.90 7.69
C SER B 412 18.86 13.39 7.99
N ASN B 413 19.74 13.32 6.99
CA ASN B 413 21.13 13.68 7.17
C ASN B 413 21.66 15.01 6.67
N GLY B 414 20.75 15.89 6.26
CA GLY B 414 21.15 17.22 5.81
C GLY B 414 21.17 18.13 7.02
N LYS B 415 22.14 17.86 7.89
CA LYS B 415 22.30 18.57 9.16
C LYS B 415 23.73 19.07 9.36
N TYR B 416 23.88 20.13 10.15
CA TYR B 416 25.22 20.63 10.45
C TYR B 416 25.56 20.77 11.93
N VAL B 417 24.64 20.30 12.78
CA VAL B 417 24.82 20.34 14.23
C VAL B 417 24.75 18.91 14.79
N THR B 418 25.67 18.59 15.69
CA THR B 418 25.71 17.27 16.34
C THR B 418 24.69 17.21 17.47
N ARG B 419 24.41 16.01 17.98
CA ARG B 419 23.47 15.81 19.10
C ARG B 419 23.97 16.46 20.40
N SER B 420 25.28 16.69 20.46
CA SER B 420 25.92 17.33 21.62
C SER B 420 25.82 18.86 21.56
N GLY B 421 25.34 19.37 20.42
CA GLY B 421 25.19 20.81 20.24
C GLY B 421 26.34 21.55 19.58
N LYS B 422 27.26 20.81 18.96
CA LYS B 422 28.42 21.40 18.29
C LYS B 422 28.26 21.38 16.78
N THR B 423 29.00 22.24 16.07
CA THR B 423 28.94 22.26 14.62
C THR B 423 29.81 21.11 14.09
N VAL B 424 29.33 20.42 13.04
CA VAL B 424 30.08 19.30 12.47
C VAL B 424 31.38 19.76 11.81
N SER B 425 32.41 18.92 11.90
CA SER B 425 33.70 19.23 11.30
C SER B 425 33.92 18.44 10.02
N THR B 426 32.89 17.65 9.64
CA THR B 426 32.93 16.85 8.42
C THR B 426 31.69 17.14 7.59
N LEU B 427 31.72 16.71 6.33
CA LEU B 427 30.57 16.85 5.45
C LEU B 427 29.55 15.81 5.92
N THR B 428 28.27 16.13 5.76
CA THR B 428 27.23 15.21 6.15
C THR B 428 26.50 14.64 4.93
N GLY B 429 25.17 14.60 4.97
CA GLY B 429 24.38 14.04 3.89
C GLY B 429 24.62 14.58 2.48
N PRO B 430 24.68 13.69 1.47
CA PRO B 430 24.91 14.13 0.09
C PRO B 430 23.61 14.49 -0.64
N ILE B 431 23.75 15.05 -1.83
CA ILE B 431 22.59 15.37 -2.66
C ILE B 431 22.26 14.08 -3.40
N ILE B 432 21.00 13.67 -3.29
CA ILE B 432 20.52 12.45 -3.95
C ILE B 432 19.76 12.84 -5.21
N PHE B 433 19.99 12.10 -6.28
CA PHE B 433 19.31 12.30 -7.56
C PHE B 433 19.28 10.97 -8.32
N GLY B 434 18.52 10.97 -9.40
CA GLY B 434 18.41 9.79 -10.24
C GLY B 434 17.05 9.63 -10.88
N GLU B 435 17.03 8.71 -11.83
CA GLU B 435 15.87 8.33 -12.63
C GLU B 435 16.00 6.84 -12.95
N ALA B 436 14.88 6.22 -13.29
CA ALA B 436 14.84 4.80 -13.64
C ALA B 436 15.62 4.49 -14.91
N GLY B 437 16.42 3.41 -14.86
CA GLY B 437 17.20 2.92 -16.00
C GLY B 437 16.19 2.25 -16.95
N THR B 438 16.43 2.23 -18.27
CA THR B 438 17.62 2.79 -18.92
C THR B 438 17.52 4.26 -19.33
N ASN B 439 16.40 4.91 -19.05
CA ASN B 439 16.19 6.30 -19.44
C ASN B 439 17.33 7.26 -19.09
N GLY B 440 17.90 7.03 -17.90
CA GLY B 440 18.99 7.85 -17.40
C GLY B 440 20.21 7.87 -18.30
N GLN B 441 20.41 6.76 -19.02
CA GLN B 441 21.52 6.58 -19.95
C GLN B 441 21.51 7.58 -21.08
N HIS B 442 20.31 8.01 -21.44
CA HIS B 442 20.09 8.95 -22.53
C HIS B 442 19.73 10.33 -21.97
N ALA B 443 20.04 10.53 -20.69
CA ALA B 443 19.73 11.77 -20.01
C ALA B 443 20.92 12.45 -19.37
N PHE B 444 21.50 11.80 -18.36
CA PHE B 444 22.61 12.38 -17.61
C PHE B 444 23.84 11.49 -17.37
N TYR B 445 23.84 10.29 -17.94
CA TYR B 445 24.99 9.37 -17.75
C TYR B 445 26.24 9.89 -18.42
N GLN B 446 26.04 10.80 -19.38
CA GLN B 446 27.14 11.44 -20.09
C GLN B 446 28.05 12.13 -19.05
N LEU B 447 27.43 12.80 -18.08
CA LEU B 447 28.15 13.49 -17.01
C LEU B 447 28.79 12.50 -16.03
N ILE B 448 28.08 11.42 -15.70
CA ILE B 448 28.62 10.42 -14.77
C ILE B 448 29.88 9.76 -15.35
N HIS B 449 29.89 9.54 -16.66
CA HIS B 449 31.02 8.92 -17.35
C HIS B 449 32.15 9.88 -17.75
N GLN B 450 31.78 11.04 -18.29
CA GLN B 450 32.76 12.01 -18.77
C GLN B 450 32.77 13.41 -18.15
N GLY B 451 32.15 13.56 -16.99
CA GLY B 451 32.11 14.85 -16.32
C GLY B 451 33.28 15.05 -15.36
N THR B 452 33.28 16.20 -14.70
CA THR B 452 34.34 16.56 -13.76
C THR B 452 34.03 16.22 -12.29
N ASN B 453 32.99 15.43 -12.07
CA ASN B 453 32.56 15.04 -10.73
C ASN B 453 32.56 13.54 -10.52
N LEU B 454 32.99 13.11 -9.34
CA LEU B 454 33.00 11.70 -8.96
C LEU B 454 31.63 11.48 -8.32
N ILE B 455 30.81 10.64 -8.97
CA ILE B 455 29.44 10.37 -8.52
C ILE B 455 29.17 8.90 -8.20
N PRO B 456 29.14 8.53 -6.90
CA PRO B 456 28.86 7.14 -6.50
C PRO B 456 27.43 6.81 -6.94
N CYS B 457 27.27 5.63 -7.55
CA CYS B 457 25.97 5.20 -8.06
C CYS B 457 25.47 3.88 -7.47
N ASP B 458 24.18 3.81 -7.20
CA ASP B 458 23.54 2.59 -6.70
C ASP B 458 22.64 2.09 -7.82
N PHE B 459 22.98 0.93 -8.36
CA PHE B 459 22.23 0.28 -9.44
C PHE B 459 21.37 -0.81 -8.82
N ILE B 460 20.05 -0.68 -8.93
CA ILE B 460 19.10 -1.64 -8.36
C ILE B 460 18.34 -2.36 -9.47
N GLY B 461 18.34 -3.69 -9.44
CA GLY B 461 17.65 -4.45 -10.47
C GLY B 461 17.07 -5.77 -10.00
N ALA B 462 16.23 -6.35 -10.85
CA ALA B 462 15.57 -7.62 -10.57
C ALA B 462 15.90 -8.64 -11.64
N ILE B 463 16.11 -9.89 -11.23
CA ILE B 463 16.43 -10.98 -12.16
C ILE B 463 15.21 -11.35 -12.99
N GLN B 464 14.05 -11.37 -12.32
CA GLN B 464 12.78 -11.71 -12.97
C GLN B 464 11.83 -10.52 -13.04
N SER B 465 11.23 -10.33 -14.20
CA SER B 465 10.27 -9.25 -14.44
C SER B 465 8.87 -9.79 -14.14
N GLN B 466 7.95 -8.87 -13.82
CA GLN B 466 6.56 -9.25 -13.56
C GLN B 466 5.80 -9.27 -14.89
N ASN B 467 6.46 -8.77 -15.94
CA ASN B 467 5.89 -8.70 -17.28
C ASN B 467 6.77 -9.45 -18.28
N LYS B 468 6.23 -10.54 -18.84
CA LYS B 468 6.93 -11.36 -19.83
C LYS B 468 6.62 -10.88 -21.25
N ILE B 469 7.36 -9.87 -21.68
CA ILE B 469 7.19 -9.29 -23.03
C ILE B 469 8.42 -9.60 -23.88
N GLY B 470 8.29 -10.57 -24.78
CA GLY B 470 9.38 -10.96 -25.67
C GLY B 470 10.74 -11.17 -25.03
N ASP B 471 11.74 -10.48 -25.57
CA ASP B 471 13.12 -10.53 -25.07
C ASP B 471 13.50 -9.23 -24.35
N HIS B 472 12.49 -8.43 -23.98
CA HIS B 472 12.71 -7.15 -23.29
C HIS B 472 13.58 -7.19 -22.06
N HIS B 473 13.34 -8.16 -21.18
CA HIS B 473 14.13 -8.24 -19.94
C HIS B 473 15.61 -8.48 -20.08
N LYS B 474 16.01 -9.36 -21.01
CA LYS B 474 17.44 -9.62 -21.20
C LYS B 474 18.14 -8.44 -21.88
N ILE B 475 17.43 -7.74 -22.77
CA ILE B 475 17.95 -6.56 -23.47
C ILE B 475 18.13 -5.44 -22.42
N PHE B 476 17.14 -5.34 -21.54
CA PHE B 476 17.11 -4.37 -20.46
C PHE B 476 18.26 -4.61 -19.49
N MET B 477 18.40 -5.85 -19.04
CA MET B 477 19.42 -6.21 -18.07
C MET B 477 20.85 -6.23 -18.60
N SER B 478 21.00 -6.23 -19.93
CA SER B 478 22.34 -6.19 -20.54
C SER B 478 22.95 -4.81 -20.25
N ASN B 479 22.08 -3.80 -20.15
CA ASN B 479 22.47 -2.42 -19.83
C ASN B 479 22.84 -2.29 -18.36
N PHE B 480 22.08 -2.98 -17.51
CA PHE B 480 22.29 -2.97 -16.05
C PHE B 480 23.70 -3.44 -15.64
N PHE B 481 24.15 -4.54 -16.24
CA PHE B 481 25.47 -5.09 -15.96
C PHE B 481 26.58 -4.32 -16.66
N ALA B 482 26.28 -3.83 -17.87
CA ALA B 482 27.24 -3.08 -18.68
C ALA B 482 27.65 -1.72 -18.18
N GLN B 483 26.69 -0.97 -17.65
CA GLN B 483 26.95 0.38 -17.15
C GLN B 483 27.91 0.43 -15.97
N THR B 484 27.78 -0.53 -15.04
CA THR B 484 28.66 -0.61 -13.87
C THR B 484 30.06 -1.04 -14.30
N GLU B 485 30.11 -1.94 -15.30
CA GLU B 485 31.38 -2.42 -15.85
C GLU B 485 32.07 -1.25 -16.55
N ALA B 486 31.29 -0.48 -17.32
CA ALA B 486 31.77 0.69 -18.06
C ALA B 486 32.35 1.78 -17.16
N LEU B 487 31.66 2.04 -16.06
CA LEU B 487 32.09 3.04 -15.08
C LEU B 487 33.42 2.68 -14.45
N MET B 488 33.63 1.38 -14.24
CA MET B 488 34.86 0.89 -13.65
C MET B 488 36.07 0.75 -14.59
N ILE B 489 35.89 0.05 -15.71
CA ILE B 489 37.00 -0.20 -16.64
C ILE B 489 37.41 0.94 -17.56
N GLY B 490 36.43 1.72 -18.01
CA GLY B 490 36.72 2.82 -18.93
C GLY B 490 37.16 2.34 -20.30
N LYS B 491 37.85 3.22 -21.02
CA LYS B 491 38.36 2.95 -22.37
C LYS B 491 39.54 3.87 -22.59
N SER B 492 40.73 3.28 -22.72
CA SER B 492 41.99 4.00 -22.91
C SER B 492 42.13 4.61 -24.32
N PRO B 493 43.00 5.64 -24.51
CA PRO B 493 43.15 6.23 -25.85
C PRO B 493 43.72 5.25 -26.89
N SER B 494 44.31 4.16 -26.41
CA SER B 494 44.87 3.10 -27.27
C SER B 494 43.73 2.23 -27.81
N GLU B 495 42.73 1.98 -26.97
CA GLU B 495 41.55 1.18 -27.33
C GLU B 495 40.68 1.96 -28.32
N VAL B 496 40.64 3.28 -28.17
CA VAL B 496 39.89 4.18 -29.04
C VAL B 496 40.55 4.20 -30.43
N ARG B 497 41.88 4.15 -30.46
CA ARG B 497 42.66 4.15 -31.70
C ARG B 497 42.40 2.89 -32.53
N ARG B 498 42.38 1.73 -31.87
CA ARG B 498 42.12 0.44 -32.52
C ARG B 498 40.67 0.33 -32.99
N GLU B 499 39.82 1.13 -32.37
CA GLU B 499 38.39 1.13 -32.68
C GLU B 499 38.07 2.01 -33.90
N LEU B 500 38.80 3.11 -33.98
CA LEU B 500 38.63 4.09 -35.07
C LEU B 500 39.29 3.62 -36.37
N GLU B 501 40.21 2.68 -36.23
CA GLU B 501 40.96 2.15 -37.38
C GLU B 501 40.19 1.01 -38.06
N ALA B 502 39.85 0.02 -37.27
CA ALA B 502 39.08 -1.13 -37.75
C ALA B 502 37.64 -0.70 -38.01
N ALA B 503 37.50 0.46 -38.63
CA ALA B 503 36.17 1.05 -38.90
C ALA B 503 36.08 1.70 -40.29
N GLY B 504 37.14 2.39 -40.70
CA GLY B 504 37.16 3.03 -42.03
C GLY B 504 37.89 4.38 -42.01
N GLU B 505 38.63 4.64 -40.94
CA GLU B 505 39.40 5.90 -40.85
C GLU B 505 40.88 5.61 -41.11
N ARG B 506 41.43 6.38 -42.03
CA ARG B 506 42.83 6.27 -42.45
C ARG B 506 43.61 7.54 -42.09
N SER B 507 42.90 8.66 -42.16
CA SER B 507 43.46 9.98 -41.83
C SER B 507 43.85 10.03 -40.36
N ALA B 508 45.14 10.18 -40.14
CA ALA B 508 45.74 10.20 -38.80
C ALA B 508 45.28 11.40 -37.96
N GLU B 509 44.99 12.54 -38.62
CA GLU B 509 44.59 13.78 -37.91
C GLU B 509 43.14 13.71 -37.38
N LYS B 510 42.30 13.01 -38.11
CA LYS B 510 40.88 12.84 -37.74
C LYS B 510 40.75 11.87 -36.57
N ILE B 511 41.73 10.97 -36.45
CA ILE B 511 41.79 9.99 -35.37
C ILE B 511 42.32 10.73 -34.12
N ASN B 512 43.39 11.49 -34.31
CA ASN B 512 44.04 12.27 -33.24
C ASN B 512 43.14 13.37 -32.66
N ALA B 513 42.23 13.89 -33.47
CA ALA B 513 41.29 14.93 -33.05
C ALA B 513 40.16 14.33 -32.21
N LEU B 514 39.73 13.12 -32.59
CA LEU B 514 38.65 12.42 -31.89
C LEU B 514 39.05 11.63 -30.65
N LEU B 515 40.31 11.19 -30.58
CA LEU B 515 40.82 10.39 -29.45
C LEU B 515 40.45 10.82 -28.02
N PRO B 516 40.79 12.07 -27.59
CA PRO B 516 40.42 12.43 -26.21
C PRO B 516 38.92 12.50 -25.91
N HIS B 517 38.13 12.82 -26.92
CA HIS B 517 36.67 12.95 -26.78
C HIS B 517 35.96 11.62 -26.54
N LYS B 518 36.55 10.55 -27.04
CA LYS B 518 35.99 9.20 -26.92
C LYS B 518 36.69 8.36 -25.84
N THR B 519 37.58 9.00 -25.09
CA THR B 519 38.32 8.33 -24.00
C THR B 519 37.51 8.38 -22.70
N PHE B 520 37.46 7.24 -22.01
CA PHE B 520 36.76 7.11 -20.73
C PHE B 520 37.80 6.78 -19.67
N ILE B 521 37.97 7.68 -18.70
CA ILE B 521 38.95 7.47 -17.63
C ILE B 521 38.67 6.27 -16.73
N GLY B 522 37.37 5.97 -16.57
CA GLY B 522 36.95 4.86 -15.74
C GLY B 522 37.24 5.11 -14.28
N GLY B 523 37.38 4.02 -13.52
CA GLY B 523 37.67 4.13 -12.09
C GLY B 523 36.56 4.85 -11.33
N ARG B 524 35.35 4.79 -11.89
CA ARG B 524 34.17 5.41 -11.28
C ARG B 524 33.41 4.31 -10.56
N PRO B 525 33.10 4.53 -9.27
CA PRO B 525 32.38 3.56 -8.44
C PRO B 525 30.90 3.35 -8.61
N SER B 526 30.47 2.17 -8.17
CA SER B 526 29.08 1.78 -8.19
C SER B 526 28.82 0.61 -7.28
N ASN B 527 27.60 0.55 -6.76
CA ASN B 527 27.15 -0.54 -5.92
C ASN B 527 26.04 -1.16 -6.75
N THR B 528 25.96 -2.49 -6.76
CA THR B 528 24.91 -3.18 -7.49
C THR B 528 24.06 -3.96 -6.49
N LEU B 529 22.76 -3.67 -6.51
CA LEU B 529 21.78 -4.33 -5.65
C LEU B 529 20.89 -5.17 -6.56
N LEU B 530 20.95 -6.48 -6.38
CA LEU B 530 20.19 -7.41 -7.19
C LEU B 530 19.23 -8.26 -6.35
N ILE B 531 17.98 -8.30 -6.78
CA ILE B 531 16.94 -9.10 -6.11
C ILE B 531 16.43 -10.12 -7.13
N LYS B 532 15.76 -11.17 -6.66
CA LYS B 532 15.23 -12.19 -7.58
C LYS B 532 14.05 -11.60 -8.38
N SER B 533 13.16 -10.90 -7.67
CA SER B 533 12.00 -10.23 -8.28
C SER B 533 11.47 -9.17 -7.34
N LEU B 534 10.81 -8.15 -7.89
CA LEU B 534 10.25 -7.06 -7.09
C LEU B 534 8.84 -7.36 -6.58
N THR B 535 8.82 -8.14 -5.50
CA THR B 535 7.61 -8.54 -4.80
C THR B 535 7.42 -7.55 -3.64
N PRO B 536 6.23 -7.53 -2.97
CA PRO B 536 6.07 -6.59 -1.85
C PRO B 536 7.15 -6.79 -0.78
N ARG B 537 7.55 -8.04 -0.57
CA ARG B 537 8.59 -8.40 0.40
C ARG B 537 9.94 -7.80 0.03
N ALA B 538 10.28 -7.85 -1.26
CA ALA B 538 11.54 -7.29 -1.76
C ALA B 538 11.59 -5.77 -1.62
N LEU B 539 10.46 -5.10 -1.84
CA LEU B 539 10.42 -3.64 -1.70
C LEU B 539 10.65 -3.23 -0.25
N GLY B 540 10.01 -3.97 0.67
CA GLY B 540 10.16 -3.71 2.10
C GLY B 540 11.61 -3.84 2.53
N ALA B 541 12.28 -4.83 1.95
CA ALA B 541 13.68 -5.11 2.20
C ALA B 541 14.58 -3.98 1.74
N ILE B 542 14.32 -3.48 0.52
CA ILE B 542 15.08 -2.38 -0.08
C ILE B 542 14.95 -1.08 0.71
N ILE B 543 13.73 -0.72 1.09
CA ILE B 543 13.51 0.52 1.85
C ILE B 543 14.13 0.45 3.24
N ALA B 544 13.97 -0.68 3.92
CA ALA B 544 14.54 -0.87 5.26
C ALA B 544 16.07 -0.78 5.23
N MET B 545 16.66 -1.30 4.15
CA MET B 545 18.12 -1.26 3.96
C MET B 545 18.60 0.19 3.91
N TYR B 546 17.89 1.02 3.14
CA TYR B 546 18.25 2.43 3.02
C TYR B 546 17.98 3.22 4.31
N GLU B 547 16.93 2.85 5.05
CA GLU B 547 16.61 3.50 6.33
C GLU B 547 17.76 3.25 7.31
N HIS B 548 18.29 2.03 7.28
CA HIS B 548 19.38 1.65 8.17
C HIS B 548 20.74 2.18 7.72
N LYS B 549 20.91 2.38 6.41
CA LYS B 549 22.14 2.97 5.85
C LYS B 549 22.21 4.42 6.37
N VAL B 550 21.07 5.10 6.31
CA VAL B 550 20.92 6.49 6.78
C VAL B 550 21.19 6.59 8.29
N LEU B 551 20.74 5.60 9.05
CA LEU B 551 20.93 5.53 10.51
C LEU B 551 22.42 5.50 10.83
N VAL B 552 23.14 4.59 10.18
CA VAL B 552 24.57 4.41 10.40
C VAL B 552 25.38 5.66 10.05
N GLN B 553 25.09 6.26 8.89
CA GLN B 553 25.80 7.47 8.47
C GLN B 553 25.57 8.62 9.44
N GLY B 554 24.33 8.76 9.90
CA GLY B 554 23.99 9.80 10.87
C GLY B 554 24.67 9.59 12.21
N ALA B 555 24.79 8.34 12.63
CA ALA B 555 25.43 7.99 13.89
C ALA B 555 26.95 8.18 13.83
N ILE B 556 27.55 7.95 12.66
CA ILE B 556 28.99 8.14 12.44
C ILE B 556 29.29 9.63 12.53
N TRP B 557 28.45 10.45 11.90
CA TRP B 557 28.62 11.91 11.89
C TRP B 557 28.23 12.58 13.21
N GLY B 558 27.49 11.84 14.04
CA GLY B 558 27.06 12.33 15.35
C GLY B 558 25.86 13.26 15.33
N ILE B 559 25.10 13.24 14.23
CA ILE B 559 23.93 14.10 14.07
C ILE B 559 22.61 13.38 14.43
N ASP B 560 21.53 14.16 14.46
CA ASP B 560 20.19 13.63 14.74
C ASP B 560 19.53 13.44 13.37
N SER B 561 19.47 12.18 12.94
CA SER B 561 18.87 11.82 11.65
C SER B 561 17.35 11.84 11.67
N TYR B 562 16.78 12.10 12.84
CA TYR B 562 15.32 12.01 13.01
C TYR B 562 14.48 13.25 13.21
N ASP B 563 15.15 14.40 13.23
CA ASP B 563 14.45 15.67 13.36
C ASP B 563 14.47 16.40 12.01
N GLN B 564 13.81 17.56 11.95
CA GLN B 564 13.75 18.38 10.73
C GLN B 564 13.46 19.85 11.06
N TRP B 565 14.39 20.46 11.78
CA TRP B 565 14.25 21.86 12.18
C TRP B 565 14.45 22.84 11.04
N GLY B 566 15.06 22.34 9.96
CA GLY B 566 15.34 23.14 8.78
C GLY B 566 14.19 23.62 7.93
N VAL B 567 12.99 23.10 8.19
CA VAL B 567 11.80 23.49 7.43
C VAL B 567 11.01 24.62 8.08
N GLU B 568 11.35 24.95 9.33
CA GLU B 568 10.65 25.99 10.08
C GLU B 568 10.74 27.43 9.61
N LEU B 569 11.93 27.90 9.22
CA LEU B 569 12.10 29.28 8.76
C LEU B 569 11.24 29.65 7.55
N GLY B 570 11.21 28.75 6.56
CA GLY B 570 10.41 28.97 5.36
C GLY B 570 8.92 29.06 5.64
N LYS B 571 8.45 28.27 6.62
CA LYS B 571 7.04 28.26 7.02
C LYS B 571 6.64 29.55 7.72
N VAL B 572 7.53 30.04 8.61
CA VAL B 572 7.31 31.27 9.38
C VAL B 572 7.30 32.50 8.46
N LEU B 573 8.27 32.56 7.53
CA LEU B 573 8.33 33.68 6.60
C LEU B 573 7.19 33.69 5.60
N ALA B 574 6.64 32.50 5.30
CA ALA B 574 5.50 32.36 4.39
C ALA B 574 4.22 32.85 5.04
N LYS B 575 4.10 32.61 6.35
CA LYS B 575 2.95 33.04 7.16
C LYS B 575 2.89 34.57 7.17
N SER B 576 4.06 35.20 7.24
CA SER B 576 4.19 36.66 7.27
C SER B 576 3.90 37.30 5.91
N ILE B 577 4.23 36.59 4.83
CA ILE B 577 4.02 37.08 3.46
C ILE B 577 2.59 36.89 2.96
N LEU B 578 1.90 35.85 3.42
CA LEU B 578 0.52 35.57 2.98
C LEU B 578 -0.47 36.76 3.06
N PRO B 579 -0.53 37.51 4.20
CA PRO B 579 -1.48 38.63 4.22
C PRO B 579 -1.05 39.84 3.37
N GLN B 580 0.17 39.77 2.84
CA GLN B 580 0.74 40.81 1.99
C GLN B 580 0.45 40.57 0.50
N LEU B 581 -0.09 39.40 0.19
CA LEU B 581 -0.42 39.05 -1.20
C LEU B 581 -1.87 39.43 -1.53
N ARG B 582 -2.07 40.73 -1.73
CA ARG B 582 -3.37 41.33 -2.05
C ARG B 582 -3.18 42.24 -3.27
N PRO B 583 -4.18 42.32 -4.19
CA PRO B 583 -4.09 43.16 -5.40
C PRO B 583 -3.72 44.62 -5.12
N GLY B 584 -2.63 45.07 -5.75
CA GLY B 584 -2.18 46.45 -5.61
C GLY B 584 -1.40 46.80 -4.35
N MET B 585 -1.22 45.84 -3.44
CA MET B 585 -0.49 46.07 -2.19
C MET B 585 1.03 46.19 -2.39
N ARG B 586 1.62 47.13 -1.68
CA ARG B 586 3.07 47.38 -1.72
C ARG B 586 3.70 47.05 -0.37
N VAL B 587 4.89 46.46 -0.39
CA VAL B 587 5.62 46.12 0.82
C VAL B 587 7.01 46.75 0.84
N ASN B 588 7.52 47.02 2.04
CA ASN B 588 8.83 47.63 2.22
C ASN B 588 9.62 47.08 3.42
N ASN B 589 9.07 46.05 4.07
CA ASN B 589 9.68 45.46 5.26
C ASN B 589 10.76 44.38 5.06
N HIS B 590 10.85 43.83 3.86
CA HIS B 590 11.84 42.80 3.55
C HIS B 590 13.02 43.45 2.82
N ASP B 591 13.92 42.60 2.30
CA ASP B 591 15.07 43.04 1.51
C ASP B 591 14.49 43.51 0.17
N SER B 592 15.25 44.30 -0.61
CA SER B 592 14.74 44.83 -1.89
C SER B 592 14.31 43.82 -2.95
N SER B 593 14.88 42.62 -2.92
CA SER B 593 14.52 41.56 -3.87
C SER B 593 13.13 41.03 -3.56
N THR B 594 12.92 40.63 -2.31
CA THR B 594 11.64 40.11 -1.84
C THR B 594 10.54 41.17 -1.99
N ASN B 595 10.88 42.43 -1.69
CA ASN B 595 9.93 43.55 -1.84
C ASN B 595 9.50 43.73 -3.28
N GLY B 596 10.47 43.74 -4.20
CA GLY B 596 10.23 43.90 -5.62
C GLY B 596 9.41 42.78 -6.23
N LEU B 597 9.67 41.55 -5.78
CA LEU B 597 8.97 40.36 -6.26
C LEU B 597 7.50 40.34 -5.81
N ILE B 598 7.27 40.66 -4.53
CA ILE B 598 5.91 40.71 -3.97
C ILE B 598 5.12 41.87 -4.61
N ASN B 599 5.77 43.01 -4.82
CA ASN B 599 5.13 44.18 -5.44
C ASN B 599 4.70 43.91 -6.87
N MET B 600 5.54 43.17 -7.61
CA MET B 600 5.26 42.80 -9.01
C MET B 600 4.09 41.81 -9.06
N PHE B 601 4.08 40.87 -8.12
CA PHE B 601 3.03 39.85 -8.00
C PHE B 601 1.67 40.52 -7.79
N ASN B 602 1.62 41.44 -6.81
CA ASN B 602 0.40 42.16 -6.45
C ASN B 602 -0.13 43.12 -7.52
N GLU B 603 0.76 43.61 -8.38
CA GLU B 603 0.39 44.52 -9.45
C GLU B 603 -0.38 43.81 -10.55
N LEU B 604 -0.01 42.55 -10.80
CA LEU B 604 -0.59 41.75 -11.88
C LEU B 604 -1.36 40.47 -11.52
N SER B 605 -1.55 40.20 -10.22
CA SER B 605 -2.25 38.99 -9.77
C SER B 605 -3.71 38.83 -10.21
N HIS B 606 -4.35 39.96 -10.51
CA HIS B 606 -5.81 39.98 -10.69
C HIS B 606 -6.26 40.77 -11.91
N ALA C 46 46.92 19.65 -20.64
CA ALA C 46 45.83 20.40 -19.93
C ALA C 46 45.64 21.79 -20.53
N ASP C 47 44.38 22.20 -20.67
CA ASP C 47 44.00 23.50 -21.23
C ASP C 47 44.37 24.66 -20.31
N THR C 48 44.96 25.70 -20.88
CA THR C 48 45.36 26.89 -20.13
C THR C 48 44.74 28.18 -20.68
N THR C 49 43.95 28.08 -21.75
CA THR C 49 43.31 29.24 -22.38
C THR C 49 42.29 29.99 -21.51
N LEU C 50 41.59 29.26 -20.66
CA LEU C 50 40.60 29.85 -19.75
C LEU C 50 41.26 30.40 -18.48
N THR C 51 42.11 29.58 -17.86
CA THR C 51 42.80 29.97 -16.63
C THR C 51 43.82 31.11 -16.79
N SER C 52 44.28 31.34 -18.02
CA SER C 52 45.23 32.41 -18.31
C SER C 52 44.58 33.74 -18.70
N CYS C 53 43.25 33.76 -18.77
CA CYS C 53 42.49 34.98 -19.10
C CYS C 53 42.68 35.99 -17.97
N ALA C 54 42.83 37.26 -18.34
CA ALA C 54 43.02 38.36 -17.40
C ALA C 54 41.87 38.46 -16.41
N SER C 55 40.65 38.25 -16.91
CA SER C 55 39.44 38.29 -16.11
C SER C 55 39.28 37.12 -15.14
N TRP C 56 39.91 35.99 -15.45
CA TRP C 56 39.84 34.81 -14.58
C TRP C 56 40.68 35.02 -13.32
N THR C 57 41.85 35.63 -13.50
CA THR C 57 42.77 35.94 -12.39
C THR C 57 42.12 37.00 -11.49
N GLN C 58 41.41 37.93 -12.12
CA GLN C 58 40.71 39.02 -11.43
C GLN C 58 39.54 38.46 -10.60
N LEU C 59 38.83 37.48 -11.15
CA LEU C 59 37.70 36.84 -10.46
C LEU C 59 38.14 36.00 -9.27
N GLN C 60 39.34 35.41 -9.36
CA GLN C 60 39.90 34.60 -8.27
C GLN C 60 40.31 35.51 -7.12
N LYS C 61 40.80 36.70 -7.47
CA LYS C 61 41.20 37.73 -6.50
C LYS C 61 39.95 38.29 -5.79
N LEU C 62 38.87 38.42 -6.56
CA LEU C 62 37.60 38.93 -6.05
C LEU C 62 36.87 37.91 -5.17
N TYR C 63 37.19 36.63 -5.36
CA TYR C 63 36.60 35.55 -4.56
C TYR C 63 37.20 35.55 -3.15
N GLU C 64 38.52 35.68 -3.08
CA GLU C 64 39.24 35.71 -1.79
C GLU C 64 38.93 37.00 -1.02
N GLN C 65 38.53 38.02 -1.78
CA GLN C 65 38.20 39.35 -1.28
C GLN C 65 36.77 39.46 -0.74
N TYR C 66 35.79 39.03 -1.54
CA TYR C 66 34.38 39.14 -1.18
C TYR C 66 33.56 37.83 -1.05
N GLY C 67 34.22 36.68 -1.19
CA GLY C 67 33.54 35.39 -1.11
C GLY C 67 32.90 35.01 0.22
N ASP C 68 33.49 35.46 1.32
CA ASP C 68 33.00 35.18 2.67
C ASP C 68 32.00 36.22 3.19
N GLU C 69 31.77 37.26 2.40
CA GLU C 69 30.83 38.33 2.75
C GLU C 69 29.40 37.79 2.50
N PRO C 70 28.53 37.78 3.54
CA PRO C 70 27.15 37.28 3.37
C PRO C 70 26.34 38.10 2.38
N ILE C 71 25.40 37.43 1.69
CA ILE C 71 24.55 38.07 0.69
C ILE C 71 23.76 39.28 1.20
N LYS C 72 23.28 39.18 2.43
CA LYS C 72 22.49 40.25 3.06
C LYS C 72 23.22 41.60 3.17
N LYS C 73 24.55 41.55 3.18
CA LYS C 73 25.38 42.76 3.25
C LYS C 73 25.34 43.60 1.99
N HIS C 74 25.15 42.94 0.83
CA HIS C 74 25.07 43.63 -0.46
C HIS C 74 23.77 44.42 -0.56
N PHE C 75 22.74 43.93 0.14
CA PHE C 75 21.42 44.55 0.20
C PHE C 75 21.41 45.72 1.18
N GLU C 76 22.26 45.64 2.20
CA GLU C 76 22.41 46.68 3.22
C GLU C 76 23.24 47.86 2.72
N THR C 77 24.10 47.59 1.74
CA THR C 77 24.96 48.61 1.12
C THR C 77 24.25 49.31 -0.03
N ASP C 78 23.51 48.52 -0.82
CA ASP C 78 22.76 49.03 -1.98
C ASP C 78 21.26 48.82 -1.77
N SER C 79 20.54 49.94 -1.57
CA SER C 79 19.10 49.93 -1.34
C SER C 79 18.28 49.68 -2.62
N GLU C 80 18.95 49.72 -3.76
CA GLU C 80 18.33 49.49 -5.06
C GLU C 80 18.83 48.20 -5.72
N ARG C 81 19.38 47.28 -4.91
CA ARG C 81 19.92 46.01 -5.41
C ARG C 81 18.93 45.13 -6.18
N GLY C 82 17.71 45.03 -5.64
CA GLY C 82 16.67 44.22 -6.27
C GLY C 82 16.37 44.62 -7.72
N GLN C 83 16.33 45.94 -7.96
CA GLN C 83 16.06 46.50 -9.28
C GLN C 83 17.28 46.45 -10.21
N ARG C 84 18.46 46.75 -9.67
CA ARG C 84 19.72 46.75 -10.43
C ARG C 84 20.21 45.37 -10.84
N TYR C 85 19.84 44.37 -10.04
CA TYR C 85 20.24 42.98 -10.30
C TYR C 85 19.06 42.12 -10.74
N SER C 86 18.29 42.67 -11.67
CA SER C 86 17.13 42.00 -12.25
C SER C 86 16.80 42.57 -13.62
N VAL C 87 16.25 41.71 -14.49
CA VAL C 87 15.88 42.10 -15.86
C VAL C 87 14.52 41.52 -16.24
N LYS C 88 13.65 42.35 -16.83
CA LYS C 88 12.33 41.93 -17.31
C LYS C 88 12.35 41.94 -18.83
N VAL C 89 12.04 40.78 -19.43
CA VAL C 89 11.99 40.62 -20.88
C VAL C 89 10.56 40.36 -21.31
N SER C 90 10.01 41.26 -22.12
CA SER C 90 8.64 41.13 -22.64
C SER C 90 8.57 40.00 -23.65
N LEU C 91 7.47 39.25 -23.63
CA LEU C 91 7.29 38.14 -24.56
C LEU C 91 6.61 38.53 -25.87
N GLY C 92 6.22 39.81 -25.97
CA GLY C 92 5.59 40.33 -27.17
C GLY C 92 4.14 39.96 -27.44
N SER C 93 3.48 39.35 -26.47
CA SER C 93 2.08 38.95 -26.61
C SER C 93 1.10 39.98 -26.06
N LYS C 94 -0.16 39.86 -26.51
CA LYS C 94 -1.25 40.74 -26.13
C LYS C 94 -1.64 40.71 -24.64
N ASP C 95 -1.31 39.60 -23.98
CA ASP C 95 -1.60 39.43 -22.54
C ASP C 95 -0.53 40.08 -21.66
N GLU C 96 0.46 40.70 -22.31
CA GLU C 96 1.60 41.39 -21.68
C GLU C 96 2.46 40.48 -20.81
N ASN C 97 2.60 39.22 -21.24
CA ASN C 97 3.40 38.22 -20.53
C ASN C 97 4.88 38.58 -20.61
N PHE C 98 5.64 38.12 -19.62
CA PHE C 98 7.07 38.41 -19.53
C PHE C 98 7.85 37.30 -18.84
N LEU C 99 9.18 37.44 -18.87
CA LEU C 99 10.10 36.53 -18.19
C LEU C 99 10.98 37.49 -17.37
N PHE C 100 10.86 37.40 -16.05
CA PHE C 100 11.61 38.24 -15.12
C PHE C 100 12.64 37.43 -14.35
N LEU C 101 13.91 37.80 -14.50
CA LEU C 101 14.99 37.14 -13.77
C LEU C 101 15.51 38.07 -12.68
N ASP C 102 15.51 37.56 -11.45
CA ASP C 102 16.04 38.28 -10.29
C ASP C 102 17.21 37.42 -9.84
N TYR C 103 18.43 37.93 -10.02
CA TYR C 103 19.65 37.22 -9.62
C TYR C 103 20.37 37.93 -8.48
N SER C 104 19.64 38.77 -7.75
CA SER C 104 20.19 39.56 -6.64
C SER C 104 20.58 38.80 -5.38
N LYS C 105 19.93 37.67 -5.12
CA LYS C 105 20.25 36.88 -3.95
C LYS C 105 21.45 36.00 -4.28
N SER C 106 22.60 36.66 -4.41
CA SER C 106 23.87 36.04 -4.76
C SER C 106 25.04 36.80 -4.14
N HIS C 107 26.20 36.13 -4.06
CA HIS C 107 27.43 36.71 -3.51
C HIS C 107 28.15 37.48 -4.63
N ILE C 108 27.42 38.42 -5.25
CA ILE C 108 27.94 39.20 -6.37
C ILE C 108 27.76 40.70 -6.16
N ASN C 109 28.87 41.45 -6.16
CA ASN C 109 28.83 42.90 -6.05
C ASN C 109 29.12 43.47 -7.45
N ASP C 110 29.15 44.80 -7.59
CA ASP C 110 29.41 45.45 -8.88
C ASP C 110 30.74 45.08 -9.54
N GLU C 111 31.78 44.88 -8.73
CA GLU C 111 33.11 44.50 -9.21
C GLU C 111 33.12 43.09 -9.80
N ILE C 112 32.42 42.17 -9.13
CA ILE C 112 32.32 40.78 -9.56
C ILE C 112 31.47 40.67 -10.83
N LYS C 113 30.37 41.43 -10.87
CA LYS C 113 29.45 41.46 -12.03
C LYS C 113 30.19 41.92 -13.28
N CYS C 114 30.94 43.03 -13.15
CA CYS C 114 31.72 43.59 -14.25
C CYS C 114 32.82 42.64 -14.72
N ALA C 115 33.44 41.94 -13.77
CA ALA C 115 34.50 40.97 -14.06
C ALA C 115 33.98 39.71 -14.75
N LEU C 116 32.75 39.30 -14.42
CA LEU C 116 32.11 38.14 -15.03
C LEU C 116 31.73 38.49 -16.48
N LEU C 117 31.33 39.74 -16.70
CA LEU C 117 30.97 40.23 -18.04
C LEU C 117 32.22 40.37 -18.92
N ARG C 118 33.34 40.72 -18.28
CA ARG C 118 34.63 40.86 -18.97
C ARG C 118 35.13 39.48 -19.42
N LEU C 119 34.81 38.45 -18.64
CA LEU C 119 35.19 37.05 -18.95
C LEU C 119 34.46 36.60 -20.20
N ALA C 120 33.18 36.99 -20.30
CA ALA C 120 32.34 36.67 -21.44
C ALA C 120 32.87 37.34 -22.72
N GLU C 121 33.43 38.54 -22.56
CA GLU C 121 34.00 39.31 -23.68
C GLU C 121 35.34 38.69 -24.12
N GLU C 122 36.17 38.29 -23.15
CA GLU C 122 37.49 37.69 -23.40
C GLU C 122 37.42 36.29 -24.03
N ARG C 123 36.36 35.55 -23.70
CA ARG C 123 36.15 34.20 -24.24
C ARG C 123 35.37 34.21 -25.55
N GLY C 124 35.03 35.42 -26.01
CA GLY C 124 34.31 35.62 -27.26
C GLY C 124 32.92 35.02 -27.39
N ILE C 125 32.08 35.26 -26.39
CA ILE C 125 30.69 34.77 -26.38
C ILE C 125 29.86 35.34 -27.52
N ARG C 126 29.96 36.66 -27.72
CA ARG C 126 29.24 37.38 -28.77
C ARG C 126 29.46 36.77 -30.16
N GLN C 127 30.72 36.47 -30.46
CA GLN C 127 31.16 35.87 -31.72
C GLN C 127 30.70 34.43 -31.87
N PHE C 128 30.75 33.68 -30.76
CA PHE C 128 30.33 32.27 -30.73
C PHE C 128 28.84 32.15 -31.01
N VAL C 129 28.05 33.04 -30.42
CA VAL C 129 26.59 33.08 -30.58
C VAL C 129 26.21 33.33 -32.04
N GLN C 130 26.87 34.32 -32.66
CA GLN C 130 26.62 34.66 -34.06
C GLN C 130 26.97 33.50 -34.98
N SER C 131 28.02 32.76 -34.62
CA SER C 131 28.47 31.58 -35.38
C SER C 131 27.44 30.46 -35.31
N VAL C 132 26.85 30.27 -34.13
CA VAL C 132 25.81 29.25 -33.90
C VAL C 132 24.56 29.61 -34.69
N PHE C 133 24.12 30.86 -34.57
CA PHE C 133 22.93 31.38 -35.23
C PHE C 133 22.95 31.40 -36.77
N ARG C 134 24.14 31.57 -37.36
CA ARG C 134 24.25 31.61 -38.82
C ARG C 134 24.48 30.24 -39.47
N GLY C 135 24.67 29.21 -38.65
CA GLY C 135 24.87 27.86 -39.17
C GLY C 135 26.26 27.30 -39.26
N GLU C 136 27.24 27.91 -38.58
CA GLU C 136 28.61 27.40 -38.60
C GLU C 136 28.71 26.11 -37.81
N ARG C 137 29.63 25.25 -38.22
CA ARG C 137 29.84 23.95 -37.59
C ARG C 137 30.63 24.01 -36.29
N VAL C 138 29.96 24.57 -35.26
CA VAL C 138 30.53 24.75 -33.92
C VAL C 138 30.63 23.42 -33.15
N ASN C 139 29.81 22.44 -33.54
CA ASN C 139 29.86 21.09 -32.96
C ASN C 139 31.01 20.43 -33.77
N THR C 140 32.23 20.79 -33.37
CA THR C 140 33.47 20.38 -34.02
C THR C 140 33.81 18.88 -34.04
N THR C 141 33.44 18.16 -33.00
CA THR C 141 33.75 16.72 -32.91
C THR C 141 32.95 15.87 -33.90
N GLU C 142 31.75 16.33 -34.21
CA GLU C 142 30.86 15.67 -35.15
C GLU C 142 30.76 16.44 -36.47
N ASN C 143 31.37 17.62 -36.52
CA ASN C 143 31.40 18.54 -37.68
C ASN C 143 29.97 18.85 -38.18
N ARG C 144 29.14 19.34 -37.24
CA ARG C 144 27.74 19.63 -37.52
C ARG C 144 27.30 21.02 -37.07
N PRO C 145 26.30 21.63 -37.75
CA PRO C 145 25.84 22.95 -37.31
C PRO C 145 24.95 22.70 -36.08
N VAL C 146 24.64 23.76 -35.35
CA VAL C 146 23.81 23.67 -34.15
C VAL C 146 22.71 24.69 -34.39
N LEU C 147 21.61 24.19 -34.97
CA LEU C 147 20.52 25.08 -35.35
C LEU C 147 19.11 24.81 -34.83
N HIS C 148 18.98 24.62 -33.52
CA HIS C 148 17.65 24.44 -32.95
C HIS C 148 16.88 25.77 -33.03
N ILE C 149 17.62 26.87 -33.17
CA ILE C 149 17.02 28.21 -33.29
C ILE C 149 16.31 28.39 -34.63
N ALA C 150 16.71 27.59 -35.63
CA ALA C 150 16.10 27.61 -36.97
C ALA C 150 14.69 27.02 -36.95
N LEU C 151 14.48 26.06 -36.05
CA LEU C 151 13.19 25.38 -35.90
C LEU C 151 12.05 26.31 -35.45
N ARG C 152 12.42 27.37 -34.74
CA ARG C 152 11.49 28.35 -34.21
C ARG C 152 11.69 29.76 -34.78
N ASN C 153 12.41 29.85 -35.90
CA ASN C 153 12.70 31.14 -36.55
C ASN C 153 11.45 31.67 -37.29
N ARG C 154 10.59 32.35 -36.53
CA ARG C 154 9.33 32.91 -37.04
C ARG C 154 9.50 34.10 -37.99
N SER C 155 10.67 34.75 -37.93
CA SER C 155 10.96 35.89 -38.81
C SER C 155 11.27 35.38 -40.21
N ASN C 156 11.56 34.07 -40.26
CA ASN C 156 11.87 33.34 -41.50
C ASN C 156 13.04 33.91 -42.27
N ARG C 157 14.01 34.45 -41.52
CA ARG C 157 15.22 34.99 -42.12
C ARG C 157 16.09 33.80 -42.52
N PRO C 158 16.61 33.80 -43.75
CA PRO C 158 17.43 32.68 -44.21
C PRO C 158 18.63 32.37 -43.37
N ILE C 159 18.78 31.06 -43.14
CA ILE C 159 19.87 30.41 -42.39
C ILE C 159 20.32 29.26 -43.32
N TYR C 160 21.59 29.29 -43.71
CA TYR C 160 22.14 28.33 -44.66
C TYR C 160 22.96 27.19 -44.13
N VAL C 161 22.69 26.03 -44.73
CA VAL C 161 23.38 24.75 -44.49
C VAL C 161 23.55 24.12 -45.88
N ASP C 162 24.81 23.92 -46.26
CA ASP C 162 25.20 23.33 -47.56
C ASP C 162 24.75 24.17 -48.75
N GLY C 163 24.66 25.48 -48.52
CA GLY C 163 24.25 26.43 -49.54
C GLY C 163 22.77 26.56 -49.78
N LYS C 164 21.96 25.92 -48.94
CA LYS C 164 20.51 25.95 -49.05
C LYS C 164 19.89 26.47 -47.77
N ASP C 165 18.91 27.37 -47.92
CA ASP C 165 18.17 27.96 -46.82
C ASP C 165 17.32 26.83 -46.23
N VAL C 166 17.47 26.60 -44.93
CA VAL C 166 16.76 25.53 -44.23
C VAL C 166 15.31 25.85 -43.87
N MET C 167 14.97 27.14 -43.93
CA MET C 167 13.61 27.58 -43.59
C MET C 167 12.43 26.98 -44.37
N PRO C 168 12.54 26.80 -45.71
CA PRO C 168 11.40 26.20 -46.43
C PRO C 168 11.16 24.76 -45.98
N ALA C 169 12.24 24.05 -45.64
CA ALA C 169 12.19 22.66 -45.17
C ALA C 169 11.58 22.57 -43.76
N VAL C 170 11.96 23.53 -42.91
CA VAL C 170 11.46 23.62 -41.52
C VAL C 170 9.95 23.88 -41.53
N ASN C 171 9.55 24.84 -42.35
CA ASN C 171 8.14 25.23 -42.50
C ASN C 171 7.28 24.17 -43.18
N LYS C 172 7.89 23.36 -44.07
CA LYS C 172 7.17 22.29 -44.78
C LYS C 172 6.76 21.20 -43.77
N VAL C 173 7.67 20.87 -42.85
CA VAL C 173 7.42 19.86 -41.82
C VAL C 173 6.37 20.38 -40.83
N LEU C 174 6.45 21.66 -40.49
CA LEU C 174 5.47 22.28 -39.57
C LEU C 174 4.07 22.28 -40.18
N ASP C 175 4.00 22.43 -41.50
CA ASP C 175 2.74 22.42 -42.25
C ASP C 175 2.20 20.98 -42.33
N GLN C 176 3.11 20.01 -42.43
CA GLN C 176 2.77 18.58 -42.49
C GLN C 176 2.25 18.17 -41.10
N MET C 177 2.88 18.71 -40.06
CA MET C 177 2.50 18.48 -38.67
C MET C 177 1.12 19.08 -38.40
N ARG C 178 0.84 20.24 -39.00
CA ARG C 178 -0.44 20.95 -38.87
C ARG C 178 -1.57 20.11 -39.44
N SER C 179 -1.41 19.69 -40.70
CA SER C 179 -2.39 18.89 -41.43
C SER C 179 -2.70 17.55 -40.75
N PHE C 180 -1.65 16.85 -40.33
CA PHE C 180 -1.81 15.55 -39.65
C PHE C 180 -2.44 15.66 -38.27
N SER C 181 -1.93 16.60 -37.45
CA SER C 181 -2.46 16.80 -36.09
C SER C 181 -3.93 17.17 -36.10
N GLU C 182 -4.33 17.94 -37.12
CA GLU C 182 -5.74 18.33 -37.29
C GLU C 182 -6.62 17.14 -37.62
N LYS C 183 -6.10 16.22 -38.46
CA LYS C 183 -6.84 15.01 -38.84
C LYS C 183 -7.05 14.09 -37.63
N VAL C 184 -6.05 14.05 -36.74
CA VAL C 184 -6.12 13.24 -35.52
C VAL C 184 -7.09 13.85 -34.51
N ARG C 185 -6.97 15.17 -34.28
CA ARG C 185 -7.79 15.92 -33.33
C ARG C 185 -9.29 15.98 -33.65
N THR C 186 -9.62 16.14 -34.93
CA THR C 186 -11.03 16.24 -35.39
C THR C 186 -11.72 14.89 -35.53
N GLY C 187 -10.94 13.82 -35.52
CA GLY C 187 -11.49 12.47 -35.65
C GLY C 187 -11.51 11.96 -37.07
N GLU C 188 -10.90 12.71 -38.00
CA GLU C 188 -10.84 12.33 -39.42
C GLU C 188 -9.90 11.17 -39.71
N TRP C 189 -8.79 11.11 -38.97
CA TRP C 189 -7.81 10.02 -39.13
C TRP C 189 -8.40 8.80 -38.43
N LYS C 190 -8.58 7.73 -39.21
CA LYS C 190 -9.14 6.49 -38.71
C LYS C 190 -8.13 5.37 -38.58
N GLY C 191 -8.42 4.42 -37.66
CA GLY C 191 -7.58 3.26 -37.47
C GLY C 191 -7.98 2.21 -38.50
N HIS C 192 -7.42 1.01 -38.40
CA HIS C 192 -7.72 -0.08 -39.36
C HIS C 192 -9.17 -0.56 -39.40
N THR C 193 -9.85 -0.51 -38.26
CA THR C 193 -11.24 -0.93 -38.16
C THR C 193 -12.24 0.22 -38.30
N GLY C 194 -11.74 1.41 -38.62
CA GLY C 194 -12.57 2.59 -38.82
C GLY C 194 -12.83 3.51 -37.64
N LYS C 195 -12.17 3.26 -36.51
CA LYS C 195 -12.35 4.08 -35.31
C LYS C 195 -11.45 5.32 -35.30
N ALA C 196 -11.96 6.40 -34.71
CA ALA C 196 -11.23 7.65 -34.56
C ALA C 196 -10.16 7.43 -33.49
N ILE C 197 -9.05 8.17 -33.57
CA ILE C 197 -7.96 8.05 -32.62
C ILE C 197 -8.31 8.66 -31.26
N ARG C 198 -8.17 7.85 -30.22
CA ARG C 198 -8.44 8.26 -28.84
C ARG C 198 -7.19 8.20 -27.97
N HIS C 199 -6.22 7.39 -28.40
CA HIS C 199 -4.95 7.20 -27.69
C HIS C 199 -3.76 7.49 -28.59
N VAL C 200 -2.84 8.30 -28.10
CA VAL C 200 -1.63 8.66 -28.84
C VAL C 200 -0.44 8.17 -28.01
N VAL C 201 0.30 7.20 -28.56
CA VAL C 201 1.44 6.62 -27.87
C VAL C 201 2.77 7.00 -28.51
N ASN C 202 3.57 7.77 -27.77
CA ASN C 202 4.90 8.18 -28.24
C ASN C 202 5.89 7.10 -27.79
N ILE C 203 6.72 6.66 -28.73
CA ILE C 203 7.74 5.64 -28.47
C ILE C 203 9.09 6.29 -28.79
N GLY C 204 9.85 6.57 -27.73
CA GLY C 204 11.15 7.20 -27.89
C GLY C 204 11.82 7.33 -26.54
N ILE C 205 13.12 7.60 -26.52
CA ILE C 205 13.86 7.73 -25.27
C ILE C 205 14.77 8.97 -25.27
N GLY C 206 15.03 9.51 -24.08
CA GLY C 206 15.89 10.68 -23.94
C GLY C 206 15.35 11.92 -24.62
N GLY C 207 16.07 12.40 -25.64
CA GLY C 207 15.64 13.56 -26.39
C GLY C 207 14.36 13.39 -27.20
N SER C 208 14.00 12.13 -27.43
CA SER C 208 12.79 11.79 -28.16
C SER C 208 11.67 11.39 -27.19
N ASP C 209 11.80 11.81 -25.93
CA ASP C 209 10.83 11.49 -24.88
C ASP C 209 10.61 12.64 -23.89
N LEU C 210 11.69 13.07 -23.24
CA LEU C 210 11.63 14.12 -22.20
C LEU C 210 10.94 15.43 -22.58
N GLY C 211 11.19 15.93 -23.80
CA GLY C 211 10.57 17.15 -24.30
C GLY C 211 9.08 16.96 -24.42
N PRO C 212 8.62 15.93 -25.16
CA PRO C 212 7.20 15.65 -25.32
C PRO C 212 6.47 15.46 -23.98
N VAL C 213 7.10 14.76 -23.03
CA VAL C 213 6.53 14.53 -21.69
C VAL C 213 6.41 15.86 -20.93
N MET C 214 7.52 16.58 -20.82
CA MET C 214 7.58 17.86 -20.11
C MET C 214 6.59 18.89 -20.63
N ALA C 215 6.57 19.09 -21.95
CA ALA C 215 5.68 20.07 -22.58
C ALA C 215 4.20 19.74 -22.54
N THR C 216 3.83 18.47 -22.71
CA THR C 216 2.41 18.09 -22.65
C THR C 216 1.89 18.18 -21.22
N GLU C 217 2.76 17.93 -20.25
CA GLU C 217 2.39 18.04 -18.83
C GLU C 217 2.26 19.51 -18.46
N ALA C 218 3.22 20.32 -18.96
CA ALA C 218 3.27 21.75 -18.70
C ALA C 218 2.11 22.54 -19.26
N LEU C 219 1.68 22.12 -20.46
CA LEU C 219 0.62 22.78 -21.20
C LEU C 219 -0.71 22.05 -21.25
N LYS C 220 -0.99 21.27 -20.20
CA LYS C 220 -2.25 20.51 -20.07
C LYS C 220 -3.53 21.39 -20.13
N PRO C 221 -3.52 22.65 -19.58
CA PRO C 221 -4.75 23.46 -19.67
C PRO C 221 -5.16 23.83 -21.10
N PHE C 222 -4.17 23.79 -22.00
CA PHE C 222 -4.36 24.14 -23.41
C PHE C 222 -4.53 22.91 -24.31
N SER C 223 -4.72 21.75 -23.68
CA SER C 223 -4.87 20.48 -24.39
C SER C 223 -6.29 20.05 -24.72
N GLN C 224 -6.39 19.13 -25.68
CA GLN C 224 -7.68 18.55 -26.08
C GLN C 224 -7.79 17.32 -25.15
N ARG C 225 -8.70 17.44 -24.20
CA ARG C 225 -8.94 16.44 -23.16
C ARG C 225 -9.42 15.05 -23.55
N ASP C 226 -10.04 14.91 -24.73
CA ASP C 226 -10.53 13.60 -25.16
C ASP C 226 -9.46 12.68 -25.76
N LEU C 227 -8.23 13.19 -25.85
CA LEU C 227 -7.08 12.42 -26.36
C LEU C 227 -6.19 12.01 -25.19
N SER C 228 -5.95 10.71 -25.06
CA SER C 228 -5.10 10.19 -23.98
C SER C 228 -3.68 10.00 -24.51
N LEU C 229 -2.73 10.67 -23.87
CA LEU C 229 -1.31 10.61 -24.25
C LEU C 229 -0.56 9.60 -23.40
N HIS C 230 0.22 8.75 -24.05
CA HIS C 230 1.02 7.71 -23.38
C HIS C 230 2.45 7.84 -23.89
N PHE C 231 3.42 7.59 -23.00
CA PHE C 231 4.84 7.69 -23.35
C PHE C 231 5.64 6.44 -22.99
N VAL C 232 5.97 5.66 -24.02
CA VAL C 232 6.77 4.44 -23.89
C VAL C 232 8.21 4.84 -24.17
N SER C 233 9.09 4.59 -23.20
CA SER C 233 10.49 4.97 -23.36
C SER C 233 11.48 3.92 -22.94
N ASN C 234 11.29 3.39 -21.73
CA ASN C 234 12.15 2.37 -21.16
C ASN C 234 12.02 1.05 -21.94
N VAL C 235 13.12 0.32 -22.08
CA VAL C 235 13.11 -0.98 -22.76
C VAL C 235 12.56 -2.04 -21.80
N ASP C 236 12.44 -1.68 -20.52
CA ASP C 236 11.86 -2.56 -19.50
C ASP C 236 10.47 -2.89 -20.06
N GLY C 237 10.21 -4.19 -20.21
CA GLY C 237 8.94 -4.70 -20.74
C GLY C 237 7.70 -4.12 -20.10
N THR C 238 7.87 -3.66 -18.87
CA THR C 238 6.83 -3.03 -18.08
C THR C 238 6.22 -1.80 -18.77
N HIS C 239 7.05 -0.99 -19.42
CA HIS C 239 6.59 0.21 -20.09
C HIS C 239 5.59 -0.05 -21.22
N ILE C 240 5.92 -0.95 -22.11
CA ILE C 240 4.99 -1.24 -23.22
C ILE C 240 3.79 -2.05 -22.70
N ALA C 241 4.06 -2.90 -21.72
CA ALA C 241 3.04 -3.79 -21.12
C ALA C 241 1.90 -2.98 -20.46
N GLU C 242 2.28 -1.98 -19.69
CA GLU C 242 1.30 -1.14 -18.96
C GLU C 242 0.51 -0.25 -19.90
N VAL C 243 1.14 0.17 -21.00
CA VAL C 243 0.47 1.00 -22.00
C VAL C 243 -0.52 0.14 -22.79
N LEU C 244 -0.18 -1.12 -23.04
CA LEU C 244 -1.07 -2.05 -23.75
C LEU C 244 -2.33 -2.36 -22.94
N LYS C 245 -2.21 -2.26 -21.62
CA LYS C 245 -3.32 -2.49 -20.69
C LYS C 245 -4.23 -1.26 -20.58
N SER C 246 -3.66 -0.09 -20.89
CA SER C 246 -4.37 1.19 -20.80
C SER C 246 -5.03 1.69 -22.09
N ILE C 247 -4.66 1.11 -23.22
CA ILE C 247 -5.22 1.56 -24.50
C ILE C 247 -6.21 0.60 -25.14
N ASP C 248 -6.89 1.20 -26.12
CA ASP C 248 -7.82 0.54 -27.05
C ASP C 248 -7.10 0.62 -28.39
N ILE C 249 -6.35 -0.42 -28.65
CA ILE C 249 -5.42 -0.47 -29.79
C ILE C 249 -6.05 -0.12 -31.15
N GLU C 250 -7.36 -0.33 -31.28
CA GLU C 250 -8.09 -0.02 -32.51
C GLU C 250 -8.12 1.49 -32.77
N ALA C 251 -8.11 2.24 -31.67
CA ALA C 251 -8.15 3.69 -31.67
C ALA C 251 -6.83 4.29 -31.22
N THR C 252 -5.73 3.59 -31.49
CA THR C 252 -4.41 4.05 -31.08
C THR C 252 -3.46 4.39 -32.22
N LEU C 253 -2.80 5.54 -32.08
CA LEU C 253 -1.79 5.99 -33.02
C LEU C 253 -0.46 5.85 -32.28
N PHE C 254 0.47 5.13 -32.91
CA PHE C 254 1.80 4.94 -32.36
C PHE C 254 2.75 5.87 -33.10
N ILE C 255 3.50 6.64 -32.33
CA ILE C 255 4.46 7.58 -32.88
C ILE C 255 5.87 7.09 -32.51
N VAL C 256 6.64 6.69 -33.52
CA VAL C 256 8.01 6.22 -33.27
C VAL C 256 8.96 7.40 -33.46
N ALA C 257 9.45 7.92 -32.33
CA ALA C 257 10.34 9.06 -32.29
C ALA C 257 11.79 8.65 -32.03
N SER C 258 12.65 8.92 -33.01
CA SER C 258 14.08 8.58 -32.91
C SER C 258 14.87 9.26 -34.01
N LYS C 259 15.88 10.06 -33.63
CA LYS C 259 16.73 10.78 -34.59
C LYS C 259 17.48 9.83 -35.53
N THR C 260 18.11 8.82 -34.94
CA THR C 260 18.88 7.83 -35.67
C THR C 260 18.06 6.66 -36.21
N PHE C 261 16.95 6.36 -35.52
CA PHE C 261 16.04 5.25 -35.82
C PHE C 261 16.74 3.89 -35.68
N THR C 262 17.79 3.88 -34.85
CA THR C 262 18.59 2.68 -34.57
C THR C 262 18.78 2.42 -33.08
N THR C 263 18.27 3.33 -32.22
CA THR C 263 18.39 3.19 -30.75
C THR C 263 17.69 1.91 -30.32
N GLN C 264 18.44 1.04 -29.63
CA GLN C 264 17.93 -0.26 -29.19
C GLN C 264 16.61 -0.25 -28.43
N GLU C 265 16.49 0.64 -27.45
CA GLU C 265 15.26 0.75 -26.64
C GLU C 265 14.02 1.06 -27.47
N THR C 266 14.16 2.07 -28.33
CA THR C 266 13.08 2.54 -29.18
C THR C 266 12.66 1.54 -30.25
N ILE C 267 13.63 0.91 -30.91
CA ILE C 267 13.34 -0.08 -31.94
C ILE C 267 12.70 -1.34 -31.34
N THR C 268 13.17 -1.76 -30.16
CA THR C 268 12.62 -2.93 -29.46
C THR C 268 11.16 -2.66 -29.07
N ASN C 269 10.91 -1.46 -28.55
CA ASN C 269 9.57 -1.04 -28.15
C ASN C 269 8.63 -0.88 -29.35
N ALA C 270 9.17 -0.33 -30.45
CA ALA C 270 8.40 -0.12 -31.68
C ALA C 270 8.02 -1.46 -32.32
N LEU C 271 8.95 -2.42 -32.27
CA LEU C 271 8.71 -3.76 -32.82
C LEU C 271 7.66 -4.49 -32.00
N SER C 272 7.64 -4.25 -30.68
CA SER C 272 6.66 -4.86 -29.79
C SER C 272 5.27 -4.26 -29.95
N ALA C 273 5.23 -2.97 -30.28
CA ALA C 273 3.97 -2.24 -30.50
C ALA C 273 3.36 -2.71 -31.82
N ARG C 274 4.23 -2.97 -32.80
CA ARG C 274 3.81 -3.46 -34.13
C ARG C 274 3.30 -4.88 -34.00
N ARG C 275 3.97 -5.69 -33.18
CA ARG C 275 3.58 -7.08 -32.94
C ARG C 275 2.22 -7.10 -32.25
N ALA C 276 1.99 -6.15 -31.35
CA ALA C 276 0.74 -6.02 -30.61
C ALA C 276 -0.44 -5.72 -31.54
N LEU C 277 -0.22 -4.82 -32.50
CA LEU C 277 -1.25 -4.44 -33.47
C LEU C 277 -1.61 -5.64 -34.35
N LEU C 278 -0.57 -6.32 -34.85
CA LEU C 278 -0.76 -7.49 -35.71
C LEU C 278 -1.36 -8.69 -34.97
N ASP C 279 -1.01 -8.85 -33.68
CA ASP C 279 -1.54 -9.93 -32.84
C ASP C 279 -3.03 -9.72 -32.60
N TYR C 280 -3.42 -8.46 -32.41
CA TYR C 280 -4.83 -8.09 -32.19
C TYR C 280 -5.68 -8.41 -33.43
N LEU C 281 -5.24 -7.92 -34.58
CA LEU C 281 -5.95 -8.12 -35.84
C LEU C 281 -6.06 -9.59 -36.22
N ARG C 282 -4.97 -10.34 -35.99
CA ARG C 282 -4.92 -11.78 -36.29
C ARG C 282 -5.87 -12.57 -35.40
N SER C 283 -6.02 -12.13 -34.16
CA SER C 283 -6.91 -12.77 -33.17
C SER C 283 -8.38 -12.60 -33.52
N ARG C 284 -8.67 -11.54 -34.27
CA ARG C 284 -10.02 -11.25 -34.71
C ARG C 284 -10.23 -11.62 -36.18
N GLY C 285 -9.21 -12.25 -36.78
CA GLY C 285 -9.28 -12.69 -38.18
C GLY C 285 -9.33 -11.59 -39.23
N ILE C 286 -8.93 -10.38 -38.84
CA ILE C 286 -8.91 -9.21 -39.73
C ILE C 286 -7.61 -9.15 -40.52
N ASP C 287 -7.73 -8.86 -41.83
CA ASP C 287 -6.60 -8.74 -42.74
C ASP C 287 -5.72 -7.56 -42.29
N GLU C 288 -4.42 -7.85 -42.14
CA GLU C 288 -3.43 -6.87 -41.67
C GLU C 288 -2.87 -5.89 -42.70
N LYS C 289 -3.10 -6.15 -43.99
CA LYS C 289 -2.60 -5.31 -45.09
C LYS C 289 -3.05 -3.84 -44.98
N GLY C 290 -2.07 -2.95 -44.89
CA GLY C 290 -2.32 -1.52 -44.80
C GLY C 290 -2.56 -0.96 -43.40
N SER C 291 -2.48 -1.81 -42.37
CA SER C 291 -2.71 -1.39 -40.99
C SER C 291 -1.63 -0.50 -40.38
N VAL C 292 -0.38 -0.78 -40.73
CA VAL C 292 0.78 -0.04 -40.23
C VAL C 292 0.78 1.43 -40.71
N ALA C 293 0.26 1.66 -41.91
CA ALA C 293 0.16 3.00 -42.50
C ALA C 293 -0.92 3.87 -41.84
N LYS C 294 -1.79 3.23 -41.08
CA LYS C 294 -2.88 3.89 -40.38
C LYS C 294 -2.60 4.07 -38.88
N HIS C 295 -1.77 3.19 -38.33
CA HIS C 295 -1.45 3.23 -36.90
C HIS C 295 -0.04 3.68 -36.51
N PHE C 296 0.85 3.81 -37.48
CA PHE C 296 2.24 4.20 -37.22
C PHE C 296 2.78 5.37 -38.04
N VAL C 297 3.44 6.29 -37.35
CA VAL C 297 4.11 7.43 -37.98
C VAL C 297 5.52 7.50 -37.36
N ALA C 298 6.45 8.11 -38.09
CA ALA C 298 7.83 8.23 -37.63
C ALA C 298 8.37 9.66 -37.64
N LEU C 299 9.13 9.99 -36.60
CA LEU C 299 9.77 11.31 -36.45
C LEU C 299 11.26 10.94 -36.44
N SER C 300 11.94 11.19 -37.56
CA SER C 300 13.35 10.82 -37.72
C SER C 300 14.13 11.63 -38.75
N THR C 301 15.43 11.34 -38.85
CA THR C 301 16.33 11.95 -39.84
C THR C 301 16.74 10.85 -40.82
N ASN C 302 16.62 9.60 -40.36
CA ASN C 302 17.01 8.42 -41.12
C ASN C 302 15.86 7.87 -41.97
N ASN C 303 15.78 8.34 -43.21
CA ASN C 303 14.74 7.92 -44.18
C ASN C 303 14.78 6.45 -44.54
N GLN C 304 15.99 5.90 -44.64
CA GLN C 304 16.21 4.49 -44.99
C GLN C 304 15.75 3.51 -43.92
N LYS C 305 16.08 3.78 -42.67
CA LYS C 305 15.68 2.91 -41.55
C LYS C 305 14.19 2.95 -41.26
N VAL C 306 13.55 4.08 -41.61
CA VAL C 306 12.11 4.27 -41.45
C VAL C 306 11.38 3.41 -42.50
N LYS C 307 11.97 3.38 -43.71
CA LYS C 307 11.45 2.60 -44.84
C LYS C 307 11.59 1.10 -44.56
N GLU C 308 12.74 0.71 -44.00
CA GLU C 308 13.05 -0.68 -43.66
C GLU C 308 12.18 -1.24 -42.53
N PHE C 309 11.67 -0.34 -41.68
CA PHE C 309 10.79 -0.71 -40.56
C PHE C 309 9.38 -1.01 -41.07
N GLY C 310 8.98 -0.36 -42.16
CA GLY C 310 7.66 -0.60 -42.73
C GLY C 310 6.72 0.60 -42.71
N ILE C 311 7.24 1.76 -42.33
CA ILE C 311 6.45 2.98 -42.28
C ILE C 311 6.58 3.70 -43.63
N ASP C 312 5.45 4.20 -44.12
CA ASP C 312 5.37 4.92 -45.40
C ASP C 312 6.08 6.27 -45.33
N GLU C 313 6.61 6.72 -46.47
CA GLU C 313 7.33 8.00 -46.57
C GLU C 313 6.44 9.23 -46.33
N GLU C 314 5.13 9.06 -46.53
CA GLU C 314 4.14 10.12 -46.30
C GLU C 314 3.86 10.27 -44.80
N ASN C 315 4.13 9.18 -44.06
CA ASN C 315 3.94 9.13 -42.61
C ASN C 315 5.22 9.46 -41.84
N MET C 316 6.23 9.95 -42.55
CA MET C 316 7.50 10.32 -41.93
C MET C 316 7.60 11.84 -41.81
N PHE C 317 7.94 12.29 -40.60
CA PHE C 317 8.09 13.70 -40.28
C PHE C 317 9.58 13.91 -40.08
N GLN C 318 10.16 14.60 -41.05
CA GLN C 318 11.58 14.87 -41.13
C GLN C 318 12.09 16.01 -40.23
N PHE C 319 13.31 15.75 -39.73
CA PHE C 319 14.14 16.70 -38.95
C PHE C 319 15.61 16.34 -39.27
N TRP C 320 16.51 17.28 -39.01
CA TRP C 320 17.91 17.16 -39.50
C TRP C 320 18.96 16.94 -38.38
N ASP C 321 20.18 16.70 -38.87
CA ASP C 321 21.37 16.35 -38.05
C ASP C 321 21.80 17.48 -37.13
N TRP C 322 21.44 18.70 -37.53
CA TRP C 322 21.77 19.90 -36.76
C TRP C 322 20.81 20.16 -35.60
N VAL C 323 19.88 19.24 -35.40
CA VAL C 323 18.92 19.30 -34.30
C VAL C 323 19.36 18.25 -33.28
N GLY C 324 19.95 18.70 -32.17
CA GLY C 324 20.38 17.77 -31.13
C GLY C 324 19.14 17.21 -30.45
N GLY C 325 19.21 15.96 -29.97
CA GLY C 325 18.06 15.35 -29.33
C GLY C 325 17.49 16.13 -28.16
N ARG C 326 18.36 16.63 -27.29
CA ARG C 326 17.95 17.41 -26.12
C ARG C 326 17.53 18.84 -26.46
N TYR C 327 17.51 19.13 -27.76
CA TYR C 327 17.12 20.43 -28.31
C TYR C 327 16.10 20.21 -29.45
N SER C 328 15.44 19.04 -29.44
CA SER C 328 14.52 18.65 -30.51
C SER C 328 13.02 18.83 -30.34
N MET C 329 12.55 19.27 -29.17
CA MET C 329 11.10 19.41 -28.94
C MET C 329 10.40 20.39 -29.88
N TRP C 330 11.20 21.26 -30.50
CA TRP C 330 10.74 22.29 -31.43
C TRP C 330 10.54 21.77 -32.86
N SER C 331 11.14 20.62 -33.15
CA SER C 331 11.06 19.98 -34.46
C SER C 331 9.88 19.02 -34.59
N ALA C 332 10.03 18.07 -35.51
CA ALA C 332 9.05 17.01 -35.77
C ALA C 332 8.81 16.17 -34.51
N ILE C 333 9.81 16.16 -33.60
CA ILE C 333 9.75 15.45 -32.31
C ILE C 333 8.60 15.98 -31.46
N GLY C 334 8.24 17.24 -31.72
CA GLY C 334 7.15 17.88 -31.02
C GLY C 334 5.77 17.54 -31.54
N LEU C 335 5.64 16.53 -32.41
CA LEU C 335 4.33 16.12 -32.94
C LEU C 335 3.32 15.74 -31.84
N PRO C 336 3.73 14.93 -30.82
CA PRO C 336 2.72 14.62 -29.79
C PRO C 336 2.27 15.87 -29.01
N ILE C 337 3.14 16.90 -28.95
CA ILE C 337 2.82 18.16 -28.27
C ILE C 337 1.77 18.89 -29.11
N MET C 338 1.97 18.93 -30.43
CA MET C 338 1.03 19.59 -31.34
C MET C 338 -0.32 18.85 -31.41
N ILE C 339 -0.29 17.52 -31.32
CA ILE C 339 -1.53 16.72 -31.33
C ILE C 339 -2.34 17.04 -30.07
N SER C 340 -1.62 17.25 -28.96
CA SER C 340 -2.26 17.56 -27.69
C SER C 340 -2.79 18.99 -27.58
N ILE C 341 -1.95 19.98 -27.89
CA ILE C 341 -2.34 21.39 -27.75
C ILE C 341 -2.82 22.14 -29.00
N GLY C 342 -2.62 21.54 -30.17
CA GLY C 342 -3.03 22.19 -31.42
C GLY C 342 -1.93 23.00 -32.07
N TYR C 343 -2.10 23.26 -33.38
CA TYR C 343 -1.14 24.03 -34.17
C TYR C 343 -0.84 25.44 -33.65
N GLU C 344 -1.88 26.25 -33.44
CA GLU C 344 -1.71 27.62 -32.97
C GLU C 344 -0.99 27.74 -31.63
N ASN C 345 -1.26 26.79 -30.73
CA ASN C 345 -0.60 26.78 -29.42
C ASN C 345 0.86 26.33 -29.57
N PHE C 346 1.12 25.46 -30.56
CA PHE C 346 2.49 25.00 -30.83
C PHE C 346 3.29 26.15 -31.44
N VAL C 347 2.62 26.98 -32.24
CA VAL C 347 3.26 28.16 -32.86
C VAL C 347 3.62 29.16 -31.76
N GLU C 348 2.75 29.25 -30.75
CA GLU C 348 2.99 30.14 -29.60
C GLU C 348 4.22 29.65 -28.82
N LEU C 349 4.37 28.33 -28.72
CA LEU C 349 5.51 27.70 -28.04
C LEU C 349 6.81 28.04 -28.78
N LEU C 350 6.74 27.98 -30.11
CA LEU C 350 7.89 28.30 -30.97
C LEU C 350 8.23 29.79 -30.90
N THR C 351 7.19 30.63 -30.84
CA THR C 351 7.35 32.09 -30.79
C THR C 351 8.00 32.57 -29.49
N GLY C 352 7.68 31.91 -28.38
CA GLY C 352 8.27 32.27 -27.09
C GLY C 352 9.77 32.02 -27.10
N ALA C 353 10.16 30.94 -27.77
CA ALA C 353 11.56 30.57 -27.91
C ALA C 353 12.27 31.55 -28.81
N HIS C 354 11.58 31.96 -29.88
CA HIS C 354 12.09 32.93 -30.85
C HIS C 354 12.36 34.29 -30.21
N VAL C 355 11.44 34.75 -29.36
CA VAL C 355 11.56 36.04 -28.66
C VAL C 355 12.81 36.04 -27.77
N ILE C 356 13.07 34.93 -27.10
CA ILE C 356 14.25 34.79 -26.25
C ILE C 356 15.52 34.62 -27.09
N ASP C 357 15.41 34.02 -28.27
CA ASP C 357 16.56 33.85 -29.18
C ASP C 357 17.04 35.23 -29.65
N GLU C 358 16.08 36.10 -29.97
CA GLU C 358 16.35 37.48 -30.43
C GLU C 358 16.88 38.35 -29.29
N HIS C 359 16.40 38.07 -28.08
CA HIS C 359 16.83 38.79 -26.89
C HIS C 359 18.28 38.43 -26.56
N PHE C 360 18.58 37.14 -26.66
CA PHE C 360 19.90 36.59 -26.37
C PHE C 360 20.97 37.03 -27.36
N ALA C 361 20.55 37.25 -28.60
CA ALA C 361 21.47 37.61 -29.68
C ALA C 361 21.67 39.11 -29.90
N ASN C 362 20.84 39.94 -29.28
CA ASN C 362 20.93 41.38 -29.51
C ASN C 362 21.02 42.24 -28.25
N ALA C 363 20.42 41.75 -27.16
CA ALA C 363 20.41 42.48 -25.89
C ALA C 363 21.82 42.71 -25.34
N PRO C 364 22.10 43.93 -24.80
CA PRO C 364 23.42 44.25 -24.23
C PRO C 364 23.78 43.29 -23.07
N PRO C 365 25.07 42.92 -22.92
CA PRO C 365 25.57 42.01 -21.88
C PRO C 365 25.02 42.13 -20.46
N GLU C 366 24.93 43.35 -19.95
CA GLU C 366 24.44 43.63 -18.60
C GLU C 366 22.92 43.46 -18.40
N GLN C 367 22.19 43.34 -19.50
CA GLN C 367 20.72 43.15 -19.49
C GLN C 367 20.30 41.91 -20.28
N ASN C 368 21.25 40.99 -20.48
CA ASN C 368 21.02 39.75 -21.23
C ASN C 368 20.81 38.61 -20.22
N VAL C 369 19.55 38.19 -20.12
CA VAL C 369 19.11 37.18 -19.14
C VAL C 369 19.90 35.84 -19.26
N PRO C 370 19.88 35.06 -20.36
CA PRO C 370 20.63 33.80 -20.40
C PRO C 370 22.14 33.97 -20.13
N LEU C 371 22.73 35.10 -20.50
CA LEU C 371 24.20 35.35 -20.26
C LEU C 371 24.43 35.55 -18.76
N LEU C 372 23.57 36.33 -18.12
CA LEU C 372 23.67 36.59 -16.68
C LEU C 372 23.44 35.34 -15.84
N LEU C 373 22.47 34.52 -16.25
CA LEU C 373 22.14 33.26 -15.57
C LEU C 373 23.35 32.32 -15.64
N ALA C 374 24.01 32.32 -16.80
CA ALA C 374 25.19 31.49 -17.02
C ALA C 374 26.41 31.92 -16.22
N LEU C 375 26.61 33.23 -16.12
CA LEU C 375 27.72 33.81 -15.37
C LEU C 375 27.60 33.63 -13.86
N VAL C 376 26.36 33.68 -13.36
CA VAL C 376 26.07 33.46 -11.93
C VAL C 376 26.42 32.00 -11.64
N GLY C 377 26.11 31.12 -12.60
CA GLY C 377 26.41 29.71 -12.48
C GLY C 377 27.91 29.41 -12.48
N VAL C 378 28.65 30.08 -13.36
CA VAL C 378 30.12 29.93 -13.46
C VAL C 378 30.78 30.40 -12.16
N TRP C 379 30.25 31.48 -11.60
CA TRP C 379 30.74 32.04 -10.34
C TRP C 379 30.63 31.01 -9.21
N TYR C 380 29.49 30.31 -9.15
CA TYR C 380 29.30 29.31 -8.12
C TYR C 380 30.00 27.98 -8.32
N ILE C 381 30.06 27.52 -9.58
CA ILE C 381 30.72 26.26 -9.91
C ILE C 381 32.24 26.33 -9.82
N ASN C 382 32.83 27.31 -10.51
CA ASN C 382 34.27 27.45 -10.58
C ASN C 382 34.97 28.22 -9.46
N PHE C 383 34.24 29.02 -8.70
CA PHE C 383 34.90 29.78 -7.65
C PHE C 383 34.49 29.33 -6.27
N PHE C 384 33.21 29.05 -6.09
CA PHE C 384 32.70 28.55 -4.81
C PHE C 384 32.83 27.02 -4.73
N GLY C 385 32.95 26.38 -5.90
CA GLY C 385 33.09 24.93 -5.95
C GLY C 385 31.79 24.18 -5.74
N ALA C 386 30.66 24.86 -6.01
CA ALA C 386 29.33 24.27 -5.88
C ALA C 386 29.02 23.44 -7.12
N VAL C 387 29.03 22.12 -6.95
CA VAL C 387 28.83 21.19 -8.06
C VAL C 387 27.38 20.73 -8.30
N THR C 388 26.45 21.23 -7.51
CA THR C 388 25.03 20.89 -7.68
C THR C 388 24.24 22.16 -7.95
N HIS C 389 23.07 22.00 -8.58
CA HIS C 389 22.18 23.11 -8.92
C HIS C 389 20.75 22.58 -8.91
N ALA C 390 19.91 23.23 -8.10
CA ALA C 390 18.50 22.85 -7.99
C ALA C 390 17.55 23.64 -8.87
N ILE C 391 16.66 22.93 -9.57
CA ILE C 391 15.63 23.53 -10.43
C ILE C 391 14.34 23.26 -9.65
N LEU C 392 13.76 24.32 -9.10
CA LEU C 392 12.56 24.23 -8.27
C LEU C 392 11.38 25.01 -8.84
N PRO C 393 10.61 24.38 -9.75
CA PRO C 393 9.46 25.09 -10.32
C PRO C 393 8.21 25.07 -9.46
N TYR C 394 7.73 26.26 -9.10
CA TYR C 394 6.51 26.36 -8.32
C TYR C 394 5.33 26.43 -9.26
N ASP C 395 5.03 25.27 -9.84
CA ASP C 395 3.92 25.06 -10.77
C ASP C 395 3.90 23.55 -10.93
N GLN C 396 2.79 22.94 -10.51
CA GLN C 396 2.62 21.49 -10.60
C GLN C 396 2.68 20.95 -12.02
N TYR C 397 2.27 21.77 -12.99
CA TYR C 397 2.31 21.36 -14.40
C TYR C 397 3.76 21.19 -14.88
N LEU C 398 4.68 21.91 -14.22
CA LEU C 398 6.10 21.85 -14.55
C LEU C 398 6.85 20.78 -13.75
N TRP C 399 6.14 19.76 -13.26
CA TRP C 399 6.77 18.70 -12.46
C TRP C 399 7.84 17.88 -13.20
N ARG C 400 7.77 17.87 -14.53
CA ARG C 400 8.76 17.15 -15.33
C ARG C 400 9.84 18.06 -15.89
N LEU C 401 9.83 19.34 -15.49
CA LEU C 401 10.86 20.29 -15.92
C LEU C 401 12.26 19.97 -15.36
N PRO C 402 12.39 19.57 -14.06
CA PRO C 402 13.74 19.27 -13.56
C PRO C 402 14.41 18.11 -14.30
N ALA C 403 13.61 17.10 -14.69
CA ALA C 403 14.11 15.94 -15.44
C ALA C 403 14.56 16.35 -16.84
N TYR C 404 13.83 17.29 -17.44
CA TYR C 404 14.15 17.80 -18.78
C TYR C 404 15.47 18.58 -18.76
N LEU C 405 15.57 19.50 -17.80
CA LEU C 405 16.77 20.33 -17.66
C LEU C 405 17.99 19.54 -17.22
N GLN C 406 17.73 18.36 -16.66
CA GLN C 406 18.77 17.44 -16.21
C GLN C 406 19.48 16.94 -17.46
N GLN C 407 18.72 16.59 -18.50
CA GLN C 407 19.30 16.14 -19.76
C GLN C 407 19.97 17.30 -20.48
N LEU C 408 19.24 18.41 -20.60
CA LEU C 408 19.73 19.60 -21.29
C LEU C 408 21.09 20.08 -20.78
N ASP C 409 21.21 20.22 -19.47
CA ASP C 409 22.45 20.70 -18.85
C ASP C 409 23.54 19.62 -18.74
N MET C 410 23.20 18.51 -18.09
CA MET C 410 24.15 17.43 -17.85
C MET C 410 24.71 16.69 -19.06
N GLU C 411 23.87 16.44 -20.07
CA GLU C 411 24.34 15.75 -21.27
C GLU C 411 25.11 16.71 -22.18
N SER C 412 24.82 18.00 -22.05
CA SER C 412 25.50 19.01 -22.84
C SER C 412 26.85 19.37 -22.26
N ASN C 413 26.85 19.74 -20.98
CA ASN C 413 28.07 20.19 -20.31
C ASN C 413 28.85 19.26 -19.40
N GLY C 414 28.47 18.00 -19.37
CA GLY C 414 29.19 17.02 -18.57
C GLY C 414 30.31 16.46 -19.40
N LYS C 415 31.29 17.32 -19.68
CA LYS C 415 32.45 17.01 -20.52
C LYS C 415 33.76 17.34 -19.80
N TYR C 416 34.84 16.67 -20.18
CA TYR C 416 36.14 16.94 -19.58
C TYR C 416 37.26 17.25 -20.59
N VAL C 417 36.89 17.32 -21.86
CA VAL C 417 37.81 17.63 -22.96
C VAL C 417 37.29 18.85 -23.72
N THR C 418 38.20 19.76 -24.07
CA THR C 418 37.87 20.98 -24.82
C THR C 418 37.75 20.69 -26.32
N ARG C 419 37.23 21.65 -27.08
CA ARG C 419 37.09 21.51 -28.54
C ARG C 419 38.45 21.47 -29.23
N SER C 420 39.46 22.00 -28.54
CA SER C 420 40.84 22.03 -29.02
C SER C 420 41.56 20.69 -28.79
N GLY C 421 40.88 19.77 -28.09
CA GLY C 421 41.42 18.44 -27.83
C GLY C 421 42.28 18.28 -26.58
N LYS C 422 42.15 19.23 -25.65
CA LYS C 422 42.92 19.22 -24.40
C LYS C 422 41.98 19.00 -23.21
N THR C 423 42.53 18.55 -22.08
CA THR C 423 41.73 18.30 -20.88
C THR C 423 41.41 19.61 -20.15
N VAL C 424 40.19 19.74 -19.63
CA VAL C 424 39.79 20.95 -18.91
C VAL C 424 40.57 21.12 -17.60
N SER C 425 40.83 22.37 -17.21
CA SER C 425 41.53 22.66 -15.97
C SER C 425 40.59 23.24 -14.93
N THR C 426 39.30 23.29 -15.29
CA THR C 426 38.24 23.78 -14.42
C THR C 426 37.11 22.76 -14.38
N LEU C 427 36.21 22.93 -13.42
CA LEU C 427 35.04 22.08 -13.29
C LEU C 427 34.08 22.49 -14.41
N THR C 428 33.30 21.54 -14.90
CA THR C 428 32.34 21.84 -15.94
C THR C 428 30.90 21.72 -15.43
N GLY C 429 30.03 21.05 -16.20
CA GLY C 429 28.63 20.91 -15.84
C GLY C 429 28.30 20.37 -14.46
N PRO C 430 27.34 21.01 -13.75
CA PRO C 430 26.96 20.57 -12.41
C PRO C 430 25.89 19.47 -12.44
N ILE C 431 25.61 18.89 -11.28
CA ILE C 431 24.57 17.89 -11.15
C ILE C 431 23.27 18.67 -10.96
N ILE C 432 22.28 18.41 -11.81
CA ILE C 432 20.98 19.06 -11.75
C ILE C 432 19.99 18.11 -11.07
N PHE C 433 19.20 18.68 -10.15
CA PHE C 433 18.16 17.93 -9.42
C PHE C 433 17.06 18.89 -8.99
N GLY C 434 15.97 18.31 -8.50
CA GLY C 434 14.85 19.10 -8.00
C GLY C 434 13.52 18.47 -8.33
N GLU C 435 12.50 19.04 -7.67
CA GLU C 435 11.10 18.68 -7.78
C GLU C 435 10.28 19.95 -7.68
N ALA C 436 9.02 19.85 -8.08
CA ALA C 436 8.10 20.97 -8.03
C ALA C 436 7.76 21.39 -6.61
N GLY C 437 7.84 22.70 -6.38
CA GLY C 437 7.49 23.29 -5.10
C GLY C 437 5.95 23.26 -5.02
N THR C 438 5.33 23.20 -3.85
CA THR C 438 5.99 23.17 -2.54
C THR C 438 6.37 21.81 -1.96
N ASN C 439 6.32 20.75 -2.75
CA ASN C 439 6.62 19.41 -2.24
C ASN C 439 8.06 19.25 -1.72
N GLY C 440 8.99 19.92 -2.41
CA GLY C 440 10.40 19.84 -2.06
C GLY C 440 10.71 20.32 -0.66
N GLN C 441 9.88 21.25 -0.18
CA GLN C 441 10.00 21.85 1.15
C GLN C 441 9.87 20.83 2.27
N HIS C 442 9.12 19.77 1.95
CA HIS C 442 8.85 18.69 2.88
C HIS C 442 9.64 17.44 2.50
N ALA C 443 10.61 17.61 1.61
CA ALA C 443 11.42 16.50 1.11
C ALA C 443 12.93 16.67 1.32
N PHE C 444 13.52 17.66 0.67
CA PHE C 444 14.97 17.86 0.72
C PHE C 444 15.47 19.28 1.01
N TYR C 445 14.56 20.21 1.29
CA TYR C 445 14.94 21.60 1.58
C TYR C 445 15.68 21.70 2.90
N GLN C 446 15.49 20.67 3.73
CA GLN C 446 16.16 20.57 5.02
C GLN C 446 17.66 20.64 4.78
N LEU C 447 18.13 19.93 3.76
CA LEU C 447 19.55 19.91 3.39
C LEU C 447 20.00 21.22 2.75
N ILE C 448 19.14 21.84 1.93
CA ILE C 448 19.47 23.09 1.26
C ILE C 448 19.65 24.21 2.31
N HIS C 449 18.82 24.18 3.35
CA HIS C 449 18.86 25.16 4.44
C HIS C 449 19.89 24.87 5.54
N GLN C 450 20.01 23.60 5.95
CA GLN C 450 20.89 23.23 7.06
C GLN C 450 21.96 22.15 6.80
N GLY C 451 22.26 21.89 5.53
CA GLY C 451 23.26 20.89 5.20
C GLY C 451 24.64 21.49 5.08
N THR C 452 25.62 20.65 4.71
CA THR C 452 27.01 21.06 4.58
C THR C 452 27.42 21.40 3.14
N ASN C 453 26.44 21.49 2.25
CA ASN C 453 26.69 21.79 0.84
C ASN C 453 26.03 23.09 0.41
N LEU C 454 26.73 23.87 -0.42
CA LEU C 454 26.22 25.13 -0.95
C LEU C 454 25.50 24.74 -2.25
N ILE C 455 24.19 24.95 -2.28
CA ILE C 455 23.38 24.57 -3.45
C ILE C 455 22.62 25.73 -4.09
N PRO C 456 23.11 26.24 -5.24
CA PRO C 456 22.44 27.34 -5.94
C PRO C 456 21.08 26.83 -6.43
N CYS C 457 20.04 27.64 -6.25
CA CYS C 457 18.68 27.27 -6.64
C CYS C 457 18.01 28.20 -7.61
N ASP C 458 17.23 27.64 -8.54
CA ASP C 458 16.45 28.42 -9.48
C ASP C 458 14.98 28.19 -9.12
N PHE C 459 14.33 29.24 -8.65
CA PHE C 459 12.91 29.20 -8.28
C PHE C 459 12.11 29.79 -9.43
N ILE C 460 11.23 28.99 -10.03
CA ILE C 460 10.41 29.41 -11.17
C ILE C 460 8.94 29.44 -10.79
N GLY C 461 8.26 30.56 -11.05
CA GLY C 461 6.86 30.67 -10.71
C GLY C 461 6.04 31.59 -11.60
N ALA C 462 4.72 31.47 -11.47
CA ALA C 462 3.78 32.27 -12.25
C ALA C 462 2.90 33.11 -11.34
N ILE C 463 2.63 34.34 -11.77
CA ILE C 463 1.78 35.26 -11.02
C ILE C 463 0.32 34.80 -11.05
N GLN C 464 -0.11 34.31 -12.21
CA GLN C 464 -1.48 33.83 -12.39
C GLN C 464 -1.54 32.32 -12.66
N SER C 465 -2.48 31.67 -11.98
CA SER C 465 -2.71 30.23 -12.12
C SER C 465 -3.74 30.00 -13.21
N GLN C 466 -3.71 28.82 -13.81
CA GLN C 466 -4.70 28.46 -14.83
C GLN C 466 -5.92 27.86 -14.15
N ASN C 467 -5.78 27.58 -12.84
CA ASN C 467 -6.83 26.99 -12.02
C ASN C 467 -7.14 27.89 -10.82
N LYS C 468 -8.27 28.59 -10.90
CA LYS C 468 -8.72 29.51 -9.85
C LYS C 468 -9.49 28.79 -8.73
N ILE C 469 -8.75 28.04 -7.91
CA ILE C 469 -9.33 27.28 -6.80
C ILE C 469 -9.13 28.04 -5.49
N GLY C 470 -10.22 28.61 -4.96
CA GLY C 470 -10.20 29.37 -3.71
C GLY C 470 -9.03 30.30 -3.52
N ASP C 471 -8.32 30.11 -2.41
CA ASP C 471 -7.15 30.92 -2.06
C ASP C 471 -5.84 30.16 -2.25
N HIS C 472 -5.91 29.05 -3.00
CA HIS C 472 -4.74 28.20 -3.26
C HIS C 472 -3.51 28.88 -3.82
N HIS C 473 -3.69 29.73 -4.83
CA HIS C 473 -2.54 30.40 -5.45
C HIS C 473 -1.77 31.37 -4.55
N LYS C 474 -2.47 32.14 -3.71
CA LYS C 474 -1.76 33.05 -2.81
C LYS C 474 -1.05 32.30 -1.68
N ILE C 475 -1.66 31.21 -1.21
CA ILE C 475 -1.06 30.36 -0.16
C ILE C 475 0.20 29.73 -0.73
N PHE C 476 0.08 29.28 -1.98
CA PHE C 476 1.16 28.65 -2.74
C PHE C 476 2.33 29.61 -2.96
N MET C 477 2.03 30.79 -3.48
CA MET C 477 3.05 31.78 -3.75
C MET C 477 3.70 32.43 -2.54
N SER C 478 3.06 32.30 -1.38
CA SER C 478 3.64 32.84 -0.15
C SER C 478 4.91 32.05 0.18
N ASN C 479 4.91 30.78 -0.21
CA ASN C 479 6.05 29.88 -0.02
C ASN C 479 7.17 30.20 -1.02
N PHE C 480 6.78 30.53 -2.25
CA PHE C 480 7.71 30.88 -3.33
C PHE C 480 8.64 32.04 -2.97
N PHE C 481 8.06 33.12 -2.43
CA PHE C 481 8.82 34.30 -2.03
C PHE C 481 9.57 34.10 -0.73
N ALA C 482 8.95 33.37 0.19
CA ALA C 482 9.52 33.08 1.51
C ALA C 482 10.75 32.22 1.52
N GLN C 483 10.77 31.20 0.67
CA GLN C 483 11.90 30.28 0.63
C GLN C 483 13.20 30.92 0.20
N THR C 484 13.15 31.79 -0.80
CA THR C 484 14.34 32.49 -1.29
C THR C 484 14.80 33.51 -0.25
N GLU C 485 13.84 34.13 0.45
CA GLU C 485 14.13 35.09 1.51
C GLU C 485 14.82 34.35 2.65
N ALA C 486 14.28 33.18 2.99
CA ALA C 486 14.79 32.31 4.06
C ALA C 486 16.22 31.86 3.82
N LEU C 487 16.51 31.44 2.59
CA LEU C 487 17.83 30.98 2.19
C LEU C 487 18.88 32.07 2.34
N MET C 488 18.48 33.31 2.04
CA MET C 488 19.37 34.45 2.13
C MET C 488 19.58 35.02 3.54
N ILE C 489 18.50 35.38 4.24
CA ILE C 489 18.61 35.99 5.56
C ILE C 489 18.95 35.09 6.74
N GLY C 490 18.48 33.84 6.70
CA GLY C 490 18.72 32.91 7.78
C GLY C 490 18.03 33.31 9.07
N LYS C 491 18.55 32.82 10.19
CA LYS C 491 18.03 33.11 11.53
C LYS C 491 19.20 32.91 12.50
N SER C 492 19.64 34.02 13.09
CA SER C 492 20.79 34.07 14.00
C SER C 492 20.53 33.41 15.38
N PRO C 493 21.61 33.03 16.12
CA PRO C 493 21.44 32.41 17.44
C PRO C 493 20.64 33.28 18.43
N SER C 494 20.75 34.60 18.26
CA SER C 494 20.05 35.59 19.09
C SER C 494 18.55 35.59 18.83
N GLU C 495 18.17 35.47 17.55
CA GLU C 495 16.76 35.45 17.13
C GLU C 495 16.05 34.16 17.56
N VAL C 496 16.82 33.07 17.61
CA VAL C 496 16.32 31.76 18.04
C VAL C 496 16.04 31.80 19.56
N ARG C 497 16.94 32.46 20.29
CA ARG C 497 16.85 32.62 21.74
C ARG C 497 15.59 33.38 22.17
N ARG C 498 15.29 34.47 21.46
CA ARG C 498 14.11 35.30 21.72
C ARG C 498 12.80 34.56 21.45
N GLU C 499 12.83 33.63 20.49
CA GLU C 499 11.66 32.82 20.13
C GLU C 499 11.43 31.66 21.10
N LEU C 500 12.51 31.11 21.66
CA LEU C 500 12.44 30.01 22.62
C LEU C 500 12.12 30.51 24.03
N GLU C 501 12.52 31.74 24.33
CA GLU C 501 12.27 32.38 25.64
C GLU C 501 10.85 32.93 25.69
N ALA C 502 10.25 33.15 24.51
CA ALA C 502 8.89 33.67 24.38
C ALA C 502 7.82 32.59 24.63
N ALA C 503 7.83 32.09 25.86
CA ALA C 503 6.93 31.06 26.37
C ALA C 503 7.12 30.99 27.87
N GLY C 504 8.40 30.96 28.28
CA GLY C 504 8.77 30.90 29.68
C GLY C 504 8.55 29.54 30.33
N GLU C 505 8.45 28.51 29.48
CA GLU C 505 8.21 27.13 29.94
C GLU C 505 9.47 26.26 29.85
N ARG C 506 10.31 26.53 28.85
CA ARG C 506 11.55 25.79 28.65
C ARG C 506 12.66 26.40 29.52
N SER C 507 13.50 25.53 30.11
CA SER C 507 14.61 25.95 30.98
C SER C 507 15.81 26.51 30.18
N ALA C 508 16.78 27.08 30.91
CA ALA C 508 18.02 27.67 30.34
C ALA C 508 18.81 26.62 29.65
N GLU C 509 18.74 25.46 30.28
CA GLU C 509 19.39 24.29 29.83
C GLU C 509 18.76 23.79 28.54
N LYS C 510 17.42 23.75 28.50
CA LYS C 510 16.65 23.30 27.33
C LYS C 510 16.80 24.24 26.14
N ILE C 511 16.85 25.55 26.45
CA ILE C 511 17.00 26.60 25.43
C ILE C 511 18.39 26.52 24.79
N ASN C 512 19.43 26.39 25.61
CA ASN C 512 20.81 26.29 25.14
C ASN C 512 21.09 25.01 24.34
N ALA C 513 20.35 23.95 24.67
CA ALA C 513 20.49 22.65 24.00
C ALA C 513 19.85 22.69 22.61
N LEU C 514 18.68 23.33 22.50
CA LEU C 514 17.94 23.45 21.24
C LEU C 514 18.35 24.59 20.33
N LEU C 515 19.17 25.48 20.84
CA LEU C 515 19.58 26.66 20.09
C LEU C 515 20.30 26.43 18.76
N PRO C 516 21.45 25.74 18.75
CA PRO C 516 22.15 25.53 17.48
C PRO C 516 21.38 24.78 16.40
N HIS C 517 20.49 23.89 16.85
CA HIS C 517 19.69 23.07 15.95
C HIS C 517 18.65 23.85 15.15
N LYS C 518 18.23 24.98 15.71
CA LYS C 518 17.21 25.83 15.09
C LYS C 518 17.81 27.07 14.43
N THR C 519 19.14 27.13 14.39
CA THR C 519 19.86 28.25 13.79
C THR C 519 20.06 28.00 12.30
N PHE C 520 19.80 29.05 11.50
CA PHE C 520 19.96 29.01 10.06
C PHE C 520 21.06 29.99 9.68
N ILE C 521 22.16 29.47 9.14
CA ILE C 521 23.30 30.32 8.75
C ILE C 521 22.96 31.33 7.65
N GLY C 522 22.04 30.93 6.75
CA GLY C 522 21.65 31.78 5.64
C GLY C 522 22.79 31.96 4.66
N GLY C 523 22.75 33.07 3.91
CA GLY C 523 23.79 33.36 2.92
C GLY C 523 23.81 32.35 1.80
N ARG C 524 22.66 31.73 1.56
CA ARG C 524 22.51 30.71 0.53
C ARG C 524 21.80 31.35 -0.66
N PRO C 525 22.41 31.24 -1.86
CA PRO C 525 21.89 31.83 -3.10
C PRO C 525 20.71 31.20 -3.80
N SER C 526 20.06 32.04 -4.60
CA SER C 526 18.92 31.66 -5.41
C SER C 526 18.66 32.70 -6.49
N ASN C 527 18.07 32.22 -7.58
CA ASN C 527 17.65 33.05 -8.70
C ASN C 527 16.14 32.85 -8.72
N THR C 528 15.41 33.94 -8.91
CA THR C 528 13.95 33.86 -9.00
C THR C 528 13.54 34.24 -10.41
N LEU C 529 12.81 33.32 -11.05
CA LEU C 529 12.28 33.51 -12.39
C LEU C 529 10.76 33.61 -12.26
N LEU C 530 10.23 34.78 -12.61
CA LEU C 530 8.79 35.03 -12.51
C LEU C 530 8.19 35.38 -13.87
N ILE C 531 7.08 34.71 -14.20
CA ILE C 531 6.34 34.95 -15.43
C ILE C 531 4.92 35.37 -15.04
N LYS C 532 4.18 35.99 -15.96
CA LYS C 532 2.80 36.41 -15.66
C LYS C 532 1.90 35.17 -15.56
N SER C 533 2.06 34.24 -16.51
CA SER C 533 1.31 32.99 -16.55
C SER C 533 2.01 31.98 -17.42
N LEU C 534 1.80 30.70 -17.14
CA LEU C 534 2.41 29.63 -17.92
C LEU C 534 1.59 29.24 -19.15
N THR C 535 1.76 30.06 -20.18
CA THR C 535 1.12 29.91 -21.47
C THR C 535 2.13 29.18 -22.38
N PRO C 536 1.70 28.68 -23.57
CA PRO C 536 2.69 28.00 -24.44
C PRO C 536 3.88 28.90 -24.78
N ARG C 537 3.62 30.19 -24.93
CA ARG C 537 4.67 31.17 -25.23
C ARG C 537 5.66 31.29 -24.08
N ALA C 538 5.16 31.29 -22.84
CA ALA C 538 6.00 31.37 -21.64
C ALA C 538 6.91 30.16 -21.48
N LEU C 539 6.38 28.96 -21.78
CA LEU C 539 7.19 27.74 -21.69
C LEU C 539 8.33 27.77 -22.72
N GLY C 540 8.00 28.23 -23.93
CA GLY C 540 8.99 28.34 -24.99
C GLY C 540 10.14 29.25 -24.59
N ALA C 541 9.78 30.33 -23.90
CA ALA C 541 10.71 31.32 -23.40
C ALA C 541 11.66 30.76 -22.34
N ILE C 542 11.09 30.01 -21.39
CA ILE C 542 11.84 29.39 -20.29
C ILE C 542 12.86 28.36 -20.80
N ILE C 543 12.44 27.50 -21.73
CA ILE C 543 13.32 26.47 -22.27
C ILE C 543 14.46 27.08 -23.10
N ALA C 544 14.13 28.06 -23.94
CA ALA C 544 15.13 28.74 -24.78
C ALA C 544 16.17 29.44 -23.90
N MET C 545 15.71 30.01 -22.79
CA MET C 545 16.60 30.69 -21.83
C MET C 545 17.63 29.71 -21.27
N TYR C 546 17.18 28.52 -20.91
CA TYR C 546 18.07 27.49 -20.38
C TYR C 546 18.99 26.91 -21.44
N GLU C 547 18.51 26.81 -22.67
CA GLU C 547 19.31 26.30 -23.80
C GLU C 547 20.48 27.25 -24.04
N HIS C 548 20.20 28.55 -23.93
CA HIS C 548 21.20 29.57 -24.14
C HIS C 548 22.16 29.76 -22.95
N LYS C 549 21.67 29.43 -21.75
CA LYS C 549 22.48 29.48 -20.52
C LYS C 549 23.56 28.39 -20.66
N VAL C 550 23.13 27.22 -21.13
CA VAL C 550 23.99 26.06 -21.34
C VAL C 550 25.04 26.35 -22.43
N LEU C 551 24.63 27.11 -23.46
CA LEU C 551 25.51 27.50 -24.57
C LEU C 551 26.66 28.36 -24.04
N VAL C 552 26.33 29.40 -23.26
CA VAL C 552 27.32 30.31 -22.70
C VAL C 552 28.32 29.60 -21.77
N GLN C 553 27.81 28.76 -20.87
CA GLN C 553 28.66 28.02 -19.93
C GLN C 553 29.62 27.09 -20.66
N GLY C 554 29.11 26.42 -21.69
CA GLY C 554 29.92 25.51 -22.50
C GLY C 554 31.02 26.24 -23.25
N ALA C 555 30.68 27.43 -23.75
CA ALA C 555 31.61 28.28 -24.50
C ALA C 555 32.69 28.88 -23.60
N ILE C 556 32.34 29.19 -22.36
CA ILE C 556 33.28 29.74 -21.38
C ILE C 556 34.30 28.65 -21.03
N TRP C 557 33.80 27.43 -20.83
CA TRP C 557 34.65 26.29 -20.48
C TRP C 557 35.46 25.72 -21.66
N GLY C 558 35.06 26.11 -22.88
CA GLY C 558 35.74 25.69 -24.10
C GLY C 558 35.39 24.29 -24.59
N ILE C 559 34.30 23.74 -24.07
CA ILE C 559 33.85 22.39 -24.42
C ILE C 559 32.81 22.39 -25.55
N ASP C 560 32.47 21.18 -26.02
CA ASP C 560 31.46 20.96 -27.07
C ASP C 560 30.18 20.54 -26.35
N SER C 561 29.26 21.48 -26.22
CA SER C 561 27.98 21.26 -25.55
C SER C 561 26.95 20.54 -26.41
N TYR C 562 27.35 20.11 -27.59
CA TYR C 562 26.40 19.52 -28.53
C TYR C 562 26.65 18.08 -28.95
N ASP C 563 27.68 17.47 -28.39
CA ASP C 563 27.98 16.07 -28.69
C ASP C 563 27.62 15.24 -27.44
N GLN C 564 27.74 13.92 -27.56
CA GLN C 564 27.46 13.00 -26.45
C GLN C 564 28.20 11.68 -26.59
N TRP C 565 29.53 11.76 -26.62
CA TRP C 565 30.38 10.56 -26.76
C TRP C 565 30.40 9.66 -25.55
N GLY C 566 30.00 10.20 -24.40
CA GLY C 566 29.97 9.48 -23.14
C GLY C 566 28.97 8.35 -22.97
N VAL C 567 28.06 8.21 -23.92
CA VAL C 567 27.05 7.17 -23.88
C VAL C 567 27.46 5.91 -24.66
N GLU C 568 28.54 6.03 -25.44
CA GLU C 568 29.02 4.94 -26.28
C GLU C 568 29.54 3.66 -25.60
N LEU C 569 30.37 3.80 -24.56
CA LEU C 569 30.92 2.63 -23.86
C LEU C 569 29.87 1.71 -23.26
N GLY C 570 28.84 2.33 -22.65
CA GLY C 570 27.76 1.57 -22.05
C GLY C 570 26.98 0.75 -23.08
N LYS C 571 26.80 1.33 -24.26
CA LYS C 571 26.10 0.69 -25.38
C LYS C 571 26.88 -0.50 -25.95
N VAL C 572 28.18 -0.31 -26.14
CA VAL C 572 29.07 -1.35 -26.70
C VAL C 572 29.22 -2.54 -25.74
N LEU C 573 29.38 -2.24 -24.45
CA LEU C 573 29.50 -3.30 -23.45
C LEU C 573 28.21 -4.07 -23.23
N ALA C 574 27.07 -3.40 -23.47
CA ALA C 574 25.73 -4.02 -23.36
C ALA C 574 25.51 -4.99 -24.52
N LYS C 575 26.00 -4.61 -25.70
CA LYS C 575 25.92 -5.43 -26.91
C LYS C 575 26.76 -6.70 -26.76
N SER C 576 27.85 -6.60 -25.99
CA SER C 576 28.75 -7.73 -25.73
C SER C 576 28.18 -8.68 -24.67
N ILE C 577 27.43 -8.14 -23.72
CA ILE C 577 26.82 -8.92 -22.65
C ILE C 577 25.51 -9.61 -23.05
N LEU C 578 24.73 -8.99 -23.94
CA LEU C 578 23.46 -9.55 -24.40
C LEU C 578 23.46 -11.03 -24.88
N PRO C 579 24.43 -11.47 -25.73
CA PRO C 579 24.41 -12.89 -26.15
C PRO C 579 24.78 -13.86 -25.03
N GLN C 580 25.34 -13.32 -23.94
CA GLN C 580 25.74 -14.12 -22.77
C GLN C 580 24.61 -14.35 -21.78
N LEU C 581 23.50 -13.63 -21.95
CA LEU C 581 22.34 -13.78 -21.06
C LEU C 581 21.42 -14.92 -21.53
N ARG C 582 21.87 -16.14 -21.24
CA ARG C 582 21.17 -17.38 -21.58
C ARG C 582 21.01 -18.21 -20.30
N PRO C 583 19.83 -18.86 -20.10
CA PRO C 583 19.59 -19.68 -18.89
C PRO C 583 20.65 -20.76 -18.63
N GLY C 584 21.24 -20.70 -17.42
CA GLY C 584 22.24 -21.67 -17.02
C GLY C 584 23.68 -21.42 -17.45
N MET C 585 23.90 -20.40 -18.28
CA MET C 585 25.25 -20.04 -18.78
C MET C 585 26.12 -19.33 -17.74
N ARG C 586 27.38 -19.74 -17.70
CA ARG C 586 28.39 -19.17 -16.80
C ARG C 586 29.47 -18.49 -17.64
N VAL C 587 29.83 -17.25 -17.29
CA VAL C 587 30.87 -16.49 -18.01
C VAL C 587 32.09 -16.21 -17.14
N ASN C 588 33.22 -15.88 -17.78
CA ASN C 588 34.49 -15.61 -17.10
C ASN C 588 35.38 -14.57 -17.80
N ASN C 589 34.87 -13.95 -18.86
CA ASN C 589 35.62 -12.97 -19.65
C ASN C 589 35.72 -11.54 -19.10
N HIS C 590 34.87 -11.22 -18.13
CA HIS C 590 34.87 -9.89 -17.50
C HIS C 590 35.55 -9.97 -16.14
N ASP C 591 35.43 -8.88 -15.37
CA ASP C 591 35.96 -8.80 -14.00
C ASP C 591 35.06 -9.71 -13.14
N SER C 592 35.54 -10.12 -11.96
CA SER C 592 34.78 -11.02 -11.08
C SER C 592 33.42 -10.54 -10.59
N SER C 593 33.21 -9.21 -10.54
CA SER C 593 31.93 -8.64 -10.12
C SER C 593 30.91 -8.85 -11.23
N THR C 594 31.25 -8.41 -12.44
CA THR C 594 30.38 -8.53 -13.62
C THR C 594 30.10 -10.00 -13.93
N ASN C 595 31.12 -10.86 -13.77
CA ASN C 595 30.96 -12.31 -14.00
C ASN C 595 29.96 -12.90 -13.02
N GLY C 596 30.14 -12.57 -11.73
CA GLY C 596 29.27 -13.06 -10.67
C GLY C 596 27.82 -12.63 -10.81
N LEU C 597 27.63 -11.38 -11.25
CA LEU C 597 26.29 -10.80 -11.46
C LEU C 597 25.56 -11.44 -12.64
N ILE C 598 26.28 -11.65 -13.74
CA ILE C 598 25.74 -12.30 -14.94
C ILE C 598 25.42 -13.77 -14.64
N ASN C 599 26.31 -14.42 -13.89
CA ASN C 599 26.15 -15.82 -13.50
C ASN C 599 24.92 -16.05 -12.61
N MET C 600 24.67 -15.11 -11.70
CA MET C 600 23.53 -15.16 -10.78
C MET C 600 22.23 -14.94 -11.57
N PHE C 601 22.28 -14.03 -12.53
CA PHE C 601 21.14 -13.71 -13.39
C PHE C 601 20.73 -14.94 -14.20
N ASN C 602 21.72 -15.56 -14.84
CA ASN C 602 21.50 -16.75 -15.67
C ASN C 602 21.04 -17.99 -14.92
N GLU C 603 21.38 -18.04 -13.63
CA GLU C 603 21.03 -19.16 -12.76
C GLU C 603 19.53 -19.17 -12.44
N LEU C 604 18.96 -17.97 -12.28
CA LEU C 604 17.54 -17.82 -11.92
C LEU C 604 16.62 -17.04 -12.87
N SER C 605 17.07 -16.74 -14.09
CA SER C 605 16.28 -15.98 -15.07
C SER C 605 14.94 -16.58 -15.52
N HIS C 606 14.97 -17.86 -15.89
CA HIS C 606 13.77 -18.56 -16.35
C HIS C 606 13.41 -19.72 -15.42
#